data_4E1N
# 
_entry.id   4E1N 
# 
_audit_conform.dict_name       mmcif_pdbx.dic 
_audit_conform.dict_version    5.397 
_audit_conform.dict_location   http://mmcif.pdb.org/dictionaries/ascii/mmcif_pdbx.dic 
# 
loop_
_database_2.database_id 
_database_2.database_code 
_database_2.pdbx_database_accession 
_database_2.pdbx_DOI 
PDB   4E1N         pdb_00004e1n 10.2210/pdb4e1n/pdb 
RCSB  RCSB071055   ?            ?                   
WWPDB D_1000071055 ?            ?                   
# 
loop_
_pdbx_audit_revision_history.ordinal 
_pdbx_audit_revision_history.data_content_type 
_pdbx_audit_revision_history.major_revision 
_pdbx_audit_revision_history.minor_revision 
_pdbx_audit_revision_history.revision_date 
1 'Structure model' 1 0 2012-04-25 
2 'Structure model' 1 1 2012-05-09 
3 'Structure model' 1 2 2012-07-25 
4 'Structure model' 1 3 2020-02-26 
5 'Structure model' 1 4 2023-09-13 
6 'Structure model' 1 5 2024-10-30 
# 
_pdbx_audit_revision_details.ordinal             1 
_pdbx_audit_revision_details.revision_ordinal    1 
_pdbx_audit_revision_details.data_content_type   'Structure model' 
_pdbx_audit_revision_details.provider            repository 
_pdbx_audit_revision_details.type                'Initial release' 
_pdbx_audit_revision_details.description         ? 
_pdbx_audit_revision_details.details             ? 
# 
loop_
_pdbx_audit_revision_group.ordinal 
_pdbx_audit_revision_group.revision_ordinal 
_pdbx_audit_revision_group.data_content_type 
_pdbx_audit_revision_group.group 
1  2 'Structure model' 'Database references'    
2  3 'Structure model' 'Database references'    
3  4 'Structure model' 'Data collection'        
4  4 'Structure model' 'Database references'    
5  4 'Structure model' 'Derived calculations'   
6  5 'Structure model' 'Data collection'        
7  5 'Structure model' 'Database references'    
8  5 'Structure model' 'Derived calculations'   
9  5 'Structure model' 'Refinement description' 
10 6 'Structure model' 'Structure summary'      
# 
loop_
_pdbx_audit_revision_category.ordinal 
_pdbx_audit_revision_category.revision_ordinal 
_pdbx_audit_revision_category.data_content_type 
_pdbx_audit_revision_category.category 
1  4 'Structure model' reflns                        
2  4 'Structure model' reflns_shell                  
3  4 'Structure model' struct_conn                   
4  4 'Structure model' struct_ref_seq_dif            
5  5 'Structure model' chem_comp_atom                
6  5 'Structure model' chem_comp_bond                
7  5 'Structure model' database_2                    
8  5 'Structure model' pdbx_initial_refinement_model 
9  5 'Structure model' struct_site                   
10 6 'Structure model' pdbx_entry_details            
11 6 'Structure model' pdbx_modification_feature     
# 
loop_
_pdbx_audit_revision_item.ordinal 
_pdbx_audit_revision_item.revision_ordinal 
_pdbx_audit_revision_item.data_content_type 
_pdbx_audit_revision_item.item 
1 4 'Structure model' '_reflns.pdbx_Rmerge_I_obs'           
2 4 'Structure model' '_reflns_shell.Rmerge_I_obs'          
3 4 'Structure model' '_struct_conn.pdbx_leaving_atom_flag' 
4 4 'Structure model' '_struct_ref_seq_dif.details'         
5 5 'Structure model' '_database_2.pdbx_DOI'                
6 5 'Structure model' '_database_2.pdbx_database_accession' 
7 5 'Structure model' '_struct_site.pdbx_auth_asym_id'      
8 5 'Structure model' '_struct_site.pdbx_auth_comp_id'      
9 5 'Structure model' '_struct_site.pdbx_auth_seq_id'       
# 
_pdbx_database_status.status_code                     REL 
_pdbx_database_status.entry_id                        4E1N 
_pdbx_database_status.recvd_initial_deposition_date   2012-03-06 
_pdbx_database_status.deposit_site                    RCSB 
_pdbx_database_status.process_site                    RCSB 
_pdbx_database_status.status_code_sf                  REL 
_pdbx_database_status.status_code_mr                  ? 
_pdbx_database_status.SG_entry                        ? 
_pdbx_database_status.status_code_cs                  ? 
_pdbx_database_status.methods_development_category    ? 
_pdbx_database_status.pdb_format_compatible           Y 
_pdbx_database_status.status_code_nmr_data            ? 
# 
_pdbx_database_related.db_name        PDB 
_pdbx_database_related.db_id          4E1M 
_pdbx_database_related.details        . 
_pdbx_database_related.content_type   unspecified 
# 
_audit_author.name           'Lansdon, E.B.' 
_audit_author.pdbx_ordinal   1 
# 
_citation.id                        primary 
_citation.title                     'New Class of HIV-1 Integrase (IN) Inhibitors with a Dual Mode of Action.' 
_citation.journal_abbrev            J.Biol.Chem. 
_citation.journal_volume            287 
_citation.page_first                21189 
_citation.page_last                 21203 
_citation.year                      2012 
_citation.journal_id_ASTM           JBCHA3 
_citation.country                   US 
_citation.journal_id_ISSN           0021-9258 
_citation.journal_id_CSD            0071 
_citation.book_publisher            ? 
_citation.pdbx_database_id_PubMed   22535962 
_citation.pdbx_database_id_DOI      10.1074/jbc.M112.347534 
# 
loop_
_citation_author.citation_id 
_citation_author.name 
_citation_author.ordinal 
_citation_author.identifier_ORCID 
primary 'Tsiang, M.'          1  ? 
primary 'Jones, G.S.'         2  ? 
primary 'Niedziela-Majka, A.' 3  ? 
primary 'Kan, E.'             4  ? 
primary 'Lansdon, E.B.'       5  ? 
primary 'Huang, W.'           6  ? 
primary 'Hung, M.'            7  ? 
primary 'Samuel, D.'          8  ? 
primary 'Novikov, N.'         9  ? 
primary 'Xu, Y.'              10 ? 
primary 'Mitchell, M.'        11 ? 
primary 'Guo, H.'             12 ? 
primary 'Babaoglu, K.'        13 ? 
primary 'Liu, X.'             14 ? 
primary 'Geleziunas, R.'      15 ? 
primary 'Sakowicz, R.'        16 ? 
# 
loop_
_entity.id 
_entity.type 
_entity.src_method 
_entity.pdbx_description 
_entity.formula_weight 
_entity.pdbx_number_of_molecules 
_entity.pdbx_ec 
_entity.pdbx_mutation 
_entity.pdbx_fragment 
_entity.details 
1 polymer     man 'HIV-1 integrase'                                                                                        
18404.697 1  ? F185K ? ? 
2 non-polymer syn '(2S)-tert-butoxy[4-(8-fluoro-5-methyl-3,4-dihydro-2H-chromen-6-yl)-2-methylquinolin-3-yl]ethanoic acid' 437.503 
1  ? ?     ? ? 
3 water       nat water                                                                                                    18.015 
40 ? ?     ? ? 
# 
_entity_poly.entity_id                      1 
_entity_poly.type                           'polypeptide(L)' 
_entity_poly.nstd_linkage                   no 
_entity_poly.nstd_monomer                   yes 
_entity_poly.pdbx_seq_one_letter_code       
;GSHMHGQVDCSPGIWQLD(CAF)THLEGKVILVAVHVASGYIEAEVIPAETGQETAYFLLKLAGRWPVKTVHTDNGSNFT
SATVKAA(CAF)WWAGIKQEFGIPYNPQSQGVIESMNKELKKIIGQVRDQAEHLKTAVQMAVFIHNKKRKGGIGGYSAGE
RIVDIIATDIQTKE
;
_entity_poly.pdbx_seq_one_letter_code_can   
;GSHMHGQVDCSPGIWQLDCTHLEGKVILVAVHVASGYIEAEVIPAETGQETAYFLLKLAGRWPVKTVHTDNGSNFTSATV
KAACWWAGIKQEFGIPYNPQSQGVIESMNKELKKIIGQVRDQAEHLKTAVQMAVFIHNKKRKGGIGGYSAGERIVDIIAT
DIQTKE
;
_entity_poly.pdbx_strand_id                 A 
_entity_poly.pdbx_target_identifier         ? 
# 
loop_
_pdbx_entity_nonpoly.entity_id 
_pdbx_entity_nonpoly.name 
_pdbx_entity_nonpoly.comp_id 
2 '(2S)-tert-butoxy[4-(8-fluoro-5-methyl-3,4-dihydro-2H-chromen-6-yl)-2-methylquinolin-3-yl]ethanoic acid' TQX 
3 water                                                                                                    HOH 
# 
loop_
_entity_poly_seq.entity_id 
_entity_poly_seq.num 
_entity_poly_seq.mon_id 
_entity_poly_seq.hetero 
1 1   GLY n 
1 2   SER n 
1 3   HIS n 
1 4   MET n 
1 5   HIS n 
1 6   GLY n 
1 7   GLN n 
1 8   VAL n 
1 9   ASP n 
1 10  CYS n 
1 11  SER n 
1 12  PRO n 
1 13  GLY n 
1 14  ILE n 
1 15  TRP n 
1 16  GLN n 
1 17  LEU n 
1 18  ASP n 
1 19  CAF n 
1 20  THR n 
1 21  HIS n 
1 22  LEU n 
1 23  GLU n 
1 24  GLY n 
1 25  LYS n 
1 26  VAL n 
1 27  ILE n 
1 28  LEU n 
1 29  VAL n 
1 30  ALA n 
1 31  VAL n 
1 32  HIS n 
1 33  VAL n 
1 34  ALA n 
1 35  SER n 
1 36  GLY n 
1 37  TYR n 
1 38  ILE n 
1 39  GLU n 
1 40  ALA n 
1 41  GLU n 
1 42  VAL n 
1 43  ILE n 
1 44  PRO n 
1 45  ALA n 
1 46  GLU n 
1 47  THR n 
1 48  GLY n 
1 49  GLN n 
1 50  GLU n 
1 51  THR n 
1 52  ALA n 
1 53  TYR n 
1 54  PHE n 
1 55  LEU n 
1 56  LEU n 
1 57  LYS n 
1 58  LEU n 
1 59  ALA n 
1 60  GLY n 
1 61  ARG n 
1 62  TRP n 
1 63  PRO n 
1 64  VAL n 
1 65  LYS n 
1 66  THR n 
1 67  VAL n 
1 68  HIS n 
1 69  THR n 
1 70  ASP n 
1 71  ASN n 
1 72  GLY n 
1 73  SER n 
1 74  ASN n 
1 75  PHE n 
1 76  THR n 
1 77  SER n 
1 78  ALA n 
1 79  THR n 
1 80  VAL n 
1 81  LYS n 
1 82  ALA n 
1 83  ALA n 
1 84  CAF n 
1 85  TRP n 
1 86  TRP n 
1 87  ALA n 
1 88  GLY n 
1 89  ILE n 
1 90  LYS n 
1 91  GLN n 
1 92  GLU n 
1 93  PHE n 
1 94  GLY n 
1 95  ILE n 
1 96  PRO n 
1 97  TYR n 
1 98  ASN n 
1 99  PRO n 
1 100 GLN n 
1 101 SER n 
1 102 GLN n 
1 103 GLY n 
1 104 VAL n 
1 105 ILE n 
1 106 GLU n 
1 107 SER n 
1 108 MET n 
1 109 ASN n 
1 110 LYS n 
1 111 GLU n 
1 112 LEU n 
1 113 LYS n 
1 114 LYS n 
1 115 ILE n 
1 116 ILE n 
1 117 GLY n 
1 118 GLN n 
1 119 VAL n 
1 120 ARG n 
1 121 ASP n 
1 122 GLN n 
1 123 ALA n 
1 124 GLU n 
1 125 HIS n 
1 126 LEU n 
1 127 LYS n 
1 128 THR n 
1 129 ALA n 
1 130 VAL n 
1 131 GLN n 
1 132 MET n 
1 133 ALA n 
1 134 VAL n 
1 135 PHE n 
1 136 ILE n 
1 137 HIS n 
1 138 ASN n 
1 139 LYS n 
1 140 LYS n 
1 141 ARG n 
1 142 LYS n 
1 143 GLY n 
1 144 GLY n 
1 145 ILE n 
1 146 GLY n 
1 147 GLY n 
1 148 TYR n 
1 149 SER n 
1 150 ALA n 
1 151 GLY n 
1 152 GLU n 
1 153 ARG n 
1 154 ILE n 
1 155 VAL n 
1 156 ASP n 
1 157 ILE n 
1 158 ILE n 
1 159 ALA n 
1 160 THR n 
1 161 ASP n 
1 162 ILE n 
1 163 GLN n 
1 164 THR n 
1 165 LYS n 
1 166 GLU n 
# 
_entity_src_gen.entity_id                          1 
_entity_src_gen.pdbx_src_id                        1 
_entity_src_gen.pdbx_alt_source_flag               sample 
_entity_src_gen.pdbx_seq_type                      ? 
_entity_src_gen.pdbx_beg_seq_num                   ? 
_entity_src_gen.pdbx_end_seq_num                   ? 
_entity_src_gen.gene_src_common_name               HIV-1 
_entity_src_gen.gene_src_genus                     ? 
_entity_src_gen.pdbx_gene_src_gene                 ? 
_entity_src_gen.gene_src_species                   ? 
_entity_src_gen.gene_src_strain                    'isolate NY5' 
_entity_src_gen.gene_src_tissue                    ? 
_entity_src_gen.gene_src_tissue_fraction           ? 
_entity_src_gen.gene_src_details                   ? 
_entity_src_gen.pdbx_gene_src_fragment             ? 
_entity_src_gen.pdbx_gene_src_scientific_name      'Human immunodeficiency virus type 1' 
_entity_src_gen.pdbx_gene_src_ncbi_taxonomy_id     11698 
_entity_src_gen.pdbx_gene_src_variant              ? 
_entity_src_gen.pdbx_gene_src_cell_line            ? 
_entity_src_gen.pdbx_gene_src_atcc                 ? 
_entity_src_gen.pdbx_gene_src_organ                ? 
_entity_src_gen.pdbx_gene_src_organelle            ? 
_entity_src_gen.pdbx_gene_src_cell                 ? 
_entity_src_gen.pdbx_gene_src_cellular_location    ? 
_entity_src_gen.host_org_common_name               ? 
_entity_src_gen.pdbx_host_org_scientific_name      'Escherichia coli' 
_entity_src_gen.pdbx_host_org_ncbi_taxonomy_id     469008 
_entity_src_gen.host_org_genus                     ? 
_entity_src_gen.pdbx_host_org_gene                 ? 
_entity_src_gen.pdbx_host_org_organ                ? 
_entity_src_gen.host_org_species                   ? 
_entity_src_gen.pdbx_host_org_tissue               ? 
_entity_src_gen.pdbx_host_org_tissue_fraction      ? 
_entity_src_gen.pdbx_host_org_strain               'BL21(DE3)' 
_entity_src_gen.pdbx_host_org_variant              ? 
_entity_src_gen.pdbx_host_org_cell_line            ? 
_entity_src_gen.pdbx_host_org_atcc                 ? 
_entity_src_gen.pdbx_host_org_culture_collection   ? 
_entity_src_gen.pdbx_host_org_cell                 ? 
_entity_src_gen.pdbx_host_org_organelle            ? 
_entity_src_gen.pdbx_host_org_cellular_location    ? 
_entity_src_gen.pdbx_host_org_vector_type          plasmid 
_entity_src_gen.pdbx_host_org_vector               ? 
_entity_src_gen.host_org_details                   ? 
_entity_src_gen.expression_system_id               ? 
_entity_src_gen.plasmid_name                       pET30B 
_entity_src_gen.plasmid_details                    ? 
_entity_src_gen.pdbx_description                   ? 
# 
loop_
_chem_comp.id 
_chem_comp.type 
_chem_comp.mon_nstd_flag 
_chem_comp.name 
_chem_comp.pdbx_synonyms 
_chem_comp.formula 
_chem_comp.formula_weight 
ALA 'L-peptide linking' y ALANINE                                                                                                  
?                         'C3 H7 N O2'       89.093  
ARG 'L-peptide linking' y ARGININE                                                                                                 
?                         'C6 H15 N4 O2 1'   175.209 
ASN 'L-peptide linking' y ASPARAGINE                                                                                               
?                         'C4 H8 N2 O3'      132.118 
ASP 'L-peptide linking' y 'ASPARTIC ACID'                                                                                          
?                         'C4 H7 N O4'       133.103 
CAF 'L-peptide linking' n S-DIMETHYLARSINOYL-CYSTEINE                                                                              
'CYSTEIN-S-YL CACODYLATE' 'C5 H12 As N O3 S' 241.140 
CYS 'L-peptide linking' y CYSTEINE                                                                                                 
?                         'C3 H7 N O2 S'     121.158 
GLN 'L-peptide linking' y GLUTAMINE                                                                                                
?                         'C5 H10 N2 O3'     146.144 
GLU 'L-peptide linking' y 'GLUTAMIC ACID'                                                                                          
?                         'C5 H9 N O4'       147.129 
GLY 'peptide linking'   y GLYCINE                                                                                                  
?                         'C2 H5 N O2'       75.067  
HIS 'L-peptide linking' y HISTIDINE                                                                                                
?                         'C6 H10 N3 O2 1'   156.162 
HOH non-polymer         . WATER                                                                                                    
?                         'H2 O'             18.015  
ILE 'L-peptide linking' y ISOLEUCINE                                                                                               
?                         'C6 H13 N O2'      131.173 
LEU 'L-peptide linking' y LEUCINE                                                                                                  
?                         'C6 H13 N O2'      131.173 
LYS 'L-peptide linking' y LYSINE                                                                                                   
?                         'C6 H15 N2 O2 1'   147.195 
MET 'L-peptide linking' y METHIONINE                                                                                               
?                         'C5 H11 N O2 S'    149.211 
PHE 'L-peptide linking' y PHENYLALANINE                                                                                            
?                         'C9 H11 N O2'      165.189 
PRO 'L-peptide linking' y PROLINE                                                                                                  
?                         'C5 H9 N O2'       115.130 
SER 'L-peptide linking' y SERINE                                                                                                   
?                         'C3 H7 N O3'       105.093 
THR 'L-peptide linking' y THREONINE                                                                                                
?                         'C4 H9 N O3'       119.119 
TQX non-polymer         . '(2S)-tert-butoxy[4-(8-fluoro-5-methyl-3,4-dihydro-2H-chromen-6-yl)-2-methylquinolin-3-yl]ethanoic acid' 
?                         'C26 H28 F N O4'   437.503 
TRP 'L-peptide linking' y TRYPTOPHAN                                                                                               
?                         'C11 H12 N2 O2'    204.225 
TYR 'L-peptide linking' y TYROSINE                                                                                                 
?                         'C9 H11 N O3'      181.189 
VAL 'L-peptide linking' y VALINE                                                                                                   
?                         'C5 H11 N O2'      117.146 
# 
loop_
_pdbx_poly_seq_scheme.asym_id 
_pdbx_poly_seq_scheme.entity_id 
_pdbx_poly_seq_scheme.seq_id 
_pdbx_poly_seq_scheme.mon_id 
_pdbx_poly_seq_scheme.ndb_seq_num 
_pdbx_poly_seq_scheme.pdb_seq_num 
_pdbx_poly_seq_scheme.auth_seq_num 
_pdbx_poly_seq_scheme.pdb_mon_id 
_pdbx_poly_seq_scheme.auth_mon_id 
_pdbx_poly_seq_scheme.pdb_strand_id 
_pdbx_poly_seq_scheme.pdb_ins_code 
_pdbx_poly_seq_scheme.hetero 
A 1 1   GLY 1   47  ?   ?   ?   A . n 
A 1 2   SER 2   48  ?   ?   ?   A . n 
A 1 3   HIS 3   49  ?   ?   ?   A . n 
A 1 4   MET 4   50  ?   ?   ?   A . n 
A 1 5   HIS 5   51  ?   ?   ?   A . n 
A 1 6   GLY 6   52  ?   ?   ?   A . n 
A 1 7   GLN 7   53  ?   ?   ?   A . n 
A 1 8   VAL 8   54  ?   ?   ?   A . n 
A 1 9   ASP 9   55  ?   ?   ?   A . n 
A 1 10  CYS 10  56  56  CYS CYS A . n 
A 1 11  SER 11  57  57  SER SER A . n 
A 1 12  PRO 12  58  58  PRO PRO A . n 
A 1 13  GLY 13  59  59  GLY GLY A . n 
A 1 14  ILE 14  60  60  ILE ILE A . n 
A 1 15  TRP 15  61  61  TRP TRP A . n 
A 1 16  GLN 16  62  62  GLN GLN A . n 
A 1 17  LEU 17  63  63  LEU LEU A . n 
A 1 18  ASP 18  64  64  ASP ASP A . n 
A 1 19  CAF 19  65  65  CAF CAF A . n 
A 1 20  THR 20  66  66  THR THR A . n 
A 1 21  HIS 21  67  67  HIS HIS A . n 
A 1 22  LEU 22  68  68  LEU LEU A . n 
A 1 23  GLU 23  69  69  GLU GLU A . n 
A 1 24  GLY 24  70  70  GLY GLY A . n 
A 1 25  LYS 25  71  71  LYS LYS A . n 
A 1 26  VAL 26  72  72  VAL VAL A . n 
A 1 27  ILE 27  73  73  ILE ILE A . n 
A 1 28  LEU 28  74  74  LEU LEU A . n 
A 1 29  VAL 29  75  75  VAL VAL A . n 
A 1 30  ALA 30  76  76  ALA ALA A . n 
A 1 31  VAL 31  77  77  VAL VAL A . n 
A 1 32  HIS 32  78  78  HIS HIS A . n 
A 1 33  VAL 33  79  79  VAL VAL A . n 
A 1 34  ALA 34  80  80  ALA ALA A . n 
A 1 35  SER 35  81  81  SER SER A . n 
A 1 36  GLY 36  82  82  GLY GLY A . n 
A 1 37  TYR 37  83  83  TYR TYR A . n 
A 1 38  ILE 38  84  84  ILE ILE A . n 
A 1 39  GLU 39  85  85  GLU GLU A . n 
A 1 40  ALA 40  86  86  ALA ALA A . n 
A 1 41  GLU 41  87  87  GLU GLU A . n 
A 1 42  VAL 42  88  88  VAL VAL A . n 
A 1 43  ILE 43  89  89  ILE ILE A . n 
A 1 44  PRO 44  90  90  PRO PRO A . n 
A 1 45  ALA 45  91  91  ALA ALA A . n 
A 1 46  GLU 46  92  92  GLU GLU A . n 
A 1 47  THR 47  93  93  THR THR A . n 
A 1 48  GLY 48  94  94  GLY GLY A . n 
A 1 49  GLN 49  95  95  GLN GLN A . n 
A 1 50  GLU 50  96  96  GLU GLU A . n 
A 1 51  THR 51  97  97  THR THR A . n 
A 1 52  ALA 52  98  98  ALA ALA A . n 
A 1 53  TYR 53  99  99  TYR TYR A . n 
A 1 54  PHE 54  100 100 PHE PHE A . n 
A 1 55  LEU 55  101 101 LEU LEU A . n 
A 1 56  LEU 56  102 102 LEU LEU A . n 
A 1 57  LYS 57  103 103 LYS LYS A . n 
A 1 58  LEU 58  104 104 LEU LEU A . n 
A 1 59  ALA 59  105 105 ALA ALA A . n 
A 1 60  GLY 60  106 106 GLY GLY A . n 
A 1 61  ARG 61  107 107 ARG ARG A . n 
A 1 62  TRP 62  108 108 TRP TRP A . n 
A 1 63  PRO 63  109 109 PRO PRO A . n 
A 1 64  VAL 64  110 110 VAL VAL A . n 
A 1 65  LYS 65  111 111 LYS LYS A . n 
A 1 66  THR 66  112 112 THR THR A . n 
A 1 67  VAL 67  113 113 VAL VAL A . n 
A 1 68  HIS 68  114 114 HIS HIS A . n 
A 1 69  THR 69  115 115 THR THR A . n 
A 1 70  ASP 70  116 116 ASP ASP A . n 
A 1 71  ASN 71  117 117 ASN ASN A . n 
A 1 72  GLY 72  118 118 GLY GLY A . n 
A 1 73  SER 73  119 119 SER SER A . n 
A 1 74  ASN 74  120 120 ASN ASN A . n 
A 1 75  PHE 75  121 121 PHE PHE A . n 
A 1 76  THR 76  122 122 THR THR A . n 
A 1 77  SER 77  123 123 SER SER A . n 
A 1 78  ALA 78  124 124 ALA ALA A . n 
A 1 79  THR 79  125 125 THR THR A . n 
A 1 80  VAL 80  126 126 VAL VAL A . n 
A 1 81  LYS 81  127 127 LYS LYS A . n 
A 1 82  ALA 82  128 128 ALA ALA A . n 
A 1 83  ALA 83  129 129 ALA ALA A . n 
A 1 84  CAF 84  130 130 CAF CAF A . n 
A 1 85  TRP 85  131 131 TRP TRP A . n 
A 1 86  TRP 86  132 132 TRP TRP A . n 
A 1 87  ALA 87  133 133 ALA ALA A . n 
A 1 88  GLY 88  134 134 GLY GLY A . n 
A 1 89  ILE 89  135 135 ILE ILE A . n 
A 1 90  LYS 90  136 136 LYS LYS A . n 
A 1 91  GLN 91  137 137 GLN GLN A . n 
A 1 92  GLU 92  138 138 GLU GLU A . n 
A 1 93  PHE 93  139 139 PHE PHE A . n 
A 1 94  GLY 94  140 140 GLY GLY A . n 
A 1 95  ILE 95  141 141 ILE ILE A . n 
A 1 96  PRO 96  142 142 PRO PRO A . n 
A 1 97  TYR 97  143 ?   ?   ?   A . n 
A 1 98  ASN 98  144 144 ASN ASN A . n 
A 1 99  PRO 99  145 145 PRO PRO A . n 
A 1 100 GLN 100 146 146 GLN GLN A . n 
A 1 101 SER 101 147 147 SER SER A . n 
A 1 102 GLN 102 148 148 GLN GLN A . n 
A 1 103 GLY 103 149 149 GLY GLY A . n 
A 1 104 VAL 104 150 150 VAL VAL A . n 
A 1 105 ILE 105 151 151 ILE ILE A . n 
A 1 106 GLU 106 152 152 GLU GLU A . n 
A 1 107 SER 107 153 153 SER SER A . n 
A 1 108 MET 108 154 154 MET MET A . n 
A 1 109 ASN 109 155 155 ASN ASN A . n 
A 1 110 LYS 110 156 156 LYS LYS A . n 
A 1 111 GLU 111 157 157 GLU GLU A . n 
A 1 112 LEU 112 158 158 LEU LEU A . n 
A 1 113 LYS 113 159 159 LYS LYS A . n 
A 1 114 LYS 114 160 160 LYS LYS A . n 
A 1 115 ILE 115 161 161 ILE ILE A . n 
A 1 116 ILE 116 162 162 ILE ILE A . n 
A 1 117 GLY 117 163 163 GLY GLY A . n 
A 1 118 GLN 118 164 164 GLN GLN A . n 
A 1 119 VAL 119 165 165 VAL VAL A . n 
A 1 120 ARG 120 166 166 ARG ARG A . n 
A 1 121 ASP 121 167 167 ASP ASP A . n 
A 1 122 GLN 122 168 168 GLN GLN A . n 
A 1 123 ALA 123 169 169 ALA ALA A . n 
A 1 124 GLU 124 170 170 GLU GLU A . n 
A 1 125 HIS 125 171 171 HIS HIS A . n 
A 1 126 LEU 126 172 172 LEU LEU A . n 
A 1 127 LYS 127 173 173 LYS LYS A . n 
A 1 128 THR 128 174 174 THR THR A . n 
A 1 129 ALA 129 175 175 ALA ALA A . n 
A 1 130 VAL 130 176 176 VAL VAL A . n 
A 1 131 GLN 131 177 177 GLN GLN A . n 
A 1 132 MET 132 178 178 MET MET A . n 
A 1 133 ALA 133 179 179 ALA ALA A . n 
A 1 134 VAL 134 180 180 VAL VAL A . n 
A 1 135 PHE 135 181 181 PHE PHE A . n 
A 1 136 ILE 136 182 182 ILE ILE A . n 
A 1 137 HIS 137 183 183 HIS HIS A . n 
A 1 138 ASN 138 184 184 ASN ASN A . n 
A 1 139 LYS 139 185 185 LYS LYS A . n 
A 1 140 LYS 140 186 186 LYS LYS A . n 
A 1 141 ARG 141 187 187 ARG ARG A . n 
A 1 142 LYS 142 188 188 LYS LYS A . n 
A 1 143 GLY 143 189 ?   ?   ?   A . n 
A 1 144 GLY 144 190 ?   ?   ?   A . n 
A 1 145 ILE 145 191 ?   ?   ?   A . n 
A 1 146 GLY 146 192 ?   ?   ?   A . n 
A 1 147 GLY 147 193 ?   ?   ?   A . n 
A 1 148 TYR 148 194 194 TYR TYR A . n 
A 1 149 SER 149 195 195 SER SER A . n 
A 1 150 ALA 150 196 196 ALA ALA A . n 
A 1 151 GLY 151 197 197 GLY GLY A . n 
A 1 152 GLU 152 198 198 GLU GLU A . n 
A 1 153 ARG 153 199 199 ARG ARG A . n 
A 1 154 ILE 154 200 200 ILE ILE A . n 
A 1 155 VAL 155 201 201 VAL VAL A . n 
A 1 156 ASP 156 202 202 ASP ASP A . n 
A 1 157 ILE 157 203 203 ILE ILE A . n 
A 1 158 ILE 158 204 204 ILE ILE A . n 
A 1 159 ALA 159 205 205 ALA ALA A . n 
A 1 160 THR 160 206 206 THR THR A . n 
A 1 161 ASP 161 207 207 ASP ASP A . n 
A 1 162 ILE 162 208 ?   ?   ?   A . n 
A 1 163 GLN 163 209 ?   ?   ?   A . n 
A 1 164 THR 164 210 ?   ?   ?   A . n 
A 1 165 LYS 165 211 ?   ?   ?   A . n 
A 1 166 GLU 166 212 ?   ?   ?   A . n 
# 
loop_
_pdbx_nonpoly_scheme.asym_id 
_pdbx_nonpoly_scheme.entity_id 
_pdbx_nonpoly_scheme.mon_id 
_pdbx_nonpoly_scheme.ndb_seq_num 
_pdbx_nonpoly_scheme.pdb_seq_num 
_pdbx_nonpoly_scheme.auth_seq_num 
_pdbx_nonpoly_scheme.pdb_mon_id 
_pdbx_nonpoly_scheme.auth_mon_id 
_pdbx_nonpoly_scheme.pdb_strand_id 
_pdbx_nonpoly_scheme.pdb_ins_code 
B 2 TQX 1  301 1  TQX TQX A . 
C 3 HOH 1  401 1  HOH HOH A . 
C 3 HOH 2  402 2  HOH HOH A . 
C 3 HOH 3  403 3  HOH HOH A . 
C 3 HOH 4  404 4  HOH HOH A . 
C 3 HOH 5  405 5  HOH HOH A . 
C 3 HOH 6  406 6  HOH HOH A . 
C 3 HOH 7  407 7  HOH HOH A . 
C 3 HOH 8  408 8  HOH HOH A . 
C 3 HOH 9  409 9  HOH HOH A . 
C 3 HOH 10 410 10 HOH HOH A . 
C 3 HOH 11 411 11 HOH HOH A . 
C 3 HOH 12 412 12 HOH HOH A . 
C 3 HOH 13 413 13 HOH HOH A . 
C 3 HOH 14 414 14 HOH HOH A . 
C 3 HOH 15 415 15 HOH HOH A . 
C 3 HOH 16 416 16 HOH HOH A . 
C 3 HOH 17 417 17 HOH HOH A . 
C 3 HOH 18 418 18 HOH HOH A . 
C 3 HOH 19 419 19 HOH HOH A . 
C 3 HOH 20 420 20 HOH HOH A . 
C 3 HOH 21 421 21 HOH HOH A . 
C 3 HOH 22 422 22 HOH HOH A . 
C 3 HOH 23 423 23 HOH HOH A . 
C 3 HOH 24 424 24 HOH HOH A . 
C 3 HOH 25 425 25 HOH HOH A . 
C 3 HOH 26 426 26 HOH HOH A . 
C 3 HOH 27 427 27 HOH HOH A . 
C 3 HOH 28 428 28 HOH HOH A . 
C 3 HOH 29 429 29 HOH HOH A . 
C 3 HOH 30 430 30 HOH HOH A . 
C 3 HOH 31 431 31 HOH HOH A . 
C 3 HOH 32 432 32 HOH HOH A . 
C 3 HOH 33 433 33 HOH HOH A . 
C 3 HOH 34 434 34 HOH HOH A . 
C 3 HOH 35 435 35 HOH HOH A . 
C 3 HOH 36 436 36 HOH HOH A . 
C 3 HOH 37 437 37 HOH HOH A . 
C 3 HOH 38 438 38 HOH HOH A . 
C 3 HOH 39 439 39 HOH HOH A . 
C 3 HOH 40 440 40 HOH HOH A . 
# 
loop_
_pdbx_unobs_or_zero_occ_atoms.id 
_pdbx_unobs_or_zero_occ_atoms.PDB_model_num 
_pdbx_unobs_or_zero_occ_atoms.polymer_flag 
_pdbx_unobs_or_zero_occ_atoms.occupancy_flag 
_pdbx_unobs_or_zero_occ_atoms.auth_asym_id 
_pdbx_unobs_or_zero_occ_atoms.auth_comp_id 
_pdbx_unobs_or_zero_occ_atoms.auth_seq_id 
_pdbx_unobs_or_zero_occ_atoms.PDB_ins_code 
_pdbx_unobs_or_zero_occ_atoms.auth_atom_id 
_pdbx_unobs_or_zero_occ_atoms.label_alt_id 
_pdbx_unobs_or_zero_occ_atoms.label_asym_id 
_pdbx_unobs_or_zero_occ_atoms.label_comp_id 
_pdbx_unobs_or_zero_occ_atoms.label_seq_id 
_pdbx_unobs_or_zero_occ_atoms.label_atom_id 
1  1 Y 1 A CAF 65  ? CE2 ? A CAF 19  CE2 
2  1 Y 1 A CAF 130 ? CE2 ? A CAF 84  CE2 
3  1 Y 1 A GLN 146 ? CG  ? A GLN 100 CG  
4  1 Y 1 A GLN 146 ? CD  ? A GLN 100 CD  
5  1 Y 1 A GLN 146 ? OE1 ? A GLN 100 OE1 
6  1 Y 1 A GLN 146 ? NE2 ? A GLN 100 NE2 
7  1 Y 1 A GLN 148 ? CG  ? A GLN 102 CG  
8  1 Y 1 A GLN 148 ? CD  ? A GLN 102 CD  
9  1 Y 1 A GLN 148 ? OE1 ? A GLN 102 OE1 
10 1 Y 1 A GLN 148 ? NE2 ? A GLN 102 NE2 
# 
loop_
_software.name 
_software.classification 
_software.version 
_software.citation_id 
_software.pdbx_ordinal 
CrystalClear 'data collection' .                          ? 1 
PHASER       phasing           .                          ? 2 
PHENIX       refinement        '(phenix.refine: 1.7_650)' ? 3 
d*TREK       'data reduction'  .                          ? 4 
d*TREK       'data scaling'    .                          ? 5 
# 
_cell.entry_id           4E1N 
_cell.length_a           71.712 
_cell.length_b           71.712 
_cell.length_c           64.800 
_cell.angle_alpha        90.00 
_cell.angle_beta         90.00 
_cell.angle_gamma        120.00 
_cell.Z_PDB              6 
_cell.pdbx_unique_axis   ? 
_cell.length_a_esd       ? 
_cell.length_b_esd       ? 
_cell.length_c_esd       ? 
_cell.angle_alpha_esd    ? 
_cell.angle_beta_esd     ? 
_cell.angle_gamma_esd    ? 
# 
_symmetry.entry_id                         4E1N 
_symmetry.space_group_name_H-M             'P 31 2 1' 
_symmetry.pdbx_full_space_group_name_H-M   ? 
_symmetry.cell_setting                     ? 
_symmetry.Int_Tables_number                152 
_symmetry.space_group_name_Hall            ? 
# 
_exptl.entry_id          4E1N 
_exptl.method            'X-RAY DIFFRACTION' 
_exptl.crystals_number   1 
# 
_exptl_crystal.id                    1 
_exptl_crystal.density_meas          ? 
_exptl_crystal.density_Matthews      2.61 
_exptl_crystal.density_percent_sol   52.93 
_exptl_crystal.description           ? 
_exptl_crystal.F_000                 ? 
_exptl_crystal.preparation           ? 
# 
_exptl_crystal_grow.crystal_id      1 
_exptl_crystal_grow.method          'VAPOR DIFFUSION, HANGING DROP' 
_exptl_crystal_grow.temp            293 
_exptl_crystal_grow.temp_details    ? 
_exptl_crystal_grow.pH              6.5 
_exptl_crystal_grow.pdbx_details    
'8% PEG 8000, 100mM NaCacodylate, 200mM ammonium sulfate, 5mM DTT, pH 6.5, VAPOR DIFFUSION, HANGING DROP, temperature 293K' 
_exptl_crystal_grow.pdbx_pH_range   ? 
# 
_diffrn.id                     1 
_diffrn.ambient_temp           100 
_diffrn.ambient_temp_details   ? 
_diffrn.crystal_id             1 
# 
_diffrn_detector.diffrn_id              1 
_diffrn_detector.detector               'IMAGE PLATE' 
_diffrn_detector.type                   'RIGAKU RAXIS IV++' 
_diffrn_detector.pdbx_collection_date   2011-08-08 
_diffrn_detector.details                mirrors 
# 
_diffrn_radiation.diffrn_id                        1 
_diffrn_radiation.wavelength_id                    1 
_diffrn_radiation.pdbx_monochromatic_or_laue_m_l   M 
_diffrn_radiation.monochromator                    ? 
_diffrn_radiation.pdbx_diffrn_protocol             'SINGLE WAVELENGTH' 
_diffrn_radiation.pdbx_scattering_type             x-ray 
# 
_diffrn_radiation_wavelength.id           1 
_diffrn_radiation_wavelength.wavelength   1.54 
_diffrn_radiation_wavelength.wt           1.0 
# 
_diffrn_source.diffrn_id                   1 
_diffrn_source.source                      'ROTATING ANODE' 
_diffrn_source.type                        'RIGAKU MICROMAX-007 HF' 
_diffrn_source.pdbx_synchrotron_site       ? 
_diffrn_source.pdbx_synchrotron_beamline   ? 
_diffrn_source.pdbx_wavelength             ? 
_diffrn_source.pdbx_wavelength_list        1.54 
# 
_reflns.entry_id                     4E1N 
_reflns.observed_criterion_sigma_I   0 
_reflns.observed_criterion_sigma_F   0 
_reflns.d_resolution_low             50 
_reflns.d_resolution_high            2.0 
_reflns.number_obs                   13300 
_reflns.number_all                   ? 
_reflns.percent_possible_obs         99.4 
_reflns.pdbx_Rmerge_I_obs            0.059 
_reflns.pdbx_Rsym_value              ? 
_reflns.pdbx_netI_over_sigmaI        9.5 
_reflns.B_iso_Wilson_estimate        ? 
_reflns.pdbx_redundancy              4.0 
_reflns.R_free_details               ? 
_reflns.limit_h_max                  ? 
_reflns.limit_h_min                  ? 
_reflns.limit_k_max                  ? 
_reflns.limit_k_min                  ? 
_reflns.limit_l_max                  ? 
_reflns.limit_l_min                  ? 
_reflns.observed_criterion_F_max     ? 
_reflns.observed_criterion_F_min     ? 
_reflns.pdbx_chi_squared             ? 
_reflns.pdbx_scaling_rejects         ? 
_reflns.pdbx_ordinal                 1 
_reflns.pdbx_diffrn_id               1 
_reflns.pdbx_CC_half                 ? 
_reflns.pdbx_CC_star                 ? 
_reflns.pdbx_Rpim_I_all              ? 
_reflns.pdbx_Rrim_I_all              ? 
# 
_reflns_shell.d_res_high             2.00 
_reflns_shell.d_res_low              2.07 
_reflns_shell.percent_possible_all   100 
_reflns_shell.Rmerge_I_obs           0.505 
_reflns_shell.pdbx_Rsym_value        ? 
_reflns_shell.meanI_over_sigI_obs    1.9 
_reflns_shell.pdbx_redundancy        4.1 
_reflns_shell.percent_possible_obs   ? 
_reflns_shell.number_unique_all      ? 
_reflns_shell.number_measured_all    ? 
_reflns_shell.number_measured_obs    ? 
_reflns_shell.number_unique_obs      ? 
_reflns_shell.pdbx_chi_squared       ? 
_reflns_shell.pdbx_ordinal           1 
_reflns_shell.pdbx_diffrn_id         1 
_reflns_shell.pdbx_CC_half           ? 
_reflns_shell.pdbx_CC_star           ? 
_reflns_shell.pdbx_Rpim_I_all        ? 
_reflns_shell.pdbx_Rrim_I_all        ? 
# 
_refine.entry_id                                 4E1N 
_refine.ls_number_reflns_obs                     13250 
_refine.ls_number_reflns_all                     ? 
_refine.pdbx_ls_sigma_I                          ? 
_refine.pdbx_ls_sigma_F                          0.00 
_refine.pdbx_data_cutoff_high_absF               ? 
_refine.pdbx_data_cutoff_low_absF                ? 
_refine.pdbx_data_cutoff_high_rms_absF           ? 
_refine.ls_d_res_low                             31.373 
_refine.ls_d_res_high                            2.000 
_refine.ls_percent_reflns_obs                    98.99 
_refine.ls_R_factor_obs                          0.2428 
_refine.ls_R_factor_all                          ? 
_refine.ls_R_factor_R_work                       0.2402 
_refine.ls_R_factor_R_free                       0.2654 
_refine.ls_R_factor_R_free_error                 ? 
_refine.ls_R_factor_R_free_error_details         ? 
_refine.ls_percent_reflns_R_free                 9.98 
_refine.ls_number_reflns_R_free                  1323 
_refine.ls_number_parameters                     ? 
_refine.ls_number_restraints                     ? 
_refine.occupancy_min                            ? 
_refine.occupancy_max                            ? 
_refine.correlation_coeff_Fo_to_Fc               ? 
_refine.correlation_coeff_Fo_to_Fc_free          ? 
_refine.B_iso_mean                               ? 
_refine.aniso_B[1][1]                            -3.7978 
_refine.aniso_B[2][2]                            -3.7978 
_refine.aniso_B[3][3]                            7.5955 
_refine.aniso_B[1][2]                            0.0000 
_refine.aniso_B[1][3]                            -0.0000 
_refine.aniso_B[2][3]                            -0.0000 
_refine.solvent_model_details                    'FLAT BULK SOLVENT MODEL' 
_refine.solvent_model_param_ksol                 0.392 
_refine.solvent_model_param_bsol                 64.304 
_refine.pdbx_solvent_vdw_probe_radii             1.00 
_refine.pdbx_solvent_ion_probe_radii             ? 
_refine.pdbx_solvent_shrinkage_radii             0.72 
_refine.pdbx_ls_cross_valid_method               THROUGHOUT 
_refine.details                                  ? 
_refine.pdbx_starting_model                      'PDB entry 1ITG' 
_refine.pdbx_method_to_determine_struct          'MOLECULAR REPLACEMENT' 
_refine.pdbx_isotropic_thermal_model             ? 
_refine.pdbx_stereochemistry_target_values       ML 
_refine.pdbx_stereochem_target_val_spec_case     ? 
_refine.pdbx_R_Free_selection_details            random 
_refine.pdbx_overall_ESU_R                       ? 
_refine.pdbx_overall_ESU_R_Free                  ? 
_refine.overall_SU_ML                            0.20 
_refine.pdbx_overall_phase_error                 28.45 
_refine.overall_SU_B                             ? 
_refine.overall_SU_R_Cruickshank_DPI             ? 
_refine.ls_redundancy_reflns_obs                 ? 
_refine.B_iso_min                                ? 
_refine.B_iso_max                                ? 
_refine.overall_SU_R_free                        ? 
_refine.ls_wR_factor_R_free                      ? 
_refine.ls_wR_factor_R_work                      ? 
_refine.overall_FOM_free_R_set                   ? 
_refine.overall_FOM_work_R_set                   ? 
_refine.pdbx_diffrn_id                           1 
_refine.pdbx_refine_id                           'X-RAY DIFFRACTION' 
_refine.pdbx_TLS_residual_ADP_flag               ? 
_refine.pdbx_overall_SU_R_free_Cruickshank_DPI   ? 
_refine.pdbx_overall_SU_R_Blow_DPI               ? 
_refine.pdbx_overall_SU_R_free_Blow_DPI          ? 
# 
_refine_hist.pdbx_refine_id                   'X-RAY DIFFRACTION' 
_refine_hist.cycle_id                         LAST 
_refine_hist.pdbx_number_atoms_protein        1130 
_refine_hist.pdbx_number_atoms_nucleic_acid   0 
_refine_hist.pdbx_number_atoms_ligand         32 
_refine_hist.number_atoms_solvent             40 
_refine_hist.number_atoms_total               1202 
_refine_hist.d_res_high                       2.000 
_refine_hist.d_res_low                        31.373 
# 
loop_
_refine_ls_restr.type 
_refine_ls_restr.dev_ideal 
_refine_ls_restr.dev_ideal_target 
_refine_ls_restr.weight 
_refine_ls_restr.number 
_refine_ls_restr.pdbx_restraint_function 
_refine_ls_restr.pdbx_refine_id 
f_bond_d           0.008  ? ? 1187 ? 'X-RAY DIFFRACTION' 
f_angle_d          1.075  ? ? 1612 ? 'X-RAY DIFFRACTION' 
f_dihedral_angle_d 17.431 ? ? 423  ? 'X-RAY DIFFRACTION' 
f_chiral_restr     0.066  ? ? 179  ? 'X-RAY DIFFRACTION' 
f_plane_restr      0.004  ? ? 197  ? 'X-RAY DIFFRACTION' 
# 
loop_
_refine_ls_shell.pdbx_total_number_of_bins_used 
_refine_ls_shell.d_res_high 
_refine_ls_shell.d_res_low 
_refine_ls_shell.number_reflns_R_work 
_refine_ls_shell.R_factor_R_work 
_refine_ls_shell.percent_reflns_obs 
_refine_ls_shell.R_factor_R_free 
_refine_ls_shell.R_factor_R_free_error 
_refine_ls_shell.percent_reflns_R_free 
_refine_ls_shell.number_reflns_R_free 
_refine_ls_shell.number_reflns_all 
_refine_ls_shell.R_factor_all 
_refine_ls_shell.number_reflns_obs 
_refine_ls_shell.redundancy_reflns_obs 
_refine_ls_shell.pdbx_refine_id 
_refine_ls_shell.R_factor_obs 
. 2.000  2.0802  1297 0.3794 99.00  0.4194 . . 144 . . . . 'X-RAY DIFFRACTION' . 
. 2.0802 2.1748  1322 0.3162 99.00  0.3263 . . 146 . . . . 'X-RAY DIFFRACTION' . 
. 2.1748 2.2894  1297 0.2613 100.00 0.2903 . . 148 . . . . 'X-RAY DIFFRACTION' . 
. 2.2894 2.4328  1325 0.2651 100.00 0.3116 . . 147 . . . . 'X-RAY DIFFRACTION' . 
. 2.4328 2.6206  1310 0.2652 99.00  0.3218 . . 141 . . . . 'X-RAY DIFFRACTION' . 
. 2.6206 2.8841  1334 0.2674 99.00  0.3801 . . 143 . . . . 'X-RAY DIFFRACTION' . 
. 2.8841 3.3011  1337 0.2534 100.00 0.2919 . . 150 . . . . 'X-RAY DIFFRACTION' . 
. 3.3011 4.1575  1344 0.2196 99.00  0.2481 . . 151 . . . . 'X-RAY DIFFRACTION' . 
. 4.1575 31.3773 1361 0.2221 96.00  0.2217 . . 153 . . . . 'X-RAY DIFFRACTION' . 
# 
_struct.entry_id                  4E1N 
_struct.title                     'Crystal Structure of HIV-1 Integrase with a non-catayltic site inhibitor' 
_struct.pdbx_model_details        ? 
_struct.pdbx_CASP_flag            ? 
_struct.pdbx_model_type_details   ? 
# 
_struct_keywords.entry_id        4E1N 
_struct_keywords.pdbx_keywords   'TRANSFERASE/TRANSFERASE INHIBITOR' 
_struct_keywords.text            'HIV-1, integrase, TRANSFERASE-TRANSFERASE INHIBITOR complex' 
# 
loop_
_struct_asym.id 
_struct_asym.pdbx_blank_PDB_chainid_flag 
_struct_asym.pdbx_modified 
_struct_asym.entity_id 
_struct_asym.details 
A N N 1 ? 
B N N 2 ? 
C N N 3 ? 
# 
_struct_ref.id                         1 
_struct_ref.db_name                    UNP 
_struct_ref.db_code                    POL_HV1N5 
_struct_ref.pdbx_db_accession          P12497 
_struct_ref.entity_id                  1 
_struct_ref.pdbx_seq_one_letter_code   
;MHGQVDCSPGIWQLDCTHLEGKVILVAVHVASGYIEAEVIPAETGQETAYFLLKLAGRWPVKTVHTDNGSNFTSTTVKAA
CWWAGIKQEFGIPYNPQSQGVIESMNKELKKIIGQVRDQAEHLKTAVQMAVFIHNFKRKGGIGGYSAGERIVDIIATDIQ
TKE
;
_struct_ref.pdbx_align_begin           1197 
_struct_ref.pdbx_db_isoform            ? 
# 
_struct_ref_seq.align_id                      1 
_struct_ref_seq.ref_id                        1 
_struct_ref_seq.pdbx_PDB_id_code              4E1N 
_struct_ref_seq.pdbx_strand_id                A 
_struct_ref_seq.seq_align_beg                 4 
_struct_ref_seq.pdbx_seq_align_beg_ins_code   ? 
_struct_ref_seq.seq_align_end                 166 
_struct_ref_seq.pdbx_seq_align_end_ins_code   ? 
_struct_ref_seq.pdbx_db_accession             P12497 
_struct_ref_seq.db_align_beg                  1197 
_struct_ref_seq.pdbx_db_align_beg_ins_code    ? 
_struct_ref_seq.db_align_end                  1359 
_struct_ref_seq.pdbx_db_align_end_ins_code    ? 
_struct_ref_seq.pdbx_auth_seq_align_beg       50 
_struct_ref_seq.pdbx_auth_seq_align_end       212 
# 
loop_
_struct_ref_seq_dif.align_id 
_struct_ref_seq_dif.pdbx_pdb_id_code 
_struct_ref_seq_dif.mon_id 
_struct_ref_seq_dif.pdbx_pdb_strand_id 
_struct_ref_seq_dif.seq_num 
_struct_ref_seq_dif.pdbx_pdb_ins_code 
_struct_ref_seq_dif.pdbx_seq_db_name 
_struct_ref_seq_dif.pdbx_seq_db_accession_code 
_struct_ref_seq_dif.db_mon_id 
_struct_ref_seq_dif.pdbx_seq_db_seq_num 
_struct_ref_seq_dif.details 
_struct_ref_seq_dif.pdbx_auth_seq_num 
_struct_ref_seq_dif.pdbx_ordinal 
1 4E1N GLY A 1   ? UNP P12497 ?   ?    'expression tag'      47  1 
1 4E1N SER A 2   ? UNP P12497 ?   ?    'expression tag'      48  2 
1 4E1N HIS A 3   ? UNP P12497 ?   ?    'expression tag'      49  3 
1 4E1N ALA A 78  ? UNP P12497 THR 1271 conflict              124 4 
1 4E1N LYS A 139 ? UNP P12497 PHE 1332 'engineered mutation' 185 5 
# 
_pdbx_struct_assembly.id                   1 
_pdbx_struct_assembly.details              author_and_software_defined_assembly 
_pdbx_struct_assembly.method_details       PISA 
_pdbx_struct_assembly.oligomeric_details   dimeric 
_pdbx_struct_assembly.oligomeric_count     2 
# 
loop_
_pdbx_struct_assembly_prop.biol_id 
_pdbx_struct_assembly_prop.type 
_pdbx_struct_assembly_prop.value 
_pdbx_struct_assembly_prop.details 
1 'ABSA (A^2)' 3410  ? 
1 MORE         -16   ? 
1 'SSA (A^2)'  13470 ? 
# 
_pdbx_struct_assembly_gen.assembly_id       1 
_pdbx_struct_assembly_gen.oper_expression   1,2 
_pdbx_struct_assembly_gen.asym_id_list      A,B,C 
# 
loop_
_pdbx_struct_oper_list.id 
_pdbx_struct_oper_list.type 
_pdbx_struct_oper_list.name 
_pdbx_struct_oper_list.symmetry_operation 
_pdbx_struct_oper_list.matrix[1][1] 
_pdbx_struct_oper_list.matrix[1][2] 
_pdbx_struct_oper_list.matrix[1][3] 
_pdbx_struct_oper_list.vector[1] 
_pdbx_struct_oper_list.matrix[2][1] 
_pdbx_struct_oper_list.matrix[2][2] 
_pdbx_struct_oper_list.matrix[2][3] 
_pdbx_struct_oper_list.vector[2] 
_pdbx_struct_oper_list.matrix[3][1] 
_pdbx_struct_oper_list.matrix[3][2] 
_pdbx_struct_oper_list.matrix[3][3] 
_pdbx_struct_oper_list.vector[3] 
1 'identity operation'         1_555 x,y,z          1.0000000000  0.0000000000 0.0000000000  0.0000000000 0.0000000000 1.0000000000  0.0000000000  0.0000000000  0.0000000000  0.0000000000  1.0000000000 0.0000000000 
2 'crystal symmetry operation' 6_554 -x,-x+y,-z-2/3 -0.8149072567 0.1445889352 -0.5612666058 7.4626760053 0.1445889352 -0.8870514326 -0.4384447464 18.5988906503 -0.5612666058 -0.4384447464 0.7019586893 7.2523127646 
# 
loop_
_struct_conf.conf_type_id 
_struct_conf.id 
_struct_conf.pdbx_PDB_helix_id 
_struct_conf.beg_label_comp_id 
_struct_conf.beg_label_asym_id 
_struct_conf.beg_label_seq_id 
_struct_conf.pdbx_beg_PDB_ins_code 
_struct_conf.end_label_comp_id 
_struct_conf.end_label_asym_id 
_struct_conf.end_label_seq_id 
_struct_conf.pdbx_end_PDB_ins_code 
_struct_conf.beg_auth_comp_id 
_struct_conf.beg_auth_asym_id 
_struct_conf.beg_auth_seq_id 
_struct_conf.end_auth_comp_id 
_struct_conf.end_auth_asym_id 
_struct_conf.end_auth_seq_id 
_struct_conf.pdbx_PDB_helix_class 
_struct_conf.details 
_struct_conf.pdbx_PDB_helix_length 
HELX_P HELX_P1 1 THR A 47  ? TRP A 62  ? THR A 93  TRP A 108 1 ? 16 
HELX_P HELX_P2 2 ASN A 71  ? THR A 76  ? ASN A 117 THR A 122 5 ? 6  
HELX_P HELX_P3 3 SER A 77  ? GLY A 88  ? SER A 123 GLY A 134 1 ? 12 
HELX_P HELX_P4 4 GLY A 103 ? ARG A 120 ? GLY A 149 ARG A 166 1 ? 18 
HELX_P HELX_P5 5 ASP A 121 ? ALA A 123 ? ASP A 167 ALA A 169 5 ? 3  
HELX_P HELX_P6 6 HIS A 125 ? LYS A 140 ? HIS A 171 LYS A 186 1 ? 16 
HELX_P HELX_P7 7 SER A 149 ? ASP A 161 ? SER A 195 ASP A 207 1 ? 13 
# 
_struct_conf_type.id          HELX_P 
_struct_conf_type.criteria    ? 
_struct_conf_type.reference   ? 
# 
loop_
_struct_conn.id 
_struct_conn.conn_type_id 
_struct_conn.pdbx_leaving_atom_flag 
_struct_conn.pdbx_PDB_id 
_struct_conn.ptnr1_label_asym_id 
_struct_conn.ptnr1_label_comp_id 
_struct_conn.ptnr1_label_seq_id 
_struct_conn.ptnr1_label_atom_id 
_struct_conn.pdbx_ptnr1_label_alt_id 
_struct_conn.pdbx_ptnr1_PDB_ins_code 
_struct_conn.pdbx_ptnr1_standard_comp_id 
_struct_conn.ptnr1_symmetry 
_struct_conn.ptnr2_label_asym_id 
_struct_conn.ptnr2_label_comp_id 
_struct_conn.ptnr2_label_seq_id 
_struct_conn.ptnr2_label_atom_id 
_struct_conn.pdbx_ptnr2_label_alt_id 
_struct_conn.pdbx_ptnr2_PDB_ins_code 
_struct_conn.ptnr1_auth_asym_id 
_struct_conn.ptnr1_auth_comp_id 
_struct_conn.ptnr1_auth_seq_id 
_struct_conn.ptnr2_auth_asym_id 
_struct_conn.ptnr2_auth_comp_id 
_struct_conn.ptnr2_auth_seq_id 
_struct_conn.ptnr2_symmetry 
_struct_conn.pdbx_ptnr3_label_atom_id 
_struct_conn.pdbx_ptnr3_label_seq_id 
_struct_conn.pdbx_ptnr3_label_comp_id 
_struct_conn.pdbx_ptnr3_label_asym_id 
_struct_conn.pdbx_ptnr3_label_alt_id 
_struct_conn.pdbx_ptnr3_PDB_ins_code 
_struct_conn.details 
_struct_conn.pdbx_dist_value 
_struct_conn.pdbx_value_order 
_struct_conn.pdbx_role 
covale1 covale both ? A ASP 18 C ? ? ? 1_555 A CAF 19 N ? ? A ASP 64  A CAF 65  1_555 ? ? ? ? ? ? ? 1.334 ? ? 
covale2 covale both ? A CAF 19 C ? ? ? 1_555 A THR 20 N ? ? A CAF 65  A THR 66  1_555 ? ? ? ? ? ? ? 1.334 ? ? 
covale3 covale both ? A ALA 83 C ? ? ? 1_555 A CAF 84 N ? ? A ALA 129 A CAF 130 1_555 ? ? ? ? ? ? ? 1.334 ? ? 
covale4 covale both ? A CAF 84 C ? ? ? 1_555 A TRP 85 N ? ? A CAF 130 A TRP 131 1_555 ? ? ? ? ? ? ? 1.333 ? ? 
# 
_struct_conn_type.id          covale 
_struct_conn_type.criteria    ? 
_struct_conn_type.reference   ? 
# 
loop_
_pdbx_modification_feature.ordinal 
_pdbx_modification_feature.label_comp_id 
_pdbx_modification_feature.label_asym_id 
_pdbx_modification_feature.label_seq_id 
_pdbx_modification_feature.label_alt_id 
_pdbx_modification_feature.modified_residue_label_comp_id 
_pdbx_modification_feature.modified_residue_label_asym_id 
_pdbx_modification_feature.modified_residue_label_seq_id 
_pdbx_modification_feature.modified_residue_label_alt_id 
_pdbx_modification_feature.auth_comp_id 
_pdbx_modification_feature.auth_asym_id 
_pdbx_modification_feature.auth_seq_id 
_pdbx_modification_feature.PDB_ins_code 
_pdbx_modification_feature.symmetry 
_pdbx_modification_feature.modified_residue_auth_comp_id 
_pdbx_modification_feature.modified_residue_auth_asym_id 
_pdbx_modification_feature.modified_residue_auth_seq_id 
_pdbx_modification_feature.modified_residue_PDB_ins_code 
_pdbx_modification_feature.modified_residue_symmetry 
_pdbx_modification_feature.comp_id_linking_atom 
_pdbx_modification_feature.modified_residue_id_linking_atom 
_pdbx_modification_feature.modified_residue_id 
_pdbx_modification_feature.ref_pcm_id 
_pdbx_modification_feature.ref_comp_id 
_pdbx_modification_feature.type 
_pdbx_modification_feature.category 
1 CAF A 19 ? . . . . CAF A 65  ? 1_555 . . . . . . . CYS 1 CAF None 'Non-standard residue' 
2 CAF A 84 ? . . . . CAF A 130 ? 1_555 . . . . . . . CYS 1 CAF None 'Non-standard residue' 
# 
_struct_sheet.id               A 
_struct_sheet.type             ? 
_struct_sheet.number_strands   5 
_struct_sheet.details          ? 
# 
loop_
_struct_sheet_order.sheet_id 
_struct_sheet_order.range_id_1 
_struct_sheet_order.range_id_2 
_struct_sheet_order.offset 
_struct_sheet_order.sense 
A 1 2 ? anti-parallel 
A 2 3 ? anti-parallel 
A 3 4 ? parallel      
A 4 5 ? parallel      
# 
loop_
_struct_sheet_range.sheet_id 
_struct_sheet_range.id 
_struct_sheet_range.beg_label_comp_id 
_struct_sheet_range.beg_label_asym_id 
_struct_sheet_range.beg_label_seq_id 
_struct_sheet_range.pdbx_beg_PDB_ins_code 
_struct_sheet_range.end_label_comp_id 
_struct_sheet_range.end_label_asym_id 
_struct_sheet_range.end_label_seq_id 
_struct_sheet_range.pdbx_end_PDB_ins_code 
_struct_sheet_range.beg_auth_comp_id 
_struct_sheet_range.beg_auth_asym_id 
_struct_sheet_range.beg_auth_seq_id 
_struct_sheet_range.end_auth_comp_id 
_struct_sheet_range.end_auth_asym_id 
_struct_sheet_range.end_auth_seq_id 
A 1 ILE A 38 ? ILE A 43 ? ILE A 84  ILE A 89  
A 2 LYS A 25 ? HIS A 32 ? LYS A 71  HIS A 78  
A 3 ILE A 14 ? LEU A 22 ? ILE A 60  LEU A 68  
A 4 THR A 66 ? HIS A 68 ? THR A 112 HIS A 114 
A 5 LYS A 90 ? GLN A 91 ? LYS A 136 GLN A 137 
# 
loop_
_pdbx_struct_sheet_hbond.sheet_id 
_pdbx_struct_sheet_hbond.range_id_1 
_pdbx_struct_sheet_hbond.range_id_2 
_pdbx_struct_sheet_hbond.range_1_label_atom_id 
_pdbx_struct_sheet_hbond.range_1_label_comp_id 
_pdbx_struct_sheet_hbond.range_1_label_asym_id 
_pdbx_struct_sheet_hbond.range_1_label_seq_id 
_pdbx_struct_sheet_hbond.range_1_PDB_ins_code 
_pdbx_struct_sheet_hbond.range_1_auth_atom_id 
_pdbx_struct_sheet_hbond.range_1_auth_comp_id 
_pdbx_struct_sheet_hbond.range_1_auth_asym_id 
_pdbx_struct_sheet_hbond.range_1_auth_seq_id 
_pdbx_struct_sheet_hbond.range_2_label_atom_id 
_pdbx_struct_sheet_hbond.range_2_label_comp_id 
_pdbx_struct_sheet_hbond.range_2_label_asym_id 
_pdbx_struct_sheet_hbond.range_2_label_seq_id 
_pdbx_struct_sheet_hbond.range_2_PDB_ins_code 
_pdbx_struct_sheet_hbond.range_2_auth_atom_id 
_pdbx_struct_sheet_hbond.range_2_auth_comp_id 
_pdbx_struct_sheet_hbond.range_2_auth_asym_id 
_pdbx_struct_sheet_hbond.range_2_auth_seq_id 
A 1 2 O GLU A 39 ? O GLU A 85  N ALA A 30 ? N ALA A 76  
A 2 3 O ILE A 27 ? O ILE A 73  N THR A 20 ? N THR A 66  
A 3 4 N TRP A 15 ? N TRP A 61  O HIS A 68 ? O HIS A 114 
A 4 5 N VAL A 67 ? N VAL A 113 O LYS A 90 ? O LYS A 136 
# 
_struct_site.id                   AC1 
_struct_site.pdbx_evidence_code   Software 
_struct_site.pdbx_auth_asym_id    A 
_struct_site.pdbx_auth_comp_id    TQX 
_struct_site.pdbx_auth_seq_id     301 
_struct_site.pdbx_auth_ins_code   ? 
_struct_site.pdbx_num_residues    14 
_struct_site.details              'BINDING SITE FOR RESIDUE TQX A 301' 
# 
loop_
_struct_site_gen.id 
_struct_site_gen.site_id 
_struct_site_gen.pdbx_num_res 
_struct_site_gen.label_comp_id 
_struct_site_gen.label_asym_id 
_struct_site_gen.label_seq_id 
_struct_site_gen.pdbx_auth_ins_code 
_struct_site_gen.auth_comp_id 
_struct_site_gen.auth_asym_id 
_struct_site_gen.auth_seq_id 
_struct_site_gen.label_atom_id 
_struct_site_gen.label_alt_id 
_struct_site_gen.symmetry 
_struct_site_gen.details 
1  AC1 14 GLN A 49  ? GLN A 95  . ? 6_554 ? 
2  AC1 14 LEU A 56  ? LEU A 102 . ? 6_554 ? 
3  AC1 14 ALA A 78  ? ALA A 124 . ? 6_554 ? 
4  AC1 14 THR A 79  ? THR A 125 . ? 6_554 ? 
5  AC1 14 ALA A 82  ? ALA A 128 . ? 6_554 ? 
6  AC1 14 ALA A 83  ? ALA A 129 . ? 6_554 ? 
7  AC1 14 TRP A 86  ? TRP A 132 . ? 6_554 ? 
8  AC1 14 GLN A 122 ? GLN A 168 . ? 1_555 ? 
9  AC1 14 ALA A 123 ? ALA A 169 . ? 1_555 ? 
10 AC1 14 GLU A 124 ? GLU A 170 . ? 1_555 ? 
11 AC1 14 HIS A 125 ? HIS A 171 . ? 1_555 ? 
12 AC1 14 THR A 128 ? THR A 174 . ? 1_555 ? 
13 AC1 14 MET A 132 ? MET A 178 . ? 1_555 ? 
14 AC1 14 HOH C .   ? HOH A 422 . ? 1_555 ? 
# 
_pdbx_entry_details.entry_id                   4E1N 
_pdbx_entry_details.compound_details           ? 
_pdbx_entry_details.source_details             ? 
_pdbx_entry_details.nonpolymer_details         ? 
_pdbx_entry_details.sequence_details           ? 
_pdbx_entry_details.has_ligand_of_interest     ? 
_pdbx_entry_details.has_protein_modification   Y 
# 
loop_
_pdbx_struct_mod_residue.id 
_pdbx_struct_mod_residue.label_asym_id 
_pdbx_struct_mod_residue.label_comp_id 
_pdbx_struct_mod_residue.label_seq_id 
_pdbx_struct_mod_residue.auth_asym_id 
_pdbx_struct_mod_residue.auth_comp_id 
_pdbx_struct_mod_residue.auth_seq_id 
_pdbx_struct_mod_residue.PDB_ins_code 
_pdbx_struct_mod_residue.parent_comp_id 
_pdbx_struct_mod_residue.details 
1 A CAF 19 A CAF 65  ? CYS S-DIMETHYLARSINOYL-CYSTEINE 
2 A CAF 84 A CAF 130 ? CYS S-DIMETHYLARSINOYL-CYSTEINE 
# 
loop_
_pdbx_unobs_or_zero_occ_residues.id 
_pdbx_unobs_or_zero_occ_residues.PDB_model_num 
_pdbx_unobs_or_zero_occ_residues.polymer_flag 
_pdbx_unobs_or_zero_occ_residues.occupancy_flag 
_pdbx_unobs_or_zero_occ_residues.auth_asym_id 
_pdbx_unobs_or_zero_occ_residues.auth_comp_id 
_pdbx_unobs_or_zero_occ_residues.auth_seq_id 
_pdbx_unobs_or_zero_occ_residues.PDB_ins_code 
_pdbx_unobs_or_zero_occ_residues.label_asym_id 
_pdbx_unobs_or_zero_occ_residues.label_comp_id 
_pdbx_unobs_or_zero_occ_residues.label_seq_id 
1  1 Y 1 A GLY 47  ? A GLY 1   
2  1 Y 1 A SER 48  ? A SER 2   
3  1 Y 1 A HIS 49  ? A HIS 3   
4  1 Y 1 A MET 50  ? A MET 4   
5  1 Y 1 A HIS 51  ? A HIS 5   
6  1 Y 1 A GLY 52  ? A GLY 6   
7  1 Y 1 A GLN 53  ? A GLN 7   
8  1 Y 1 A VAL 54  ? A VAL 8   
9  1 Y 1 A ASP 55  ? A ASP 9   
10 1 Y 1 A TYR 143 ? A TYR 97  
11 1 Y 1 A GLY 189 ? A GLY 143 
12 1 Y 1 A GLY 190 ? A GLY 144 
13 1 Y 1 A ILE 191 ? A ILE 145 
14 1 Y 1 A GLY 192 ? A GLY 146 
15 1 Y 1 A GLY 193 ? A GLY 147 
16 1 Y 1 A ILE 208 ? A ILE 162 
17 1 Y 1 A GLN 209 ? A GLN 163 
18 1 Y 1 A THR 210 ? A THR 164 
19 1 Y 1 A LYS 211 ? A LYS 165 
20 1 Y 1 A GLU 212 ? A GLU 166 
# 
loop_
_chem_comp_atom.comp_id 
_chem_comp_atom.atom_id 
_chem_comp_atom.type_symbol 
_chem_comp_atom.pdbx_aromatic_flag 
_chem_comp_atom.pdbx_stereo_config 
_chem_comp_atom.pdbx_ordinal 
ALA N    N  N N 1   
ALA CA   C  N S 2   
ALA C    C  N N 3   
ALA O    O  N N 4   
ALA CB   C  N N 5   
ALA OXT  O  N N 6   
ALA H    H  N N 7   
ALA H2   H  N N 8   
ALA HA   H  N N 9   
ALA HB1  H  N N 10  
ALA HB2  H  N N 11  
ALA HB3  H  N N 12  
ALA HXT  H  N N 13  
ARG N    N  N N 14  
ARG CA   C  N S 15  
ARG C    C  N N 16  
ARG O    O  N N 17  
ARG CB   C  N N 18  
ARG CG   C  N N 19  
ARG CD   C  N N 20  
ARG NE   N  N N 21  
ARG CZ   C  N N 22  
ARG NH1  N  N N 23  
ARG NH2  N  N N 24  
ARG OXT  O  N N 25  
ARG H    H  N N 26  
ARG H2   H  N N 27  
ARG HA   H  N N 28  
ARG HB2  H  N N 29  
ARG HB3  H  N N 30  
ARG HG2  H  N N 31  
ARG HG3  H  N N 32  
ARG HD2  H  N N 33  
ARG HD3  H  N N 34  
ARG HE   H  N N 35  
ARG HH11 H  N N 36  
ARG HH12 H  N N 37  
ARG HH21 H  N N 38  
ARG HH22 H  N N 39  
ARG HXT  H  N N 40  
ASN N    N  N N 41  
ASN CA   C  N S 42  
ASN C    C  N N 43  
ASN O    O  N N 44  
ASN CB   C  N N 45  
ASN CG   C  N N 46  
ASN OD1  O  N N 47  
ASN ND2  N  N N 48  
ASN OXT  O  N N 49  
ASN H    H  N N 50  
ASN H2   H  N N 51  
ASN HA   H  N N 52  
ASN HB2  H  N N 53  
ASN HB3  H  N N 54  
ASN HD21 H  N N 55  
ASN HD22 H  N N 56  
ASN HXT  H  N N 57  
ASP N    N  N N 58  
ASP CA   C  N S 59  
ASP C    C  N N 60  
ASP O    O  N N 61  
ASP CB   C  N N 62  
ASP CG   C  N N 63  
ASP OD1  O  N N 64  
ASP OD2  O  N N 65  
ASP OXT  O  N N 66  
ASP H    H  N N 67  
ASP H2   H  N N 68  
ASP HA   H  N N 69  
ASP HB2  H  N N 70  
ASP HB3  H  N N 71  
ASP HD2  H  N N 72  
ASP HXT  H  N N 73  
CAF N    N  N N 74  
CAF CA   C  N R 75  
CAF CB   C  N N 76  
CAF C    C  N N 77  
CAF O    O  N N 78  
CAF OXT  O  N N 79  
CAF SG   S  N N 80  
CAF AS   AS N N 81  
CAF CE1  C  N N 82  
CAF CE2  C  N N 83  
CAF O1   O  N N 84  
CAF H    H  N N 85  
CAF H2   H  N N 86  
CAF HA   H  N N 87  
CAF HB2  H  N N 88  
CAF HB3  H  N N 89  
CAF HXT  H  N N 90  
CAF HE11 H  N N 91  
CAF HE12 H  N N 92  
CAF HE13 H  N N 93  
CAF HE21 H  N N 94  
CAF HE22 H  N N 95  
CAF HE23 H  N N 96  
CYS N    N  N N 97  
CYS CA   C  N R 98  
CYS C    C  N N 99  
CYS O    O  N N 100 
CYS CB   C  N N 101 
CYS SG   S  N N 102 
CYS OXT  O  N N 103 
CYS H    H  N N 104 
CYS H2   H  N N 105 
CYS HA   H  N N 106 
CYS HB2  H  N N 107 
CYS HB3  H  N N 108 
CYS HG   H  N N 109 
CYS HXT  H  N N 110 
GLN N    N  N N 111 
GLN CA   C  N S 112 
GLN C    C  N N 113 
GLN O    O  N N 114 
GLN CB   C  N N 115 
GLN CG   C  N N 116 
GLN CD   C  N N 117 
GLN OE1  O  N N 118 
GLN NE2  N  N N 119 
GLN OXT  O  N N 120 
GLN H    H  N N 121 
GLN H2   H  N N 122 
GLN HA   H  N N 123 
GLN HB2  H  N N 124 
GLN HB3  H  N N 125 
GLN HG2  H  N N 126 
GLN HG3  H  N N 127 
GLN HE21 H  N N 128 
GLN HE22 H  N N 129 
GLN HXT  H  N N 130 
GLU N    N  N N 131 
GLU CA   C  N S 132 
GLU C    C  N N 133 
GLU O    O  N N 134 
GLU CB   C  N N 135 
GLU CG   C  N N 136 
GLU CD   C  N N 137 
GLU OE1  O  N N 138 
GLU OE2  O  N N 139 
GLU OXT  O  N N 140 
GLU H    H  N N 141 
GLU H2   H  N N 142 
GLU HA   H  N N 143 
GLU HB2  H  N N 144 
GLU HB3  H  N N 145 
GLU HG2  H  N N 146 
GLU HG3  H  N N 147 
GLU HE2  H  N N 148 
GLU HXT  H  N N 149 
GLY N    N  N N 150 
GLY CA   C  N N 151 
GLY C    C  N N 152 
GLY O    O  N N 153 
GLY OXT  O  N N 154 
GLY H    H  N N 155 
GLY H2   H  N N 156 
GLY HA2  H  N N 157 
GLY HA3  H  N N 158 
GLY HXT  H  N N 159 
HIS N    N  N N 160 
HIS CA   C  N S 161 
HIS C    C  N N 162 
HIS O    O  N N 163 
HIS CB   C  N N 164 
HIS CG   C  Y N 165 
HIS ND1  N  Y N 166 
HIS CD2  C  Y N 167 
HIS CE1  C  Y N 168 
HIS NE2  N  Y N 169 
HIS OXT  O  N N 170 
HIS H    H  N N 171 
HIS H2   H  N N 172 
HIS HA   H  N N 173 
HIS HB2  H  N N 174 
HIS HB3  H  N N 175 
HIS HD1  H  N N 176 
HIS HD2  H  N N 177 
HIS HE1  H  N N 178 
HIS HE2  H  N N 179 
HIS HXT  H  N N 180 
HOH O    O  N N 181 
HOH H1   H  N N 182 
HOH H2   H  N N 183 
ILE N    N  N N 184 
ILE CA   C  N S 185 
ILE C    C  N N 186 
ILE O    O  N N 187 
ILE CB   C  N S 188 
ILE CG1  C  N N 189 
ILE CG2  C  N N 190 
ILE CD1  C  N N 191 
ILE OXT  O  N N 192 
ILE H    H  N N 193 
ILE H2   H  N N 194 
ILE HA   H  N N 195 
ILE HB   H  N N 196 
ILE HG12 H  N N 197 
ILE HG13 H  N N 198 
ILE HG21 H  N N 199 
ILE HG22 H  N N 200 
ILE HG23 H  N N 201 
ILE HD11 H  N N 202 
ILE HD12 H  N N 203 
ILE HD13 H  N N 204 
ILE HXT  H  N N 205 
LEU N    N  N N 206 
LEU CA   C  N S 207 
LEU C    C  N N 208 
LEU O    O  N N 209 
LEU CB   C  N N 210 
LEU CG   C  N N 211 
LEU CD1  C  N N 212 
LEU CD2  C  N N 213 
LEU OXT  O  N N 214 
LEU H    H  N N 215 
LEU H2   H  N N 216 
LEU HA   H  N N 217 
LEU HB2  H  N N 218 
LEU HB3  H  N N 219 
LEU HG   H  N N 220 
LEU HD11 H  N N 221 
LEU HD12 H  N N 222 
LEU HD13 H  N N 223 
LEU HD21 H  N N 224 
LEU HD22 H  N N 225 
LEU HD23 H  N N 226 
LEU HXT  H  N N 227 
LYS N    N  N N 228 
LYS CA   C  N S 229 
LYS C    C  N N 230 
LYS O    O  N N 231 
LYS CB   C  N N 232 
LYS CG   C  N N 233 
LYS CD   C  N N 234 
LYS CE   C  N N 235 
LYS NZ   N  N N 236 
LYS OXT  O  N N 237 
LYS H    H  N N 238 
LYS H2   H  N N 239 
LYS HA   H  N N 240 
LYS HB2  H  N N 241 
LYS HB3  H  N N 242 
LYS HG2  H  N N 243 
LYS HG3  H  N N 244 
LYS HD2  H  N N 245 
LYS HD3  H  N N 246 
LYS HE2  H  N N 247 
LYS HE3  H  N N 248 
LYS HZ1  H  N N 249 
LYS HZ2  H  N N 250 
LYS HZ3  H  N N 251 
LYS HXT  H  N N 252 
MET N    N  N N 253 
MET CA   C  N S 254 
MET C    C  N N 255 
MET O    O  N N 256 
MET CB   C  N N 257 
MET CG   C  N N 258 
MET SD   S  N N 259 
MET CE   C  N N 260 
MET OXT  O  N N 261 
MET H    H  N N 262 
MET H2   H  N N 263 
MET HA   H  N N 264 
MET HB2  H  N N 265 
MET HB3  H  N N 266 
MET HG2  H  N N 267 
MET HG3  H  N N 268 
MET HE1  H  N N 269 
MET HE2  H  N N 270 
MET HE3  H  N N 271 
MET HXT  H  N N 272 
PHE N    N  N N 273 
PHE CA   C  N S 274 
PHE C    C  N N 275 
PHE O    O  N N 276 
PHE CB   C  N N 277 
PHE CG   C  Y N 278 
PHE CD1  C  Y N 279 
PHE CD2  C  Y N 280 
PHE CE1  C  Y N 281 
PHE CE2  C  Y N 282 
PHE CZ   C  Y N 283 
PHE OXT  O  N N 284 
PHE H    H  N N 285 
PHE H2   H  N N 286 
PHE HA   H  N N 287 
PHE HB2  H  N N 288 
PHE HB3  H  N N 289 
PHE HD1  H  N N 290 
PHE HD2  H  N N 291 
PHE HE1  H  N N 292 
PHE HE2  H  N N 293 
PHE HZ   H  N N 294 
PHE HXT  H  N N 295 
PRO N    N  N N 296 
PRO CA   C  N S 297 
PRO C    C  N N 298 
PRO O    O  N N 299 
PRO CB   C  N N 300 
PRO CG   C  N N 301 
PRO CD   C  N N 302 
PRO OXT  O  N N 303 
PRO H    H  N N 304 
PRO HA   H  N N 305 
PRO HB2  H  N N 306 
PRO HB3  H  N N 307 
PRO HG2  H  N N 308 
PRO HG3  H  N N 309 
PRO HD2  H  N N 310 
PRO HD3  H  N N 311 
PRO HXT  H  N N 312 
SER N    N  N N 313 
SER CA   C  N S 314 
SER C    C  N N 315 
SER O    O  N N 316 
SER CB   C  N N 317 
SER OG   O  N N 318 
SER OXT  O  N N 319 
SER H    H  N N 320 
SER H2   H  N N 321 
SER HA   H  N N 322 
SER HB2  H  N N 323 
SER HB3  H  N N 324 
SER HG   H  N N 325 
SER HXT  H  N N 326 
THR N    N  N N 327 
THR CA   C  N S 328 
THR C    C  N N 329 
THR O    O  N N 330 
THR CB   C  N R 331 
THR OG1  O  N N 332 
THR CG2  C  N N 333 
THR OXT  O  N N 334 
THR H    H  N N 335 
THR H2   H  N N 336 
THR HA   H  N N 337 
THR HB   H  N N 338 
THR HG1  H  N N 339 
THR HG21 H  N N 340 
THR HG22 H  N N 341 
THR HG23 H  N N 342 
THR HXT  H  N N 343 
TQX C01  C  Y N 344 
TQX C02  C  Y N 345 
TQX C03  C  Y N 346 
TQX C04  C  Y N 347 
TQX C05  C  Y N 348 
TQX C06  C  Y N 349 
TQX N07  N  Y N 350 
TQX C08  C  Y N 351 
TQX C09  C  Y N 352 
TQX C10  C  Y N 353 
TQX C11  C  N N 354 
TQX C12  C  Y N 355 
TQX C13  C  N S 356 
TQX O14  O  N N 357 
TQX C15  C  Y N 358 
TQX C16  C  Y N 359 
TQX C17  C  Y N 360 
TQX C18  C  Y N 361 
TQX C19  C  Y N 362 
TQX O20  O  N N 363 
TQX C21  C  N N 364 
TQX C22  C  N N 365 
TQX C23  C  N N 366 
TQX C24  C  N N 367 
TQX C25  C  N N 368 
TQX C26  C  N N 369 
TQX C27  C  N N 370 
TQX C28  C  N N 371 
TQX F29  F  N N 372 
TQX C30  C  N N 373 
TQX O31  O  N N 374 
TQX O32  O  N N 375 
TQX H01  H  N N 376 
TQX H04  H  N N 377 
TQX H05  H  N N 378 
TQX H06  H  N N 379 
TQX H11  H  N N 380 
TQX H11A H  N N 381 
TQX H11B H  N N 382 
TQX H13  H  N N 383 
TQX H15  H  N N 384 
TQX H21  H  N N 385 
TQX H21A H  N N 386 
TQX H22  H  N N 387 
TQX H22A H  N N 388 
TQX H23  H  N N 389 
TQX H23A H  N N 390 
TQX H24  H  N N 391 
TQX H24A H  N N 392 
TQX H24B H  N N 393 
TQX H26  H  N N 394 
TQX H26A H  N N 395 
TQX H26B H  N N 396 
TQX H27  H  N N 397 
TQX H27A H  N N 398 
TQX H27B H  N N 399 
TQX H28  H  N N 400 
TQX H28A H  N N 401 
TQX H28B H  N N 402 
TQX HO31 H  N N 403 
TRP N    N  N N 404 
TRP CA   C  N S 405 
TRP C    C  N N 406 
TRP O    O  N N 407 
TRP CB   C  N N 408 
TRP CG   C  Y N 409 
TRP CD1  C  Y N 410 
TRP CD2  C  Y N 411 
TRP NE1  N  Y N 412 
TRP CE2  C  Y N 413 
TRP CE3  C  Y N 414 
TRP CZ2  C  Y N 415 
TRP CZ3  C  Y N 416 
TRP CH2  C  Y N 417 
TRP OXT  O  N N 418 
TRP H    H  N N 419 
TRP H2   H  N N 420 
TRP HA   H  N N 421 
TRP HB2  H  N N 422 
TRP HB3  H  N N 423 
TRP HD1  H  N N 424 
TRP HE1  H  N N 425 
TRP HE3  H  N N 426 
TRP HZ2  H  N N 427 
TRP HZ3  H  N N 428 
TRP HH2  H  N N 429 
TRP HXT  H  N N 430 
TYR N    N  N N 431 
TYR CA   C  N S 432 
TYR C    C  N N 433 
TYR O    O  N N 434 
TYR CB   C  N N 435 
TYR CG   C  Y N 436 
TYR CD1  C  Y N 437 
TYR CD2  C  Y N 438 
TYR CE1  C  Y N 439 
TYR CE2  C  Y N 440 
TYR CZ   C  Y N 441 
TYR OH   O  N N 442 
TYR OXT  O  N N 443 
TYR H    H  N N 444 
TYR H2   H  N N 445 
TYR HA   H  N N 446 
TYR HB2  H  N N 447 
TYR HB3  H  N N 448 
TYR HD1  H  N N 449 
TYR HD2  H  N N 450 
TYR HE1  H  N N 451 
TYR HE2  H  N N 452 
TYR HH   H  N N 453 
TYR HXT  H  N N 454 
VAL N    N  N N 455 
VAL CA   C  N S 456 
VAL C    C  N N 457 
VAL O    O  N N 458 
VAL CB   C  N N 459 
VAL CG1  C  N N 460 
VAL CG2  C  N N 461 
VAL OXT  O  N N 462 
VAL H    H  N N 463 
VAL H2   H  N N 464 
VAL HA   H  N N 465 
VAL HB   H  N N 466 
VAL HG11 H  N N 467 
VAL HG12 H  N N 468 
VAL HG13 H  N N 469 
VAL HG21 H  N N 470 
VAL HG22 H  N N 471 
VAL HG23 H  N N 472 
VAL HXT  H  N N 473 
# 
loop_
_chem_comp_bond.comp_id 
_chem_comp_bond.atom_id_1 
_chem_comp_bond.atom_id_2 
_chem_comp_bond.value_order 
_chem_comp_bond.pdbx_aromatic_flag 
_chem_comp_bond.pdbx_stereo_config 
_chem_comp_bond.pdbx_ordinal 
ALA N   CA   sing N N 1   
ALA N   H    sing N N 2   
ALA N   H2   sing N N 3   
ALA CA  C    sing N N 4   
ALA CA  CB   sing N N 5   
ALA CA  HA   sing N N 6   
ALA C   O    doub N N 7   
ALA C   OXT  sing N N 8   
ALA CB  HB1  sing N N 9   
ALA CB  HB2  sing N N 10  
ALA CB  HB3  sing N N 11  
ALA OXT HXT  sing N N 12  
ARG N   CA   sing N N 13  
ARG N   H    sing N N 14  
ARG N   H2   sing N N 15  
ARG CA  C    sing N N 16  
ARG CA  CB   sing N N 17  
ARG CA  HA   sing N N 18  
ARG C   O    doub N N 19  
ARG C   OXT  sing N N 20  
ARG CB  CG   sing N N 21  
ARG CB  HB2  sing N N 22  
ARG CB  HB3  sing N N 23  
ARG CG  CD   sing N N 24  
ARG CG  HG2  sing N N 25  
ARG CG  HG3  sing N N 26  
ARG CD  NE   sing N N 27  
ARG CD  HD2  sing N N 28  
ARG CD  HD3  sing N N 29  
ARG NE  CZ   sing N N 30  
ARG NE  HE   sing N N 31  
ARG CZ  NH1  sing N N 32  
ARG CZ  NH2  doub N N 33  
ARG NH1 HH11 sing N N 34  
ARG NH1 HH12 sing N N 35  
ARG NH2 HH21 sing N N 36  
ARG NH2 HH22 sing N N 37  
ARG OXT HXT  sing N N 38  
ASN N   CA   sing N N 39  
ASN N   H    sing N N 40  
ASN N   H2   sing N N 41  
ASN CA  C    sing N N 42  
ASN CA  CB   sing N N 43  
ASN CA  HA   sing N N 44  
ASN C   O    doub N N 45  
ASN C   OXT  sing N N 46  
ASN CB  CG   sing N N 47  
ASN CB  HB2  sing N N 48  
ASN CB  HB3  sing N N 49  
ASN CG  OD1  doub N N 50  
ASN CG  ND2  sing N N 51  
ASN ND2 HD21 sing N N 52  
ASN ND2 HD22 sing N N 53  
ASN OXT HXT  sing N N 54  
ASP N   CA   sing N N 55  
ASP N   H    sing N N 56  
ASP N   H2   sing N N 57  
ASP CA  C    sing N N 58  
ASP CA  CB   sing N N 59  
ASP CA  HA   sing N N 60  
ASP C   O    doub N N 61  
ASP C   OXT  sing N N 62  
ASP CB  CG   sing N N 63  
ASP CB  HB2  sing N N 64  
ASP CB  HB3  sing N N 65  
ASP CG  OD1  doub N N 66  
ASP CG  OD2  sing N N 67  
ASP OD2 HD2  sing N N 68  
ASP OXT HXT  sing N N 69  
CAF N   CA   sing N N 70  
CAF N   H    sing N N 71  
CAF N   H2   sing N N 72  
CAF CA  CB   sing N N 73  
CAF CA  C    sing N N 74  
CAF CA  HA   sing N N 75  
CAF CB  SG   sing N N 76  
CAF CB  HB2  sing N N 77  
CAF CB  HB3  sing N N 78  
CAF C   O    doub N N 79  
CAF C   OXT  sing N N 80  
CAF OXT HXT  sing N N 81  
CAF SG  AS   sing N N 82  
CAF AS  CE1  sing N N 83  
CAF AS  CE2  sing N N 84  
CAF AS  O1   doub N N 85  
CAF CE1 HE11 sing N N 86  
CAF CE1 HE12 sing N N 87  
CAF CE1 HE13 sing N N 88  
CAF CE2 HE21 sing N N 89  
CAF CE2 HE22 sing N N 90  
CAF CE2 HE23 sing N N 91  
CYS N   CA   sing N N 92  
CYS N   H    sing N N 93  
CYS N   H2   sing N N 94  
CYS CA  C    sing N N 95  
CYS CA  CB   sing N N 96  
CYS CA  HA   sing N N 97  
CYS C   O    doub N N 98  
CYS C   OXT  sing N N 99  
CYS CB  SG   sing N N 100 
CYS CB  HB2  sing N N 101 
CYS CB  HB3  sing N N 102 
CYS SG  HG   sing N N 103 
CYS OXT HXT  sing N N 104 
GLN N   CA   sing N N 105 
GLN N   H    sing N N 106 
GLN N   H2   sing N N 107 
GLN CA  C    sing N N 108 
GLN CA  CB   sing N N 109 
GLN CA  HA   sing N N 110 
GLN C   O    doub N N 111 
GLN C   OXT  sing N N 112 
GLN CB  CG   sing N N 113 
GLN CB  HB2  sing N N 114 
GLN CB  HB3  sing N N 115 
GLN CG  CD   sing N N 116 
GLN CG  HG2  sing N N 117 
GLN CG  HG3  sing N N 118 
GLN CD  OE1  doub N N 119 
GLN CD  NE2  sing N N 120 
GLN NE2 HE21 sing N N 121 
GLN NE2 HE22 sing N N 122 
GLN OXT HXT  sing N N 123 
GLU N   CA   sing N N 124 
GLU N   H    sing N N 125 
GLU N   H2   sing N N 126 
GLU CA  C    sing N N 127 
GLU CA  CB   sing N N 128 
GLU CA  HA   sing N N 129 
GLU C   O    doub N N 130 
GLU C   OXT  sing N N 131 
GLU CB  CG   sing N N 132 
GLU CB  HB2  sing N N 133 
GLU CB  HB3  sing N N 134 
GLU CG  CD   sing N N 135 
GLU CG  HG2  sing N N 136 
GLU CG  HG3  sing N N 137 
GLU CD  OE1  doub N N 138 
GLU CD  OE2  sing N N 139 
GLU OE2 HE2  sing N N 140 
GLU OXT HXT  sing N N 141 
GLY N   CA   sing N N 142 
GLY N   H    sing N N 143 
GLY N   H2   sing N N 144 
GLY CA  C    sing N N 145 
GLY CA  HA2  sing N N 146 
GLY CA  HA3  sing N N 147 
GLY C   O    doub N N 148 
GLY C   OXT  sing N N 149 
GLY OXT HXT  sing N N 150 
HIS N   CA   sing N N 151 
HIS N   H    sing N N 152 
HIS N   H2   sing N N 153 
HIS CA  C    sing N N 154 
HIS CA  CB   sing N N 155 
HIS CA  HA   sing N N 156 
HIS C   O    doub N N 157 
HIS C   OXT  sing N N 158 
HIS CB  CG   sing N N 159 
HIS CB  HB2  sing N N 160 
HIS CB  HB3  sing N N 161 
HIS CG  ND1  sing Y N 162 
HIS CG  CD2  doub Y N 163 
HIS ND1 CE1  doub Y N 164 
HIS ND1 HD1  sing N N 165 
HIS CD2 NE2  sing Y N 166 
HIS CD2 HD2  sing N N 167 
HIS CE1 NE2  sing Y N 168 
HIS CE1 HE1  sing N N 169 
HIS NE2 HE2  sing N N 170 
HIS OXT HXT  sing N N 171 
HOH O   H1   sing N N 172 
HOH O   H2   sing N N 173 
ILE N   CA   sing N N 174 
ILE N   H    sing N N 175 
ILE N   H2   sing N N 176 
ILE CA  C    sing N N 177 
ILE CA  CB   sing N N 178 
ILE CA  HA   sing N N 179 
ILE C   O    doub N N 180 
ILE C   OXT  sing N N 181 
ILE CB  CG1  sing N N 182 
ILE CB  CG2  sing N N 183 
ILE CB  HB   sing N N 184 
ILE CG1 CD1  sing N N 185 
ILE CG1 HG12 sing N N 186 
ILE CG1 HG13 sing N N 187 
ILE CG2 HG21 sing N N 188 
ILE CG2 HG22 sing N N 189 
ILE CG2 HG23 sing N N 190 
ILE CD1 HD11 sing N N 191 
ILE CD1 HD12 sing N N 192 
ILE CD1 HD13 sing N N 193 
ILE OXT HXT  sing N N 194 
LEU N   CA   sing N N 195 
LEU N   H    sing N N 196 
LEU N   H2   sing N N 197 
LEU CA  C    sing N N 198 
LEU CA  CB   sing N N 199 
LEU CA  HA   sing N N 200 
LEU C   O    doub N N 201 
LEU C   OXT  sing N N 202 
LEU CB  CG   sing N N 203 
LEU CB  HB2  sing N N 204 
LEU CB  HB3  sing N N 205 
LEU CG  CD1  sing N N 206 
LEU CG  CD2  sing N N 207 
LEU CG  HG   sing N N 208 
LEU CD1 HD11 sing N N 209 
LEU CD1 HD12 sing N N 210 
LEU CD1 HD13 sing N N 211 
LEU CD2 HD21 sing N N 212 
LEU CD2 HD22 sing N N 213 
LEU CD2 HD23 sing N N 214 
LEU OXT HXT  sing N N 215 
LYS N   CA   sing N N 216 
LYS N   H    sing N N 217 
LYS N   H2   sing N N 218 
LYS CA  C    sing N N 219 
LYS CA  CB   sing N N 220 
LYS CA  HA   sing N N 221 
LYS C   O    doub N N 222 
LYS C   OXT  sing N N 223 
LYS CB  CG   sing N N 224 
LYS CB  HB2  sing N N 225 
LYS CB  HB3  sing N N 226 
LYS CG  CD   sing N N 227 
LYS CG  HG2  sing N N 228 
LYS CG  HG3  sing N N 229 
LYS CD  CE   sing N N 230 
LYS CD  HD2  sing N N 231 
LYS CD  HD3  sing N N 232 
LYS CE  NZ   sing N N 233 
LYS CE  HE2  sing N N 234 
LYS CE  HE3  sing N N 235 
LYS NZ  HZ1  sing N N 236 
LYS NZ  HZ2  sing N N 237 
LYS NZ  HZ3  sing N N 238 
LYS OXT HXT  sing N N 239 
MET N   CA   sing N N 240 
MET N   H    sing N N 241 
MET N   H2   sing N N 242 
MET CA  C    sing N N 243 
MET CA  CB   sing N N 244 
MET CA  HA   sing N N 245 
MET C   O    doub N N 246 
MET C   OXT  sing N N 247 
MET CB  CG   sing N N 248 
MET CB  HB2  sing N N 249 
MET CB  HB3  sing N N 250 
MET CG  SD   sing N N 251 
MET CG  HG2  sing N N 252 
MET CG  HG3  sing N N 253 
MET SD  CE   sing N N 254 
MET CE  HE1  sing N N 255 
MET CE  HE2  sing N N 256 
MET CE  HE3  sing N N 257 
MET OXT HXT  sing N N 258 
PHE N   CA   sing N N 259 
PHE N   H    sing N N 260 
PHE N   H2   sing N N 261 
PHE CA  C    sing N N 262 
PHE CA  CB   sing N N 263 
PHE CA  HA   sing N N 264 
PHE C   O    doub N N 265 
PHE C   OXT  sing N N 266 
PHE CB  CG   sing N N 267 
PHE CB  HB2  sing N N 268 
PHE CB  HB3  sing N N 269 
PHE CG  CD1  doub Y N 270 
PHE CG  CD2  sing Y N 271 
PHE CD1 CE1  sing Y N 272 
PHE CD1 HD1  sing N N 273 
PHE CD2 CE2  doub Y N 274 
PHE CD2 HD2  sing N N 275 
PHE CE1 CZ   doub Y N 276 
PHE CE1 HE1  sing N N 277 
PHE CE2 CZ   sing Y N 278 
PHE CE2 HE2  sing N N 279 
PHE CZ  HZ   sing N N 280 
PHE OXT HXT  sing N N 281 
PRO N   CA   sing N N 282 
PRO N   CD   sing N N 283 
PRO N   H    sing N N 284 
PRO CA  C    sing N N 285 
PRO CA  CB   sing N N 286 
PRO CA  HA   sing N N 287 
PRO C   O    doub N N 288 
PRO C   OXT  sing N N 289 
PRO CB  CG   sing N N 290 
PRO CB  HB2  sing N N 291 
PRO CB  HB3  sing N N 292 
PRO CG  CD   sing N N 293 
PRO CG  HG2  sing N N 294 
PRO CG  HG3  sing N N 295 
PRO CD  HD2  sing N N 296 
PRO CD  HD3  sing N N 297 
PRO OXT HXT  sing N N 298 
SER N   CA   sing N N 299 
SER N   H    sing N N 300 
SER N   H2   sing N N 301 
SER CA  C    sing N N 302 
SER CA  CB   sing N N 303 
SER CA  HA   sing N N 304 
SER C   O    doub N N 305 
SER C   OXT  sing N N 306 
SER CB  OG   sing N N 307 
SER CB  HB2  sing N N 308 
SER CB  HB3  sing N N 309 
SER OG  HG   sing N N 310 
SER OXT HXT  sing N N 311 
THR N   CA   sing N N 312 
THR N   H    sing N N 313 
THR N   H2   sing N N 314 
THR CA  C    sing N N 315 
THR CA  CB   sing N N 316 
THR CA  HA   sing N N 317 
THR C   O    doub N N 318 
THR C   OXT  sing N N 319 
THR CB  OG1  sing N N 320 
THR CB  CG2  sing N N 321 
THR CB  HB   sing N N 322 
THR OG1 HG1  sing N N 323 
THR CG2 HG21 sing N N 324 
THR CG2 HG22 sing N N 325 
THR CG2 HG23 sing N N 326 
THR OXT HXT  sing N N 327 
TQX C06 C01  doub Y N 328 
TQX C01 C02  sing Y N 329 
TQX C01 H01  sing N N 330 
TQX C02 C03  doub Y N 331 
TQX C02 N07  sing Y N 332 
TQX C04 C03  sing Y N 333 
TQX C03 C10  sing Y N 334 
TQX C05 C04  doub Y N 335 
TQX C04 H04  sing N N 336 
TQX C06 C05  sing Y N 337 
TQX C05 H05  sing N N 338 
TQX C06 H06  sing N N 339 
TQX N07 C08  doub Y N 340 
TQX C08 C11  sing N N 341 
TQX C08 C09  sing Y N 342 
TQX C10 C09  doub Y N 343 
TQX C09 C13  sing N N 344 
TQX C10 C12  sing N N 345 
TQX C11 H11  sing N N 346 
TQX C11 H11A sing N N 347 
TQX C11 H11B sing N N 348 
TQX C15 C12  doub Y N 349 
TQX C12 C19  sing Y N 350 
TQX O14 C13  sing N N 351 
TQX C13 C30  sing N N 352 
TQX C13 H13  sing N N 353 
TQX C25 O14  sing N N 354 
TQX C15 C16  sing Y N 355 
TQX C15 H15  sing N N 356 
TQX F29 C16  sing N N 357 
TQX C16 C17  doub Y N 358 
TQX C17 O20  sing N N 359 
TQX C17 C18  sing Y N 360 
TQX C19 C18  doub Y N 361 
TQX C18 C23  sing N N 362 
TQX C19 C24  sing N N 363 
TQX O20 C21  sing N N 364 
TQX C21 C22  sing N N 365 
TQX C21 H21  sing N N 366 
TQX C21 H21A sing N N 367 
TQX C23 C22  sing N N 368 
TQX C22 H22  sing N N 369 
TQX C22 H22A sing N N 370 
TQX C23 H23  sing N N 371 
TQX C23 H23A sing N N 372 
TQX C24 H24  sing N N 373 
TQX C24 H24A sing N N 374 
TQX C24 H24B sing N N 375 
TQX C27 C25  sing N N 376 
TQX C26 C25  sing N N 377 
TQX C25 C28  sing N N 378 
TQX C26 H26  sing N N 379 
TQX C26 H26A sing N N 380 
TQX C26 H26B sing N N 381 
TQX C27 H27  sing N N 382 
TQX C27 H27A sing N N 383 
TQX C27 H27B sing N N 384 
TQX C28 H28  sing N N 385 
TQX C28 H28A sing N N 386 
TQX C28 H28B sing N N 387 
TQX C30 O32  doub N N 388 
TQX C30 O31  sing N N 389 
TQX O31 HO31 sing N N 390 
TRP N   CA   sing N N 391 
TRP N   H    sing N N 392 
TRP N   H2   sing N N 393 
TRP CA  C    sing N N 394 
TRP CA  CB   sing N N 395 
TRP CA  HA   sing N N 396 
TRP C   O    doub N N 397 
TRP C   OXT  sing N N 398 
TRP CB  CG   sing N N 399 
TRP CB  HB2  sing N N 400 
TRP CB  HB3  sing N N 401 
TRP CG  CD1  doub Y N 402 
TRP CG  CD2  sing Y N 403 
TRP CD1 NE1  sing Y N 404 
TRP CD1 HD1  sing N N 405 
TRP CD2 CE2  doub Y N 406 
TRP CD2 CE3  sing Y N 407 
TRP NE1 CE2  sing Y N 408 
TRP NE1 HE1  sing N N 409 
TRP CE2 CZ2  sing Y N 410 
TRP CE3 CZ3  doub Y N 411 
TRP CE3 HE3  sing N N 412 
TRP CZ2 CH2  doub Y N 413 
TRP CZ2 HZ2  sing N N 414 
TRP CZ3 CH2  sing Y N 415 
TRP CZ3 HZ3  sing N N 416 
TRP CH2 HH2  sing N N 417 
TRP OXT HXT  sing N N 418 
TYR N   CA   sing N N 419 
TYR N   H    sing N N 420 
TYR N   H2   sing N N 421 
TYR CA  C    sing N N 422 
TYR CA  CB   sing N N 423 
TYR CA  HA   sing N N 424 
TYR C   O    doub N N 425 
TYR C   OXT  sing N N 426 
TYR CB  CG   sing N N 427 
TYR CB  HB2  sing N N 428 
TYR CB  HB3  sing N N 429 
TYR CG  CD1  doub Y N 430 
TYR CG  CD2  sing Y N 431 
TYR CD1 CE1  sing Y N 432 
TYR CD1 HD1  sing N N 433 
TYR CD2 CE2  doub Y N 434 
TYR CD2 HD2  sing N N 435 
TYR CE1 CZ   doub Y N 436 
TYR CE1 HE1  sing N N 437 
TYR CE2 CZ   sing Y N 438 
TYR CE2 HE2  sing N N 439 
TYR CZ  OH   sing N N 440 
TYR OH  HH   sing N N 441 
TYR OXT HXT  sing N N 442 
VAL N   CA   sing N N 443 
VAL N   H    sing N N 444 
VAL N   H2   sing N N 445 
VAL CA  C    sing N N 446 
VAL CA  CB   sing N N 447 
VAL CA  HA   sing N N 448 
VAL C   O    doub N N 449 
VAL C   OXT  sing N N 450 
VAL CB  CG1  sing N N 451 
VAL CB  CG2  sing N N 452 
VAL CB  HB   sing N N 453 
VAL CG1 HG11 sing N N 454 
VAL CG1 HG12 sing N N 455 
VAL CG1 HG13 sing N N 456 
VAL CG2 HG21 sing N N 457 
VAL CG2 HG22 sing N N 458 
VAL CG2 HG23 sing N N 459 
VAL OXT HXT  sing N N 460 
# 
_pdbx_initial_refinement_model.id               1 
_pdbx_initial_refinement_model.entity_id_list   ? 
_pdbx_initial_refinement_model.type             'experimental model' 
_pdbx_initial_refinement_model.source_name      PDB 
_pdbx_initial_refinement_model.accession_code   1ITG 
_pdbx_initial_refinement_model.details          'PDB entry 1ITG' 
# 
_atom_sites.entry_id                    4E1N 
_atom_sites.fract_transf_matrix[1][1]   0.01502163 
_atom_sites.fract_transf_matrix[1][2]   0.00195920 
_atom_sites.fract_transf_matrix[1][3]   0.00545836 
_atom_sites.fract_transf_matrix[2][1]   0.00326850 
_atom_sites.fract_transf_matrix[2][2]   -0.00233430 
_atom_sites.fract_transf_matrix[2][3]   0.01559302 
_atom_sites.fract_transf_matrix[3][1]   0.00297525 
_atom_sites.fract_transf_matrix[3][2]   -0.01487185 
_atom_sites.fract_transf_matrix[3][3]   -0.00285000 
_atom_sites.fract_transf_vector[1]      -0.094067 
_atom_sites.fract_transf_vector[2]      0.421162 
_atom_sites.fract_transf_vector[3]      -0.195798 
# 
loop_
_atom_type.symbol 
AS 
C  
F  
N  
O  
S  
# 
loop_
_atom_site.group_PDB 
_atom_site.id 
_atom_site.type_symbol 
_atom_site.label_atom_id 
_atom_site.label_alt_id 
_atom_site.label_comp_id 
_atom_site.label_asym_id 
_atom_site.label_entity_id 
_atom_site.label_seq_id 
_atom_site.pdbx_PDB_ins_code 
_atom_site.Cartn_x 
_atom_site.Cartn_y 
_atom_site.Cartn_z 
_atom_site.occupancy 
_atom_site.B_iso_or_equiv 
_atom_site.pdbx_formal_charge 
_atom_site.auth_seq_id 
_atom_site.auth_comp_id 
_atom_site.auth_asym_id 
_atom_site.auth_atom_id 
_atom_site.pdbx_PDB_model_num 
ATOM   1    N  N   . CYS A 1 10  ? -0.634  -0.414  -15.143 1.00 80.80 ? 56  CYS A N   1 
ATOM   2    C  CA  . CYS A 1 10  ? -0.069  0.714   -15.884 1.00 81.64 ? 56  CYS A CA  1 
ATOM   3    C  C   . CYS A 1 10  ? -0.678  2.057   -15.462 1.00 81.04 ? 56  CYS A C   1 
ATOM   4    O  O   . CYS A 1 10  ? 0.052   3.022   -15.190 1.00 80.55 ? 56  CYS A O   1 
ATOM   5    C  CB  . CYS A 1 10  ? -0.225  0.507   -17.400 1.00 88.43 ? 56  CYS A CB  1 
ATOM   6    S  SG  . CYS A 1 10  ? -0.171  2.044   -18.384 1.00 98.35 ? 56  CYS A SG  1 
ATOM   7    N  N   . SER A 1 11  ? -2.010  2.115   -15.408 1.00 76.96 ? 57  SER A N   1 
ATOM   8    C  CA  . SER A 1 11  ? -2.713  3.359   -15.070 1.00 77.20 ? 57  SER A CA  1 
ATOM   9    C  C   . SER A 1 11  ? -2.215  3.925   -13.729 1.00 75.19 ? 57  SER A C   1 
ATOM   10   O  O   . SER A 1 11  ? -2.176  3.209   -12.724 1.00 73.19 ? 57  SER A O   1 
ATOM   11   C  CB  . SER A 1 11  ? -4.227  3.138   -15.054 1.00 79.46 ? 57  SER A CB  1 
ATOM   12   O  OG  . SER A 1 11  ? -4.905  4.380   -14.951 1.00 80.07 ? 57  SER A OG  1 
ATOM   13   N  N   . PRO A 1 12  ? -1.842  5.219   -13.719 1.00 75.06 ? 58  PRO A N   1 
ATOM   14   C  CA  . PRO A 1 12  ? -0.999  5.835   -12.682 1.00 68.01 ? 58  PRO A CA  1 
ATOM   15   C  C   . PRO A 1 12  ? -1.690  6.256   -11.369 1.00 67.71 ? 58  PRO A C   1 
ATOM   16   O  O   . PRO A 1 12  ? -0.980  6.548   -10.388 1.00 61.87 ? 58  PRO A O   1 
ATOM   17   C  CB  . PRO A 1 12  ? -0.433  7.068   -13.396 1.00 70.56 ? 58  PRO A CB  1 
ATOM   18   C  CG  . PRO A 1 12  ? -1.518  7.458   -14.380 1.00 69.77 ? 58  PRO A CG  1 
ATOM   19   C  CD  . PRO A 1 12  ? -2.199  6.172   -14.791 1.00 71.84 ? 58  PRO A CD  1 
ATOM   20   N  N   . GLY A 1 13  ? -3.022  6.306   -11.341 1.00 61.97 ? 59  GLY A N   1 
ATOM   21   C  CA  . GLY A 1 13  ? -3.721  6.659   -10.114 1.00 62.13 ? 59  GLY A CA  1 
ATOM   22   C  C   . GLY A 1 13  ? -4.135  5.468   -9.253  1.00 56.45 ? 59  GLY A C   1 
ATOM   23   O  O   . GLY A 1 13  ? -4.854  5.634   -8.250  1.00 53.81 ? 59  GLY A O   1 
ATOM   24   N  N   . ILE A 1 14  ? -3.669  4.274   -9.629  1.00 54.71 ? 60  ILE A N   1 
ATOM   25   C  CA  . ILE A 1 14  ? -4.156  3.018   -9.050  1.00 52.04 ? 60  ILE A CA  1 
ATOM   26   C  C   . ILE A 1 14  ? -3.274  2.453   -7.941  1.00 53.29 ? 60  ILE A C   1 
ATOM   27   O  O   . ILE A 1 14  ? -2.078  2.192   -8.145  1.00 50.09 ? 60  ILE A O   1 
ATOM   28   C  CB  . ILE A 1 14  ? -4.319  1.929   -10.139 1.00 55.43 ? 60  ILE A CB  1 
ATOM   29   C  CG1 . ILE A 1 14  ? -5.328  2.376   -11.200 1.00 60.01 ? 60  ILE A CG1 1 
ATOM   30   C  CG2 . ILE A 1 14  ? -4.749  0.608   -9.530  1.00 55.60 ? 60  ILE A CG2 1 
ATOM   31   C  CD1 . ILE A 1 14  ? -5.704  1.265   -12.186 1.00 61.29 ? 60  ILE A CD1 1 
ATOM   32   N  N   . TRP A 1 15  ? -3.883  2.232   -6.777  1.00 47.05 ? 61  TRP A N   1 
ATOM   33   C  CA  . TRP A 1 15  ? -3.194  1.659   -5.637  1.00 47.50 ? 61  TRP A CA  1 
ATOM   34   C  C   . TRP A 1 15  ? -3.998  0.463   -5.143  1.00 51.55 ? 61  TRP A C   1 
ATOM   35   O  O   . TRP A 1 15  ? -5.227  0.478   -5.205  1.00 51.64 ? 61  TRP A O   1 
ATOM   36   C  CB  . TRP A 1 15  ? -3.090  2.705   -4.516  1.00 47.50 ? 61  TRP A CB  1 
ATOM   37   C  CG  . TRP A 1 15  ? -2.215  3.892   -4.842  1.00 46.88 ? 61  TRP A CG  1 
ATOM   38   C  CD1 . TRP A 1 15  ? -2.485  4.912   -5.726  1.00 47.49 ? 61  TRP A CD1 1 
ATOM   39   C  CD2 . TRP A 1 15  ? -0.936  4.190   -4.264  1.00 47.10 ? 61  TRP A CD2 1 
ATOM   40   N  NE1 . TRP A 1 15  ? -1.440  5.813   -5.736  1.00 46.64 ? 61  TRP A NE1 1 
ATOM   41   C  CE2 . TRP A 1 15  ? -0.479  5.397   -4.852  1.00 45.92 ? 61  TRP A CE2 1 
ATOM   42   C  CE3 . TRP A 1 15  ? -0.122  3.541   -3.325  1.00 45.54 ? 61  TRP A CE3 1 
ATOM   43   C  CZ2 . TRP A 1 15  ? 0.752   5.978   -4.514  1.00 45.56 ? 61  TRP A CZ2 1 
ATOM   44   C  CZ3 . TRP A 1 15  ? 1.106   4.115   -2.998  1.00 45.65 ? 61  TRP A CZ3 1 
ATOM   45   C  CH2 . TRP A 1 15  ? 1.527   5.323   -3.592  1.00 45.23 ? 61  TRP A CH2 1 
ATOM   46   N  N   . GLN A 1 16  ? -3.311  -0.564  -4.653  1.00 46.05 ? 62  GLN A N   1 
ATOM   47   C  CA  . GLN A 1 16  ? -3.970  -1.694  -4.022  1.00 50.20 ? 62  GLN A CA  1 
ATOM   48   C  C   . GLN A 1 16  ? -3.646  -1.698  -2.532  1.00 52.51 ? 62  GLN A C   1 
ATOM   49   O  O   . GLN A 1 16  ? -2.474  -1.591  -2.148  1.00 51.75 ? 62  GLN A O   1 
ATOM   50   C  CB  . GLN A 1 16  ? -3.532  -3.023  -4.651  1.00 53.29 ? 62  GLN A CB  1 
ATOM   51   C  CG  . GLN A 1 16  ? -4.020  -4.242  -3.854  1.00 56.51 ? 62  GLN A CG  1 
ATOM   52   C  CD  . GLN A 1 16  ? -4.407  -5.437  -4.724  1.00 57.62 ? 62  GLN A CD  1 
ATOM   53   O  OE1 . GLN A 1 16  ? -4.458  -5.343  -5.955  1.00 58.26 ? 62  GLN A OE1 1 
ATOM   54   N  NE2 . GLN A 1 16  ? -4.679  -6.574  -4.077  1.00 58.31 ? 62  GLN A NE2 1 
ATOM   55   N  N   . LEU A 1 17  ? -4.671  -1.805  -1.686  1.00 48.35 ? 63  LEU A N   1 
ATOM   56   C  CA  . LEU A 1 17  ? -4.465  -1.811  -0.234  1.00 51.76 ? 63  LEU A CA  1 
ATOM   57   C  C   . LEU A 1 17  ? -4.875  -3.155  0.343   1.00 51.72 ? 63  LEU A C   1 
ATOM   58   O  O   . LEU A 1 17  ? -5.981  -3.640  0.089   1.00 48.63 ? 63  LEU A O   1 
ATOM   59   C  CB  . LEU A 1 17  ? -5.288  -0.709  0.446   1.00 52.41 ? 63  LEU A CB  1 
ATOM   60   C  CG  . LEU A 1 17  ? -4.728  0.709   0.566   1.00 55.63 ? 63  LEU A CG  1 
ATOM   61   C  CD1 . LEU A 1 17  ? -4.424  1.326   -0.797  1.00 50.26 ? 63  LEU A CD1 1 
ATOM   62   C  CD2 . LEU A 1 17  ? -5.744  1.566   1.331   1.00 52.46 ? 63  LEU A CD2 1 
ATOM   63   N  N   . ASP A 1 18  ? -3.994  -3.750  1.128   1.00 47.88 ? 64  ASP A N   1 
ATOM   64   C  CA  . ASP A 1 18  ? -4.309  -5.005  1.803   1.00 51.26 ? 64  ASP A CA  1 
ATOM   65   C  C   . ASP A 1 18  ? -3.680  -5.046  3.182   1.00 56.28 ? 64  ASP A C   1 
ATOM   66   O  O   . ASP A 1 18  ? -2.631  -4.424  3.407   1.00 53.05 ? 64  ASP A O   1 
ATOM   67   C  CB  . ASP A 1 18  ? -3.820  -6.199  0.977   1.00 50.57 ? 64  ASP A CB  1 
ATOM   68   C  CG  . ASP A 1 18  ? -4.592  -6.366  -0.318  1.00 57.32 ? 64  ASP A CG  1 
ATOM   69   O  OD1 . ASP A 1 18  ? -5.806  -6.690  -0.251  1.00 58.18 ? 64  ASP A OD1 1 
ATOM   70   O  OD2 . ASP A 1 18  ? -3.994  -6.175  -1.401  1.00 61.25 ? 64  ASP A OD2 1 
HETATM 71   N  N   . CAF A 1 19  ? -4.316  -5.770  4.103   1.00 53.18 ? 65  CAF A N   1 
HETATM 72   C  CA  . CAF A 1 19  ? -3.776  -5.919  5.458   1.00 53.42 ? 65  CAF A CA  1 
HETATM 73   C  CB  . CAF A 1 19  ? -4.745  -5.688  6.608   1.00 54.88 ? 65  CAF A CB  1 
HETATM 74   C  C   . CAF A 1 19  ? -3.208  -7.303  5.638   1.00 56.97 ? 65  CAF A C   1 
HETATM 75   O  O   . CAF A 1 19  ? -3.752  -8.278  5.103   1.00 58.47 ? 65  CAF A O   1 
HETATM 76   S  SG  . CAF A 1 19  ? -5.140  -3.985  6.784   1.00 56.86 ? 65  CAF A SG  1 
HETATM 77   AS AS  . CAF A 1 19  ? -7.021  -4.038  5.599   0.51 47.86 ? 65  CAF A AS  1 
HETATM 78   C  CE1 . CAF A 1 19  ? -7.823  -2.856  6.968   1.00 56.22 ? 65  CAF A CE1 1 
HETATM 79   O  O1  . CAF A 1 19  ? -6.846  -2.551  4.325   0.67 57.05 ? 65  CAF A O1  1 
ATOM   80   N  N   . THR A 1 20  ? -2.097  -7.392  6.371   1.00 59.61 ? 66  THR A N   1 
ATOM   81   C  CA  . THR A 1 20  ? -1.560  -8.680  6.825   1.00 60.96 ? 66  THR A CA  1 
ATOM   82   C  C   . THR A 1 20  ? -1.360  -8.667  8.331   1.00 61.96 ? 66  THR A C   1 
ATOM   83   O  O   . THR A 1 20  ? -1.255  -7.600  8.952   1.00 60.98 ? 66  THR A O   1 
ATOM   84   C  CB  . THR A 1 20  ? -0.210  -9.044  6.168   1.00 63.45 ? 66  THR A CB  1 
ATOM   85   O  OG1 . THR A 1 20  ? 0.356   -7.897  5.518   1.00 66.64 ? 66  THR A OG1 1 
ATOM   86   C  CG2 . THR A 1 20  ? -0.399  -10.146 5.148   1.00 67.25 ? 66  THR A CG2 1 
ATOM   87   N  N   . HIS A 1 21  ? -1.293  -9.854  8.920   1.00 63.33 ? 67  HIS A N   1 
ATOM   88   C  CA  . HIS A 1 21  ? -1.029  -9.964  10.349  1.00 63.88 ? 67  HIS A CA  1 
ATOM   89   C  C   . HIS A 1 21  ? 0.342   -10.570 10.557  1.00 62.14 ? 67  HIS A C   1 
ATOM   90   O  O   . HIS A 1 21  ? 0.735   -11.502 9.855   1.00 66.40 ? 67  HIS A O   1 
ATOM   91   C  CB  . HIS A 1 21  ? -2.093  -10.815 11.045  1.00 69.36 ? 67  HIS A CB  1 
ATOM   92   C  CG  . HIS A 1 21  ? -3.491  -10.399 10.727  1.00 70.80 ? 67  HIS A CG  1 
ATOM   93   N  ND1 . HIS A 1 21  ? -4.286  -9.705  11.619  1.00 69.93 ? 67  HIS A ND1 1 
ATOM   94   C  CD2 . HIS A 1 21  ? -4.235  -10.558 9.607   1.00 73.98 ? 67  HIS A CD2 1 
ATOM   95   C  CE1 . HIS A 1 21  ? -5.459  -9.462  11.062  1.00 70.70 ? 67  HIS A CE1 1 
ATOM   96   N  NE2 . HIS A 1 21  ? -5.453  -9.967  9.839   1.00 73.37 ? 67  HIS A NE2 1 
ATOM   97   N  N   . LEU A 1 22  ? 1.072   -10.018 11.513  1.00 62.62 ? 68  LEU A N   1 
ATOM   98   C  CA  . LEU A 1 22  ? 2.357   -10.553 11.922  1.00 62.79 ? 68  LEU A CA  1 
ATOM   99   C  C   . LEU A 1 22  ? 2.523   -10.158 13.377  1.00 63.37 ? 68  LEU A C   1 
ATOM   100  O  O   . LEU A 1 22  ? 2.244   -9.009  13.751  1.00 60.68 ? 68  LEU A O   1 
ATOM   101  C  CB  . LEU A 1 22  ? 3.500   -9.972  11.077  1.00 64.25 ? 68  LEU A CB  1 
ATOM   102  C  CG  . LEU A 1 22  ? 3.903   -10.597 9.732   1.00 70.42 ? 68  LEU A CG  1 
ATOM   103  C  CD1 . LEU A 1 22  ? 5.127   -9.857  9.182   1.00 68.70 ? 68  LEU A CD1 1 
ATOM   104  C  CD2 . LEU A 1 22  ? 4.212   -12.093 9.850   1.00 65.24 ? 68  LEU A CD2 1 
ATOM   105  N  N   . GLU A 1 23  ? 2.940   -11.113 14.204  1.00 61.74 ? 69  GLU A N   1 
ATOM   106  C  CA  . GLU A 1 23  ? 3.125   -10.872 15.635  1.00 60.79 ? 69  GLU A CA  1 
ATOM   107  C  C   . GLU A 1 23  ? 1.879   -10.325 16.340  1.00 62.02 ? 69  GLU A C   1 
ATOM   108  O  O   . GLU A 1 23  ? 1.988   -9.525  17.283  1.00 63.83 ? 69  GLU A O   1 
ATOM   109  C  CB  . GLU A 1 23  ? 4.338   -9.961  15.879  1.00 59.21 ? 69  GLU A CB  1 
ATOM   110  C  CG  . GLU A 1 23  ? 5.561   -10.358 15.064  1.00 61.14 ? 69  GLU A CG  1 
ATOM   111  C  CD  . GLU A 1 23  ? 6.777   -9.473  15.338  1.00 59.69 ? 69  GLU A CD  1 
ATOM   112  O  OE1 . GLU A 1 23  ? 6.750   -8.666  16.304  1.00 59.32 ? 69  GLU A OE1 1 
ATOM   113  O  OE2 . GLU A 1 23  ? 7.764   -9.585  14.577  1.00 61.34 ? 69  GLU A OE2 1 
ATOM   114  N  N   . GLY A 1 24  ? 0.702   -10.770 15.899  1.00 63.80 ? 70  GLY A N   1 
ATOM   115  C  CA  . GLY A 1 24  ? -0.547  -10.378 16.536  1.00 66.77 ? 70  GLY A CA  1 
ATOM   116  C  C   . GLY A 1 24  ? -0.892  -8.925  16.256  1.00 68.82 ? 70  GLY A C   1 
ATOM   117  O  O   . GLY A 1 24  ? -1.712  -8.315  16.947  1.00 65.11 ? 70  GLY A O   1 
ATOM   118  N  N   . LYS A 1 25  ? -0.241  -8.367  15.238  1.00 66.56 ? 71  LYS A N   1 
ATOM   119  C  CA  . LYS A 1 25  ? -0.456  -6.983  14.861  1.00 61.50 ? 71  LYS A CA  1 
ATOM   120  C  C   . LYS A 1 25  ? -0.877  -6.936  13.409  1.00 59.39 ? 71  LYS A C   1 
ATOM   121  O  O   . LYS A 1 25  ? -0.776  -7.943  12.701  1.00 59.67 ? 71  LYS A O   1 
ATOM   122  C  CB  . LYS A 1 25  ? 0.818   -6.180  15.093  1.00 64.89 ? 71  LYS A CB  1 
ATOM   123  C  CG  . LYS A 1 25  ? 1.114   -5.946  16.568  1.00 68.27 ? 71  LYS A CG  1 
ATOM   124  C  CD  . LYS A 1 25  ? 2.604   -5.766  16.815  1.00 60.60 ? 71  LYS A CD  1 
ATOM   125  C  CE  . LYS A 1 25  ? 2.845   -5.372  18.251  1.00 62.59 ? 71  LYS A CE  1 
ATOM   126  N  NZ  . LYS A 1 25  ? 1.983   -4.214  18.630  1.00 64.26 ? 71  LYS A NZ  1 
ATOM   127  N  N   . VAL A 1 26  ? -1.349  -5.774  12.964  1.00 56.50 ? 72  VAL A N   1 
ATOM   128  C  CA  . VAL A 1 26  ? -1.866  -5.645  11.611  1.00 53.31 ? 72  VAL A CA  1 
ATOM   129  C  C   . VAL A 1 26  ? -1.046  -4.680  10.781  1.00 53.45 ? 72  VAL A C   1 
ATOM   130  O  O   . VAL A 1 26  ? -0.825  -3.531  11.171  1.00 51.17 ? 72  VAL A O   1 
ATOM   131  C  CB  . VAL A 1 26  ? -3.324  -5.163  11.609  1.00 58.12 ? 72  VAL A CB  1 
ATOM   132  C  CG1 . VAL A 1 26  ? -3.813  -4.973  10.185  1.00 55.30 ? 72  VAL A CG1 1 
ATOM   133  C  CG2 . VAL A 1 26  ? -4.207  -6.160  12.346  1.00 63.18 ? 72  VAL A CG2 1 
ATOM   134  N  N   . ILE A 1 27  ? -0.615  -5.148  9.621   1.00 51.85 ? 73  ILE A N   1 
ATOM   135  C  CA  . ILE A 1 27  ? 0.171   -4.322  8.720   1.00 54.28 ? 73  ILE A CA  1 
ATOM   136  C  C   . ILE A 1 27  ? -0.683  -3.903  7.536   1.00 49.15 ? 73  ILE A C   1 
ATOM   137  O  O   . ILE A 1 27  ? -1.184  -4.742  6.791   1.00 54.07 ? 73  ILE A O   1 
ATOM   138  C  CB  . ILE A 1 27  ? 1.426   -5.064  8.212   1.00 52.14 ? 73  ILE A CB  1 
ATOM   139  C  CG1 . ILE A 1 27  ? 2.246   -5.598  9.394   1.00 54.92 ? 73  ILE A CG1 1 
ATOM   140  C  CG2 . ILE A 1 27  ? 2.265   -4.148  7.331   1.00 51.57 ? 73  ILE A CG2 1 
ATOM   141  C  CD1 . ILE A 1 27  ? 3.498   -6.349  8.973   1.00 60.65 ? 73  ILE A CD1 1 
ATOM   142  N  N   . LEU A 1 28  ? -0.870  -2.600  7.377   1.00 47.00 ? 74  LEU A N   1 
ATOM   143  C  CA  . LEU A 1 28  ? -1.596  -2.079  6.221   1.00 51.18 ? 74  LEU A CA  1 
ATOM   144  C  C   . LEU A 1 28  ? -0.584  -1.762  5.118   1.00 50.99 ? 74  LEU A C   1 
ATOM   145  O  O   . LEU A 1 28  ? 0.347   -0.980  5.337   1.00 47.24 ? 74  LEU A O   1 
ATOM   146  C  CB  . LEU A 1 28  ? -2.331  -0.804  6.612   1.00 49.33 ? 74  LEU A CB  1 
ATOM   147  C  CG  . LEU A 1 28  ? -3.748  -0.608  6.104   1.00 57.56 ? 74  LEU A CG  1 
ATOM   148  C  CD1 . LEU A 1 28  ? -4.355  0.646   6.751   1.00 59.00 ? 74  LEU A CD1 1 
ATOM   149  C  CD2 . LEU A 1 28  ? -3.763  -0.499  4.596   1.00 58.43 ? 74  LEU A CD2 1 
ATOM   150  N  N   . VAL A 1 29  ? -0.776  -2.350  3.939   1.00 47.26 ? 75  VAL A N   1 
ATOM   151  C  CA  . VAL A 1 29  ? 0.162   -2.176  2.826   1.00 51.18 ? 75  VAL A CA  1 
ATOM   152  C  C   . VAL A 1 29  ? -0.549  -1.628  1.596   1.00 50.06 ? 75  VAL A C   1 
ATOM   153  O  O   . VAL A 1 29  ? -1.521  -2.215  1.109   1.00 48.18 ? 75  VAL A O   1 
ATOM   154  C  CB  . VAL A 1 29  ? 0.849   -3.504  2.438   1.00 51.67 ? 75  VAL A CB  1 
ATOM   155  C  CG1 . VAL A 1 29  ? 1.897   -3.263  1.361   1.00 49.23 ? 75  VAL A CG1 1 
ATOM   156  C  CG2 . VAL A 1 29  ? 1.462   -4.164  3.649   1.00 53.26 ? 75  VAL A CG2 1 
ATOM   157  N  N   . ALA A 1 30  ? -0.061  -0.495  1.098   1.00 46.38 ? 76  ALA A N   1 
ATOM   158  C  CA  . ALA A 1 30  ? -0.532  0.065   -0.157  1.00 44.73 ? 76  ALA A CA  1 
ATOM   159  C  C   . ALA A 1 30  ? 0.579   -0.036  -1.197  1.00 47.40 ? 76  ALA A C   1 
ATOM   160  O  O   . ALA A 1 30  ? 1.707   0.418   -0.965  1.00 44.53 ? 76  ALA A O   1 
ATOM   161  C  CB  . ALA A 1 30  ? -0.958  1.520   0.017   1.00 46.41 ? 76  ALA A CB  1 
ATOM   162  N  N   . VAL A 1 31  ? 0.238   -0.615  -2.344  1.00 43.73 ? 77  VAL A N   1 
ATOM   163  C  CA  . VAL A 1 31  ? 1.157   -0.764  -3.447  1.00 44.97 ? 77  VAL A CA  1 
ATOM   164  C  C   . VAL A 1 31  ? 0.639   0.048   -4.617  1.00 50.74 ? 77  VAL A C   1 
ATOM   165  O  O   . VAL A 1 31  ? -0.517  -0.118  -5.040  1.00 48.16 ? 77  VAL A O   1 
ATOM   166  C  CB  . VAL A 1 31  ? 1.227   -2.221  -3.917  1.00 48.46 ? 77  VAL A CB  1 
ATOM   167  C  CG1 . VAL A 1 31  ? 2.228   -2.348  -5.046  1.00 49.20 ? 77  VAL A CG1 1 
ATOM   168  C  CG2 . VAL A 1 31  ? 1.584   -3.150  -2.763  1.00 52.22 ? 77  VAL A CG2 1 
ATOM   169  N  N   . HIS A 1 32  ? 1.492   0.927   -5.139  1.00 46.25 ? 78  HIS A N   1 
ATOM   170  C  CA  . HIS A 1 32  ? 1.194   1.646   -6.361  1.00 49.77 ? 78  HIS A CA  1 
ATOM   171  C  C   . HIS A 1 32  ? 1.461   0.681   -7.508  1.00 53.25 ? 78  HIS A C   1 
ATOM   172  O  O   . HIS A 1 32  ? 2.614   0.426   -7.869  1.00 51.64 ? 78  HIS A O   1 
ATOM   173  C  CB  . HIS A 1 32  ? 2.085   2.870   -6.490  1.00 47.45 ? 78  HIS A CB  1 
ATOM   174  C  CG  . HIS A 1 32  ? 1.818   3.679   -7.722  1.00 52.00 ? 78  HIS A CG  1 
ATOM   175  N  ND1 . HIS A 1 32  ? 2.717   3.770   -8.764  1.00 52.28 ? 78  HIS A ND1 1 
ATOM   176  C  CD2 . HIS A 1 32  ? 0.771   4.464   -8.063  1.00 51.29 ? 78  HIS A CD2 1 
ATOM   177  C  CE1 . HIS A 1 32  ? 2.232   4.573   -9.690  1.00 53.37 ? 78  HIS A CE1 1 
ATOM   178  N  NE2 . HIS A 1 32  ? 1.049   5.006   -9.292  1.00 52.50 ? 78  HIS A NE2 1 
ATOM   179  N  N   . VAL A 1 33  ? 0.388   0.154   -8.080  1.00 53.92 ? 79  VAL A N   1 
ATOM   180  C  CA  . VAL A 1 33  ? 0.481   -0.991  -8.988  1.00 56.44 ? 79  VAL A CA  1 
ATOM   181  C  C   . VAL A 1 33  ? 1.480   -0.794  -10.135 1.00 52.11 ? 79  VAL A C   1 
ATOM   182  O  O   . VAL A 1 33  ? 2.305   -1.668  -10.398 1.00 53.96 ? 79  VAL A O   1 
ATOM   183  C  CB  . VAL A 1 33  ? -0.930  -1.379  -9.522  1.00 57.85 ? 79  VAL A CB  1 
ATOM   184  C  CG1 . VAL A 1 33  ? -0.880  -2.684  -10.310 1.00 60.32 ? 79  VAL A CG1 1 
ATOM   185  C  CG2 . VAL A 1 33  ? -1.894  -1.502  -8.346  1.00 53.69 ? 79  VAL A CG2 1 
ATOM   186  N  N   . ALA A 1 34  ? 1.431   0.349   -10.813 1.00 54.13 ? 80  ALA A N   1 
ATOM   187  C  CA  . ALA A 1 34  ? 2.280   0.534   -11.996 1.00 56.93 ? 80  ALA A CA  1 
ATOM   188  C  C   . ALA A 1 34  ? 3.796   0.541   -11.703 1.00 60.03 ? 80  ALA A C   1 
ATOM   189  O  O   . ALA A 1 34  ? 4.589   0.249   -12.591 1.00 58.04 ? 80  ALA A O   1 
ATOM   190  C  CB  . ALA A 1 34  ? 1.866   1.769   -12.771 1.00 55.81 ? 80  ALA A CB  1 
ATOM   191  N  N   . SER A 1 35  ? 4.190   0.853   -10.465 1.00 56.86 ? 81  SER A N   1 
ATOM   192  C  CA  . SER A 1 35  ? 5.617   0.979   -10.112 1.00 58.22 ? 81  SER A CA  1 
ATOM   193  C  C   . SER A 1 35  ? 6.099   0.014   -9.026  1.00 57.01 ? 81  SER A C   1 
ATOM   194  O  O   . SER A 1 35  ? 7.301   -0.210  -8.888  1.00 61.62 ? 81  SER A O   1 
ATOM   195  C  CB  . SER A 1 35  ? 5.924   2.401   -9.647  1.00 58.12 ? 81  SER A CB  1 
ATOM   196  O  OG  . SER A 1 35  ? 5.281   2.654   -8.412  1.00 57.23 ? 81  SER A OG  1 
ATOM   197  N  N   . GLY A 1 36  ? 5.185   -0.533  -8.226  1.00 52.83 ? 82  GLY A N   1 
ATOM   198  C  CA  . GLY A 1 36  ? 5.583   -1.406  -7.123  1.00 53.56 ? 82  GLY A CA  1 
ATOM   199  C  C   . GLY A 1 36  ? 6.031   -0.684  -5.852  1.00 51.46 ? 82  GLY A C   1 
ATOM   200  O  O   . GLY A 1 36  ? 6.453   -1.302  -4.864  1.00 52.66 ? 82  GLY A O   1 
ATOM   201  N  N   . TYR A 1 37  ? 5.925   0.638   -5.876  1.00 50.08 ? 83  TYR A N   1 
ATOM   202  C  CA  . TYR A 1 37  ? 6.217   1.478   -4.721  1.00 47.32 ? 83  TYR A CA  1 
ATOM   203  C  C   . TYR A 1 37  ? 5.258   1.188   -3.568  1.00 47.48 ? 83  TYR A C   1 
ATOM   204  O  O   . TYR A 1 37  ? 4.042   1.098   -3.768  1.00 45.88 ? 83  TYR A O   1 
ATOM   205  C  CB  . TYR A 1 37  ? 6.062   2.932   -5.164  1.00 48.10 ? 83  TYR A CB  1 
ATOM   206  C  CG  . TYR A 1 37  ? 6.273   3.985   -4.102  1.00 49.65 ? 83  TYR A CG  1 
ATOM   207  C  CD1 . TYR A 1 37  ? 7.530   4.521   -3.869  1.00 49.54 ? 83  TYR A CD1 1 
ATOM   208  C  CD2 . TYR A 1 37  ? 5.203   4.475   -3.356  1.00 49.67 ? 83  TYR A CD2 1 
ATOM   209  C  CE1 . TYR A 1 37  ? 7.719   5.517   -2.925  1.00 53.17 ? 83  TYR A CE1 1 
ATOM   210  C  CE2 . TYR A 1 37  ? 5.383   5.466   -2.415  1.00 48.95 ? 83  TYR A CE2 1 
ATOM   211  C  CZ  . TYR A 1 37  ? 6.642   5.981   -2.203  1.00 52.57 ? 83  TYR A CZ  1 
ATOM   212  O  OH  . TYR A 1 37  ? 6.826   6.961   -1.258  1.00 55.65 ? 83  TYR A OH  1 
ATOM   213  N  N   . ILE A 1 38  ? 5.789   1.077   -2.352  1.00 45.84 ? 84  ILE A N   1 
ATOM   214  C  CA  . ILE A 1 38  ? 4.939   0.752   -1.208  1.00 45.74 ? 84  ILE A CA  1 
ATOM   215  C  C   . ILE A 1 38  ? 4.873   1.887   -0.188  1.00 48.94 ? 84  ILE A C   1 
ATOM   216  O  O   . ILE A 1 38  ? 5.855   2.589   0.042   1.00 48.56 ? 84  ILE A O   1 
ATOM   217  C  CB  . ILE A 1 38  ? 5.415   -0.542  -0.493  1.00 46.09 ? 84  ILE A CB  1 
ATOM   218  C  CG1 . ILE A 1 38  ? 5.105   -1.773  -1.344  1.00 52.40 ? 84  ILE A CG1 1 
ATOM   219  C  CG2 . ILE A 1 38  ? 4.816   -0.689  0.914   1.00 46.63 ? 84  ILE A CG2 1 
ATOM   220  C  CD1 . ILE A 1 38  ? 5.591   -3.075  -0.718  1.00 55.03 ? 84  ILE A CD1 1 
ATOM   221  N  N   . GLU A 1 39  ? 3.688   2.065   0.389   1.00 47.91 ? 85  GLU A N   1 
ATOM   222  C  CA  . GLU A 1 39  ? 3.515   2.754   1.653   1.00 48.96 ? 85  GLU A CA  1 
ATOM   223  C  C   . GLU A 1 39  ? 2.903   1.736   2.616   1.00 51.92 ? 85  GLU A C   1 
ATOM   224  O  O   . GLU A 1 39  ? 1.930   1.047   2.269   1.00 49.61 ? 85  GLU A O   1 
ATOM   225  C  CB  . GLU A 1 39  ? 2.574   3.947   1.492   1.00 50.06 ? 85  GLU A CB  1 
ATOM   226  C  CG  . GLU A 1 39  ? 3.060   4.975   0.513   1.00 54.17 ? 85  GLU A CG  1 
ATOM   227  C  CD  . GLU A 1 39  ? 3.286   6.315   1.179   1.00 59.21 ? 85  GLU A CD  1 
ATOM   228  O  OE1 . GLU A 1 39  ? 3.754   7.266   0.497   1.00 54.94 ? 85  GLU A OE1 1 
ATOM   229  O  OE2 . GLU A 1 39  ? 3.004   6.397   2.400   1.00 64.93 ? 85  GLU A OE2 1 
ATOM   230  N  N   . ALA A 1 40  ? 3.455   1.627   3.820   1.00 47.52 ? 86  ALA A N   1 
ATOM   231  C  CA  . ALA A 1 40  ? 2.884   0.711   4.800   1.00 50.54 ? 86  ALA A CA  1 
ATOM   232  C  C   . ALA A 1 40  ? 2.921   1.298   6.209   1.00 53.47 ? 86  ALA A C   1 
ATOM   233  O  O   . ALA A 1 40  ? 3.759   2.160   6.517   1.00 50.86 ? 86  ALA A O   1 
ATOM   234  C  CB  . ALA A 1 40  ? 3.582   -0.651  4.748   1.00 49.17 ? 86  ALA A CB  1 
ATOM   235  N  N   . GLU A 1 41  ? 1.994   0.847   7.052   1.00 51.08 ? 87  GLU A N   1 
ATOM   236  C  CA  . GLU A 1 41  ? 1.966   1.224   8.475   1.00 56.27 ? 87  GLU A CA  1 
ATOM   237  C  C   . GLU A 1 41  ? 1.493   0.019   9.280   1.00 56.35 ? 87  GLU A C   1 
ATOM   238  O  O   . GLU A 1 41  ? 0.695   -0.797  8.793   1.00 51.38 ? 87  GLU A O   1 
ATOM   239  C  CB  . GLU A 1 41  ? 0.999   2.405   8.738   1.00 53.52 ? 87  GLU A CB  1 
ATOM   240  C  CG  . GLU A 1 41  ? 1.651   3.790   8.957   1.00 64.13 ? 87  GLU A CG  1 
ATOM   241  C  CD  . GLU A 1 41  ? 2.248   4.004   10.366  1.00 67.31 ? 87  GLU A CD  1 
ATOM   242  O  OE1 . GLU A 1 41  ? 2.523   3.011   11.099  1.00 63.52 ? 87  GLU A OE1 1 
ATOM   243  O  OE2 . GLU A 1 41  ? 2.460   5.186   10.743  1.00 68.10 ? 87  GLU A OE2 1 
ATOM   244  N  N   . VAL A 1 42  ? 1.970   -0.087  10.515  1.00 58.00 ? 88  VAL A N   1 
ATOM   245  C  CA  . VAL A 1 42  ? 1.430   -1.074  11.430  1.00 56.58 ? 88  VAL A CA  1 
ATOM   246  C  C   . VAL A 1 42  ? 0.333   -0.393  12.223  1.00 61.32 ? 88  VAL A C   1 
ATOM   247  O  O   . VAL A 1 42  ? 0.563   0.655   12.831  1.00 61.09 ? 88  VAL A O   1 
ATOM   248  C  CB  . VAL A 1 42  ? 2.497   -1.620  12.380  1.00 54.16 ? 88  VAL A CB  1 
ATOM   249  C  CG1 . VAL A 1 42  ? 1.870   -2.581  13.377  1.00 58.91 ? 88  VAL A CG1 1 
ATOM   250  C  CG2 . VAL A 1 42  ? 3.581   -2.301  11.576  1.00 56.41 ? 88  VAL A CG2 1 
ATOM   251  N  N   . ILE A 1 43  ? -0.857  -0.983  12.195  1.00 62.21 ? 89  ILE A N   1 
ATOM   252  C  CA  . ILE A 1 43  ? -2.001  -0.451  12.932  1.00 66.50 ? 89  ILE A CA  1 
ATOM   253  C  C   . ILE A 1 43  ? -2.427  -1.435  14.032  1.00 68.67 ? 89  ILE A C   1 
ATOM   254  O  O   . ILE A 1 43  ? -2.212  -2.649  13.913  1.00 68.61 ? 89  ILE A O   1 
ATOM   255  C  CB  . ILE A 1 43  ? -3.161  -0.108  11.974  1.00 68.11 ? 89  ILE A CB  1 
ATOM   256  C  CG1 . ILE A 1 43  ? -3.594  -1.342  11.177  1.00 63.30 ? 89  ILE A CG1 1 
ATOM   257  C  CG2 . ILE A 1 43  ? -2.722  0.982   11.000  1.00 65.66 ? 89  ILE A CG2 1 
ATOM   258  C  CD1 . ILE A 1 43  ? -4.774  -1.095  10.268  1.00 58.81 ? 89  ILE A CD1 1 
ATOM   259  N  N   . PRO A 1 44  ? -3.013  -0.914  15.122  1.00 74.49 ? 90  PRO A N   1 
ATOM   260  C  CA  . PRO A 1 44  ? -3.270  -1.734  16.319  1.00 76.47 ? 90  PRO A CA  1 
ATOM   261  C  C   . PRO A 1 44  ? -4.205  -2.911  16.013  1.00 76.43 ? 90  PRO A C   1 
ATOM   262  O  O   . PRO A 1 44  ? -3.929  -4.068  16.369  1.00 72.60 ? 90  PRO A O   1 
ATOM   263  C  CB  . PRO A 1 44  ? -3.945  -0.746  17.281  1.00 78.19 ? 90  PRO A CB  1 
ATOM   264  C  CG  . PRO A 1 44  ? -4.574  0.289   16.381  1.00 74.82 ? 90  PRO A CG  1 
ATOM   265  C  CD  . PRO A 1 44  ? -3.615  0.430   15.225  1.00 73.69 ? 90  PRO A CD  1 
ATOM   266  N  N   . ALA A 1 45  ? -5.312  -2.599  15.345  1.00 75.11 ? 91  ALA A N   1 
ATOM   267  C  CA  . ALA A 1 45  ? -6.194  -3.619  14.797  1.00 71.36 ? 91  ALA A CA  1 
ATOM   268  C  C   . ALA A 1 45  ? -6.779  -3.087  13.504  1.00 70.79 ? 91  ALA A C   1 
ATOM   269  O  O   . ALA A 1 45  ? -6.800  -1.868  13.286  1.00 68.30 ? 91  ALA A O   1 
ATOM   270  C  CB  . ALA A 1 45  ? -7.300  -3.962  15.786  1.00 73.53 ? 91  ALA A CB  1 
ATOM   271  N  N   . GLU A 1 46  ? -7.248  -3.993  12.646  1.00 66.06 ? 92  GLU A N   1 
ATOM   272  C  CA  . GLU A 1 46  ? -8.004  -3.586  11.481  1.00 65.98 ? 92  GLU A CA  1 
ATOM   273  C  C   . GLU A 1 46  ? -9.235  -2.828  11.959  1.00 70.64 ? 92  GLU A C   1 
ATOM   274  O  O   . GLU A 1 46  ? -10.081 -3.387  12.664  1.00 77.76 ? 92  GLU A O   1 
ATOM   275  C  CB  . GLU A 1 46  ? -8.442  -4.807  10.657  1.00 69.78 ? 92  GLU A CB  1 
ATOM   276  C  CG  . GLU A 1 46  ? -7.298  -5.552  9.951   1.00 68.65 ? 92  GLU A CG  1 
ATOM   277  C  CD  . GLU A 1 46  ? -7.800  -6.687  9.059   1.00 71.19 ? 92  GLU A CD  1 
ATOM   278  O  OE1 . GLU A 1 46  ? -6.999  -7.585  8.706   1.00 69.68 ? 92  GLU A OE1 1 
ATOM   279  O  OE2 . GLU A 1 46  ? -9.005  -6.679  8.709   1.00 76.39 ? 92  GLU A OE2 1 
ATOM   280  N  N   . THR A 1 47  ? -9.335  -1.551  11.617  1.00 67.10 ? 93  THR A N   1 
ATOM   281  C  CA  . THR A 1 47  ? -10.581 -0.826  11.873  1.00 67.31 ? 93  THR A CA  1 
ATOM   282  C  C   . THR A 1 47  ? -10.869 0.147   10.733  1.00 61.44 ? 93  THR A C   1 
ATOM   283  O  O   . THR A 1 47  ? -9.935  0.650   10.099  1.00 56.93 ? 93  THR A O   1 
ATOM   284  C  CB  . THR A 1 47  ? -10.575 -0.093  13.252  1.00 65.71 ? 93  THR A CB  1 
ATOM   285  O  OG1 . THR A 1 47  ? -9.601  0.956   13.250  1.00 67.79 ? 93  THR A OG1 1 
ATOM   286  C  CG2 . THR A 1 47  ? -10.268 -1.061  14.388  1.00 70.57 ? 93  THR A CG2 1 
ATOM   287  N  N   . GLY A 1 48  ? -12.152 0.388   10.462  1.00 62.97 ? 94  GLY A N   1 
ATOM   288  C  CA  . GLY A 1 48  ? -12.547 1.366   9.464   1.00 56.84 ? 94  GLY A CA  1 
ATOM   289  C  C   . GLY A 1 48  ? -11.838 2.680   9.755   1.00 57.10 ? 94  GLY A C   1 
ATOM   290  O  O   . GLY A 1 48  ? -11.349 3.358   8.846   1.00 52.28 ? 94  GLY A O   1 
ATOM   291  N  N   . GLN A 1 49  ? -11.754 3.012   11.035  1.00 52.78 ? 95  GLN A N   1 
ATOM   292  C  CA  . GLN A 1 49  ? -11.117 4.244   11.499  1.00 56.55 ? 95  GLN A CA  1 
ATOM   293  C  C   . GLN A 1 49  ? -9.667  4.376   11.010  1.00 55.60 ? 95  GLN A C   1 
ATOM   294  O  O   . GLN A 1 49  ? -9.215  5.436   10.546  1.00 50.65 ? 95  GLN A O   1 
ATOM   295  C  CB  . GLN A 1 49  ? -11.122 4.208   13.029  1.00 62.96 ? 95  GLN A CB  1 
ATOM   296  C  CG  . GLN A 1 49  ? -10.967 5.536   13.727  1.00 69.85 ? 95  GLN A CG  1 
ATOM   297  C  CD  . GLN A 1 49  ? -12.179 5.854   14.593  1.00 72.69 ? 95  GLN A CD  1 
ATOM   298  O  OE1 . GLN A 1 49  ? -13.263 5.303   14.385  1.00 76.65 ? 95  GLN A OE1 1 
ATOM   299  N  NE2 . GLN A 1 49  ? -12.002 6.745   15.567  1.00 70.36 ? 95  GLN A NE2 1 
ATOM   300  N  N   . GLU A 1 50  ? -8.933  3.281   11.130  1.00 55.69 ? 96  GLU A N   1 
ATOM   301  C  CA  . GLU A 1 50  ? -7.508  3.285   10.839  1.00 54.35 ? 96  GLU A CA  1 
ATOM   302  C  C   . GLU A 1 50  ? -7.269  3.345   9.336   1.00 53.86 ? 96  GLU A C   1 
ATOM   303  O  O   . GLU A 1 50  ? -6.376  4.071   8.862   1.00 49.17 ? 96  GLU A O   1 
ATOM   304  C  CB  . GLU A 1 50  ? -6.867  2.046   11.456  1.00 56.39 ? 96  GLU A CB  1 
ATOM   305  C  CG  . GLU A 1 50  ? -6.742  2.170   12.955  1.00 60.54 ? 96  GLU A CG  1 
ATOM   306  C  CD  . GLU A 1 50  ? -5.837  3.330   13.330  1.00 67.69 ? 96  GLU A CD  1 
ATOM   307  O  OE1 . GLU A 1 50  ? -4.732  3.431   12.747  1.00 66.25 ? 96  GLU A OE1 1 
ATOM   308  O  OE2 . GLU A 1 50  ? -6.232  4.153   14.190  1.00 73.74 ? 96  GLU A OE2 1 
ATOM   309  N  N   . THR A 1 51  ? -8.080  2.586   8.600   1.00 49.90 ? 97  THR A N   1 
ATOM   310  C  CA  . THR A 1 51  ? -8.044  2.572   7.145   1.00 49.26 ? 97  THR A CA  1 
ATOM   311  C  C   . THR A 1 51  ? -8.422  3.953   6.590   1.00 50.85 ? 97  THR A C   1 
ATOM   312  O  O   . THR A 1 51  ? -7.746  4.467   5.696   1.00 47.22 ? 97  THR A O   1 
ATOM   313  C  CB  . THR A 1 51  ? -9.008  1.500   6.584   1.00 53.89 ? 97  THR A CB  1 
ATOM   314  O  OG1 . THR A 1 51  ? -8.620  0.215   7.087   1.00 55.06 ? 97  THR A OG1 1 
ATOM   315  C  CG2 . THR A 1 51  ? -8.965  1.465   5.057   1.00 56.39 ? 97  THR A CG2 1 
ATOM   316  N  N   . ALA A 1 52  ? -9.505  4.543   7.102   1.00 48.51 ? 98  ALA A N   1 
ATOM   317  C  CA  . ALA A 1 52  ? -9.940  5.872   6.659   1.00 47.90 ? 98  ALA A CA  1 
ATOM   318  C  C   . ALA A 1 52  ? -8.787  6.840   6.808   1.00 48.14 ? 98  ALA A C   1 
ATOM   319  O  O   . ALA A 1 52  ? -8.443  7.558   5.864   1.00 48.51 ? 98  ALA A O   1 
ATOM   320  C  CB  . ALA A 1 52  ? -11.125 6.351   7.480   1.00 44.74 ? 98  ALA A CB  1 
ATOM   321  N  N   . TYR A 1 53  ? -8.187  6.854   8.000   1.00 46.18 ? 99  TYR A N   1 
ATOM   322  C  CA  . TYR A 1 53  ? -7.092  7.760   8.301   1.00 44.90 ? 99  TYR A CA  1 
ATOM   323  C  C   . TYR A 1 53  ? -5.868  7.507   7.395   1.00 45.99 ? 99  TYR A C   1 
ATOM   324  O  O   . TYR A 1 53  ? -5.262  8.450   6.902   1.00 45.56 ? 99  TYR A O   1 
ATOM   325  C  CB  . TYR A 1 53  ? -6.710  7.689   9.790   1.00 48.85 ? 99  TYR A CB  1 
ATOM   326  C  CG  . TYR A 1 53  ? -5.678  8.717   10.185  1.00 49.39 ? 99  TYR A CG  1 
ATOM   327  C  CD1 . TYR A 1 53  ? -5.995  10.070  10.215  1.00 49.52 ? 99  TYR A CD1 1 
ATOM   328  C  CD2 . TYR A 1 53  ? -4.390  8.337   10.523  1.00 54.17 ? 99  TYR A CD2 1 
ATOM   329  C  CE1 . TYR A 1 53  ? -5.046  11.026  10.564  1.00 48.89 ? 99  TYR A CE1 1 
ATOM   330  C  CE2 . TYR A 1 53  ? -3.426  9.289   10.886  1.00 56.33 ? 99  TYR A CE2 1 
ATOM   331  C  CZ  . TYR A 1 53  ? -3.767  10.631  10.900  1.00 53.56 ? 99  TYR A CZ  1 
ATOM   332  O  OH  . TYR A 1 53  ? -2.835  11.581  11.244  1.00 51.98 ? 99  TYR A OH  1 
ATOM   333  N  N   . PHE A 1 54  ? -5.517  6.243   7.170   1.00 43.40 ? 100 PHE A N   1 
ATOM   334  C  CA  . PHE A 1 54  ? -4.428  5.916   6.253   1.00 46.83 ? 100 PHE A CA  1 
ATOM   335  C  C   . PHE A 1 54  ? -4.705  6.459   4.844   1.00 46.60 ? 100 PHE A C   1 
ATOM   336  O  O   . PHE A 1 54  ? -3.828  7.058   4.199   1.00 42.64 ? 100 PHE A O   1 
ATOM   337  C  CB  . PHE A 1 54  ? -4.205  4.401   6.211   1.00 46.51 ? 100 PHE A CB  1 
ATOM   338  C  CG  . PHE A 1 54  ? -3.084  3.972   5.291   1.00 50.88 ? 100 PHE A CG  1 
ATOM   339  C  CD1 . PHE A 1 54  ? -3.334  3.719   3.942   1.00 48.56 ? 100 PHE A CD1 1 
ATOM   340  C  CD2 . PHE A 1 54  ? -1.786  3.801   5.773   1.00 49.83 ? 100 PHE A CD2 1 
ATOM   341  C  CE1 . PHE A 1 54  ? -2.307  3.315   3.091   1.00 51.26 ? 100 PHE A CE1 1 
ATOM   342  C  CE2 . PHE A 1 54  ? -0.752  3.398   4.920   1.00 51.07 ? 100 PHE A CE2 1 
ATOM   343  C  CZ  . PHE A 1 54  ? -1.021  3.160   3.574   1.00 48.49 ? 100 PHE A CZ  1 
ATOM   344  N  N   . LEU A 1 55  ? -5.933  6.258   4.375   1.00 44.27 ? 101 LEU A N   1 
ATOM   345  C  CA  . LEU A 1 55  ? -6.335  6.702   3.037   1.00 41.92 ? 101 LEU A CA  1 
ATOM   346  C  C   . LEU A 1 55  ? -6.246  8.217   2.881   1.00 45.92 ? 101 LEU A C   1 
ATOM   347  O  O   . LEU A 1 55  ? -5.778  8.727   1.842   1.00 42.47 ? 101 LEU A O   1 
ATOM   348  C  CB  . LEU A 1 55  ? -7.758  6.233   2.738   1.00 43.77 ? 101 LEU A CB  1 
ATOM   349  C  CG  . LEU A 1 55  ? -7.889  4.753   2.368   1.00 46.61 ? 101 LEU A CG  1 
ATOM   350  C  CD1 . LEU A 1 55  ? -9.371  4.338   2.441   1.00 48.66 ? 101 LEU A CD1 1 
ATOM   351  C  CD2 . LEU A 1 55  ? -7.324  4.517   0.969   1.00 46.05 ? 101 LEU A CD2 1 
ATOM   352  N  N   . LEU A 1 56  ? -6.715  8.943   3.900   1.00 44.64 ? 102 LEU A N   1 
ATOM   353  C  CA  . LEU A 1 56  ? -6.640  10.405  3.871   1.00 45.10 ? 102 LEU A CA  1 
ATOM   354  C  C   . LEU A 1 56  ? -5.183  10.866  3.739   1.00 46.18 ? 102 LEU A C   1 
ATOM   355  O  O   . LEU A 1 56  ? -4.888  11.829  3.006   1.00 42.79 ? 102 LEU A O   1 
ATOM   356  C  CB  . LEU A 1 56  ? -7.274  11.028  5.121   1.00 47.06 ? 102 LEU A CB  1 
ATOM   357  C  CG  . LEU A 1 56  ? -8.799  11.124  5.246   1.00 53.05 ? 102 LEU A CG  1 
ATOM   358  C  CD1 . LEU A 1 56  ? -9.159  11.917  6.529   1.00 50.91 ? 102 LEU A CD1 1 
ATOM   359  C  CD2 . LEU A 1 56  ? -9.439  11.767  4.012   1.00 47.87 ? 102 LEU A CD2 1 
ATOM   360  N  N   . LYS A 1 57  ? -4.269  10.179  4.431   1.00 44.71 ? 103 LYS A N   1 
ATOM   361  C  CA  . LYS A 1 57  ? -2.854  10.556  4.393   1.00 48.33 ? 103 LYS A CA  1 
ATOM   362  C  C   . LYS A 1 57  ? -2.259  10.210  3.050   1.00 46.96 ? 103 LYS A C   1 
ATOM   363  O  O   . LYS A 1 57  ? -1.520  11.005  2.473   1.00 43.88 ? 103 LYS A O   1 
ATOM   364  C  CB  . LYS A 1 57  ? -2.039  9.872   5.511   1.00 48.41 ? 103 LYS A CB  1 
ATOM   365  C  CG  . LYS A 1 57  ? -2.088  10.607  6.837   1.00 53.14 ? 103 LYS A CG  1 
ATOM   366  C  CD  . LYS A 1 57  ? -1.174  9.945   7.861   1.00 57.01 ? 103 LYS A CD  1 
ATOM   367  C  CE  . LYS A 1 57  ? -1.470  8.456   7.947   1.00 59.91 ? 103 LYS A CE  1 
ATOM   368  N  NZ  . LYS A 1 57  ? -0.604  7.802   8.979   1.00 67.07 ? 103 LYS A NZ  1 
ATOM   369  N  N   . LEU A 1 58  ? -2.578  9.019   2.553   1.00 43.70 ? 104 LEU A N   1 
ATOM   370  C  CA  . LEU A 1 58  ? -2.054  8.564   1.264   1.00 44.39 ? 104 LEU A CA  1 
ATOM   371  C  C   . LEU A 1 58  ? -2.432  9.529   0.138   1.00 44.06 ? 104 LEU A C   1 
ATOM   372  O  O   . LEU A 1 58  ? -1.596  9.937   -0.678  1.00 43.31 ? 104 LEU A O   1 
ATOM   373  C  CB  . LEU A 1 58  ? -2.630  7.179   0.927   1.00 42.02 ? 104 LEU A CB  1 
ATOM   374  C  CG  . LEU A 1 58  ? -2.163  6.619   -0.422  1.00 47.79 ? 104 LEU A CG  1 
ATOM   375  C  CD1 . LEU A 1 58  ? -0.675  6.301   -0.372  1.00 46.43 ? 104 LEU A CD1 1 
ATOM   376  C  CD2 . LEU A 1 58  ? -2.969  5.373   -0.828  1.00 43.24 ? 104 LEU A CD2 1 
ATOM   377  N  N   . ALA A 1 59  ? -3.704  9.893   0.115   1.00 43.87 ? 105 ALA A N   1 
ATOM   378  C  CA  . ALA A 1 59  ? -4.265  10.703  -0.952  1.00 45.74 ? 105 ALA A CA  1 
ATOM   379  C  C   . ALA A 1 59  ? -3.752  12.140  -0.892  1.00 47.63 ? 105 ALA A C   1 
ATOM   380  O  O   . ALA A 1 59  ? -3.770  12.861  -1.890  1.00 45.54 ? 105 ALA A O   1 
ATOM   381  C  CB  . ALA A 1 59  ? -5.771  10.684  -0.870  1.00 43.40 ? 105 ALA A CB  1 
ATOM   382  N  N   . GLY A 1 60  ? -3.294  12.559  0.282   1.00 45.65 ? 106 GLY A N   1 
ATOM   383  C  CA  . GLY A 1 60  ? -2.736  13.899  0.437   1.00 45.84 ? 106 GLY A CA  1 
ATOM   384  C  C   . GLY A 1 60  ? -1.312  13.986  -0.080  1.00 48.84 ? 106 GLY A C   1 
ATOM   385  O  O   . GLY A 1 60  ? -0.765  15.077  -0.255  1.00 45.32 ? 106 GLY A O   1 
ATOM   386  N  N   . ARG A 1 61  ? -0.715  12.827  -0.338  1.00 46.45 ? 107 ARG A N   1 
ATOM   387  C  CA  . ARG A 1 61  ? 0.689   12.754  -0.700  1.00 51.39 ? 107 ARG A CA  1 
ATOM   388  C  C   . ARG A 1 61  ? 0.886   12.373  -2.184  1.00 52.91 ? 107 ARG A C   1 
ATOM   389  O  O   . ARG A 1 61  ? 1.808   12.859  -2.839  1.00 52.66 ? 107 ARG A O   1 
ATOM   390  C  CB  . ARG A 1 61  ? 1.413   11.784  0.267   1.00 51.07 ? 107 ARG A CB  1 
ATOM   391  C  CG  . ARG A 1 61  ? 1.719   12.450  1.648   1.00 56.43 ? 107 ARG A CG  1 
ATOM   392  C  CD  . ARG A 1 61  ? 1.510   11.533  2.857   1.00 61.02 ? 107 ARG A CD  1 
ATOM   393  N  NE  . ARG A 1 61  ? 1.553   12.273  4.134   1.00 61.77 ? 107 ARG A NE  1 
ATOM   394  C  CZ  . ARG A 1 61  ? 0.575   13.057  4.602   1.00 57.07 ? 107 ARG A CZ  1 
ATOM   395  N  NH1 . ARG A 1 61  ? -0.546  13.230  3.890   1.00 50.93 ? 107 ARG A NH1 1 
ATOM   396  N  NH2 . ARG A 1 61  ? 0.720   13.671  5.786   1.00 50.69 ? 107 ARG A NH2 1 
ATOM   397  N  N   . TRP A 1 62  ? -0.011  11.531  -2.697  1.00 48.33 ? 108 TRP A N   1 
ATOM   398  C  CA  . TRP A 1 62  ? 0.057   11.010  -4.067  1.00 49.70 ? 108 TRP A CA  1 
ATOM   399  C  C   . TRP A 1 62  ? -1.297  11.147  -4.718  1.00 48.29 ? 108 TRP A C   1 
ATOM   400  O  O   . TRP A 1 62  ? -2.303  11.188  -4.026  1.00 51.46 ? 108 TRP A O   1 
ATOM   401  C  CB  . TRP A 1 62  ? 0.402   9.521   -4.054  1.00 49.63 ? 108 TRP A CB  1 
ATOM   402  C  CG  . TRP A 1 62  ? 1.750   9.240   -3.517  1.00 49.76 ? 108 TRP A CG  1 
ATOM   403  C  CD1 . TRP A 1 62  ? 2.057   8.664   -2.313  1.00 47.92 ? 108 TRP A CD1 1 
ATOM   404  C  CD2 . TRP A 1 62  ? 2.998   9.520   -4.164  1.00 50.80 ? 108 TRP A CD2 1 
ATOM   405  N  NE1 . TRP A 1 62  ? 3.428   8.580   -2.173  1.00 52.42 ? 108 TRP A NE1 1 
ATOM   406  C  CE2 . TRP A 1 62  ? 4.026   9.092   -3.294  1.00 52.46 ? 108 TRP A CE2 1 
ATOM   407  C  CE3 . TRP A 1 62  ? 3.343   10.089  -5.391  1.00 50.86 ? 108 TRP A CE3 1 
ATOM   408  C  CZ2 . TRP A 1 62  ? 5.377   9.220   -3.615  1.00 52.75 ? 108 TRP A CZ2 1 
ATOM   409  C  CZ3 . TRP A 1 62  ? 4.688   10.217  -5.710  1.00 53.58 ? 108 TRP A CZ3 1 
ATOM   410  C  CH2 . TRP A 1 62  ? 5.688   9.783   -4.825  1.00 54.69 ? 108 TRP A CH2 1 
ATOM   411  N  N   . PRO A 1 63  ? -1.332  11.219  -6.060  1.00 51.82 ? 109 PRO A N   1 
ATOM   412  C  CA  . PRO A 1 63  ? -2.624  11.307  -6.746  1.00 52.64 ? 109 PRO A CA  1 
ATOM   413  C  C   . PRO A 1 63  ? -3.329  9.944   -6.762  1.00 54.48 ? 109 PRO A C   1 
ATOM   414  O  O   . PRO A 1 63  ? -3.041  9.116   -7.634  1.00 61.12 ? 109 PRO A O   1 
ATOM   415  C  CB  . PRO A 1 63  ? -2.243  11.743  -8.178  1.00 57.34 ? 109 PRO A CB  1 
ATOM   416  C  CG  . PRO A 1 63  ? -0.834  11.298  -8.363  1.00 54.85 ? 109 PRO A CG  1 
ATOM   417  C  CD  . PRO A 1 63  ? -0.183  11.326  -6.984  1.00 54.75 ? 109 PRO A CD  1 
ATOM   418  N  N   . VAL A 1 64  ? -4.239  9.719   -5.817  1.00 48.96 ? 110 VAL A N   1 
ATOM   419  C  CA  . VAL A 1 64  ? -4.947  8.440   -5.722  1.00 49.66 ? 110 VAL A CA  1 
ATOM   420  C  C   . VAL A 1 64  ? -6.289  8.535   -6.423  1.00 52.41 ? 110 VAL A C   1 
ATOM   421  O  O   . VAL A 1 64  ? -7.186  9.265   -5.959  1.00 48.47 ? 110 VAL A O   1 
ATOM   422  C  CB  . VAL A 1 64  ? -5.166  8.027   -4.235  1.00 51.72 ? 110 VAL A CB  1 
ATOM   423  C  CG1 . VAL A 1 64  ? -5.845  6.660   -4.146  1.00 46.57 ? 110 VAL A CG1 1 
ATOM   424  C  CG2 . VAL A 1 64  ? -3.825  8.009   -3.487  1.00 45.13 ? 110 VAL A CG2 1 
ATOM   425  N  N   . LYS A 1 65  ? -6.443  7.814   -7.533  1.00 50.28 ? 111 LYS A N   1 
ATOM   426  C  CA  . LYS A 1 65  ? -7.723  7.840   -8.257  1.00 55.18 ? 111 LYS A CA  1 
ATOM   427  C  C   . LYS A 1 65  ? -8.604  6.653   -7.903  1.00 54.23 ? 111 LYS A C   1 
ATOM   428  O  O   . LYS A 1 65  ? -9.830  6.776   -7.766  1.00 54.87 ? 111 LYS A O   1 
ATOM   429  C  CB  . LYS A 1 65  ? -7.507  7.882   -9.789  1.00 54.10 ? 111 LYS A CB  1 
ATOM   430  C  CG  . LYS A 1 65  ? -7.169  9.265   -10.338 1.00 63.63 ? 111 LYS A CG  1 
ATOM   431  C  CD  . LYS A 1 65  ? -5.789  9.287   -11.019 1.00 66.75 ? 111 LYS A CD  1 
ATOM   432  C  CE  . LYS A 1 65  ? -5.533  10.581  -11.792 1.00 76.14 ? 111 LYS A CE  1 
ATOM   433  N  NZ  . LYS A 1 65  ? -5.787  10.437  -13.265 1.00 74.21 ? 111 LYS A NZ  1 
ATOM   434  N  N   . THR A 1 66  ? -7.980  5.495   -7.752  1.00 52.10 ? 112 THR A N   1 
ATOM   435  C  CA  . THR A 1 66  ? -8.744  4.266   -7.621  1.00 55.78 ? 112 THR A CA  1 
ATOM   436  C  C   . THR A 1 66  ? -8.032  3.340   -6.668  1.00 53.06 ? 112 THR A C   1 
ATOM   437  O  O   . THR A 1 66  ? -6.809  3.201   -6.720  1.00 51.93 ? 112 THR A O   1 
ATOM   438  C  CB  . THR A 1 66  ? -8.882  3.558   -8.988  1.00 56.30 ? 112 THR A CB  1 
ATOM   439  O  OG1 . THR A 1 66  ? -9.516  4.446   -9.916  1.00 57.56 ? 112 THR A OG1 1 
ATOM   440  C  CG2 . THR A 1 66  ? -9.712  2.269   -8.859  1.00 58.27 ? 112 THR A CG2 1 
ATOM   441  N  N   . VAL A 1 67  ? -8.793  2.703   -5.795  1.00 50.96 ? 113 VAL A N   1 
ATOM   442  C  CA  . VAL A 1 67  ? -8.215  1.734   -4.881  1.00 50.39 ? 113 VAL A CA  1 
ATOM   443  C  C   . VAL A 1 67  ? -8.721  0.333   -5.248  1.00 54.92 ? 113 VAL A C   1 
ATOM   444  O  O   . VAL A 1 67  ? -9.917  0.141   -5.499  1.00 56.01 ? 113 VAL A O   1 
ATOM   445  C  CB  . VAL A 1 67  ? -8.516  2.113   -3.421  1.00 51.94 ? 113 VAL A CB  1 
ATOM   446  C  CG1 . VAL A 1 67  ? -8.282  0.927   -2.488  1.00 56.77 ? 113 VAL A CG1 1 
ATOM   447  C  CG2 . VAL A 1 67  ? -7.638  3.294   -2.988  1.00 53.01 ? 113 VAL A CG2 1 
ATOM   448  N  N   . HIS A 1 68  ? -7.791  -0.617  -5.325  1.00 50.95 ? 114 HIS A N   1 
ATOM   449  C  CA  . HIS A 1 68  ? -8.100  -2.036  -5.471  1.00 51.61 ? 114 HIS A CA  1 
ATOM   450  C  C   . HIS A 1 68  ? -7.796  -2.694  -4.119  1.00 51.72 ? 114 HIS A C   1 
ATOM   451  O  O   . HIS A 1 68  ? -7.058  -2.132  -3.303  1.00 49.54 ? 114 HIS A O   1 
ATOM   452  C  CB  . HIS A 1 68  ? -7.234  -2.679  -6.573  1.00 52.23 ? 114 HIS A CB  1 
ATOM   453  C  CG  . HIS A 1 68  ? -7.587  -2.248  -7.966  1.00 58.33 ? 114 HIS A CG  1 
ATOM   454  N  ND1 . HIS A 1 68  ? -8.650  -1.411  -8.248  1.00 63.67 ? 114 HIS A ND1 1 
ATOM   455  C  CD2 . HIS A 1 68  ? -7.024  -2.546  -9.162  1.00 61.61 ? 114 HIS A CD2 1 
ATOM   456  C  CE1 . HIS A 1 68  ? -8.729  -1.220  -9.553  1.00 63.04 ? 114 HIS A CE1 1 
ATOM   457  N  NE2 . HIS A 1 68  ? -7.749  -1.896  -10.130 1.00 63.69 ? 114 HIS A NE2 1 
ATOM   458  N  N   . THR A 1 69  ? -8.370  -3.867  -3.875  1.00 48.49 ? 115 THR A N   1 
ATOM   459  C  CA  . THR A 1 69  ? -8.088  -4.633  -2.662  1.00 50.16 ? 115 THR A CA  1 
ATOM   460  C  C   . THR A 1 69  ? -8.419  -6.119  -2.902  1.00 49.99 ? 115 THR A C   1 
ATOM   461  O  O   . THR A 1 69  ? -9.093  -6.448  -3.887  1.00 48.39 ? 115 THR A O   1 
ATOM   462  C  CB  . THR A 1 69  ? -8.879  -4.087  -1.452  1.00 51.02 ? 115 THR A CB  1 
ATOM   463  O  OG1 . THR A 1 69  ? -8.489  -4.781  -0.257  1.00 47.11 ? 115 THR A OG1 1 
ATOM   464  C  CG2 . THR A 1 69  ? -10.419 -4.249  -1.666  1.00 50.07 ? 115 THR A CG2 1 
ATOM   465  N  N   . ASP A 1 70  ? -7.905  -7.002  -2.047  1.00 44.37 ? 116 ASP A N   1 
ATOM   466  C  CA  . ASP A 1 70  ? -8.265  -8.418  -2.093  1.00 54.44 ? 116 ASP A CA  1 
ATOM   467  C  C   . ASP A 1 70  ? -9.328  -8.718  -1.028  1.00 51.71 ? 116 ASP A C   1 
ATOM   468  O  O   . ASP A 1 70  ? -9.731  -9.863  -0.830  1.00 51.52 ? 116 ASP A O   1 
ATOM   469  C  CB  . ASP A 1 70  ? -7.030  -9.329  -1.926  1.00 53.80 ? 116 ASP A CB  1 
ATOM   470  C  CG  . ASP A 1 70  ? -6.238  -9.504  -3.235  1.00 63.08 ? 116 ASP A CG  1 
ATOM   471  O  OD1 . ASP A 1 70  ? -6.760  -9.145  -4.310  1.00 62.72 ? 116 ASP A OD1 1 
ATOM   472  O  OD2 . ASP A 1 70  ? -5.089  -10.006 -3.192  1.00 68.33 ? 116 ASP A OD2 1 
ATOM   473  N  N   . ASN A 1 71  ? -9.750  -7.670  -0.325  1.00 48.80 ? 117 ASN A N   1 
ATOM   474  C  CA  . ASN A 1 71  ? -10.817 -7.764  0.665   1.00 46.19 ? 117 ASN A CA  1 
ATOM   475  C  C   . ASN A 1 71  ? -11.730 -6.537  0.599   1.00 46.11 ? 117 ASN A C   1 
ATOM   476  O  O   . ASN A 1 71  ? -11.551 -5.572  1.357   1.00 47.62 ? 117 ASN A O   1 
ATOM   477  C  CB  . ASN A 1 71  ? -10.263 -7.939  2.087   1.00 47.00 ? 117 ASN A CB  1 
ATOM   478  C  CG  . ASN A 1 71  ? -11.371 -8.221  3.121   1.00 51.65 ? 117 ASN A CG  1 
ATOM   479  O  OD1 . ASN A 1 71  ? -12.552 -7.946  2.873   1.00 48.37 ? 117 ASN A OD1 1 
ATOM   480  N  ND2 . ASN A 1 71  ? -10.988 -8.763  4.288   1.00 50.39 ? 117 ASN A ND2 1 
ATOM   481  N  N   . GLY A 1 72  ? -12.713 -6.592  -0.297  1.00 47.67 ? 118 GLY A N   1 
ATOM   482  C  CA  . GLY A 1 72  ? -13.642 -5.496  -0.507  1.00 44.59 ? 118 GLY A CA  1 
ATOM   483  C  C   . GLY A 1 72  ? -14.352 -5.039  0.752   1.00 49.40 ? 118 GLY A C   1 
ATOM   484  O  O   . GLY A 1 72  ? -14.631 -3.840  0.911   1.00 50.37 ? 118 GLY A O   1 
ATOM   485  N  N   . SER A 1 73  ? -14.673 -5.966  1.650   1.00 47.23 ? 119 SER A N   1 
ATOM   486  C  CA  . SER A 1 73  ? -15.410 -5.568  2.849   1.00 46.97 ? 119 SER A CA  1 
ATOM   487  C  C   . SER A 1 73  ? -14.659 -4.518  3.682   1.00 51.14 ? 119 SER A C   1 
ATOM   488  O  O   . SER A 1 73  ? -15.274 -3.755  4.423   1.00 49.76 ? 119 SER A O   1 
ATOM   489  C  CB  . SER A 1 73  ? -15.792 -6.774  3.713   1.00 49.15 ? 119 SER A CB  1 
ATOM   490  O  OG  . SER A 1 73  ? -14.662 -7.388  4.309   1.00 48.73 ? 119 SER A OG  1 
ATOM   491  N  N   . ASN A 1 74  ? -13.337 -4.451  3.553   1.00 52.27 ? 120 ASN A N   1 
ATOM   492  C  CA  . ASN A 1 74  ? -12.592 -3.518  4.411   1.00 55.58 ? 120 ASN A CA  1 
ATOM   493  C  C   . ASN A 1 74  ? -12.852 -2.048  4.052   1.00 55.38 ? 120 ASN A C   1 
ATOM   494  O  O   . ASN A 1 74  ? -12.445 -1.143  4.783   1.00 59.20 ? 120 ASN A O   1 
ATOM   495  C  CB  . ASN A 1 74  ? -11.089 -3.856  4.454   1.00 57.48 ? 120 ASN A CB  1 
ATOM   496  C  CG  . ASN A 1 74  ? -10.784 -5.022  5.394   1.00 58.23 ? 120 ASN A CG  1 
ATOM   497  O  OD1 . ASN A 1 74  ? -11.459 -5.211  6.427   1.00 61.24 ? 120 ASN A OD1 1 
ATOM   498  N  ND2 . ASN A 1 74  ? -9.785  -5.813  5.043   1.00 55.35 ? 120 ASN A ND2 1 
ATOM   499  N  N   . PHE A 1 75  ? -13.579 -1.826  2.959   1.00 51.05 ? 121 PHE A N   1 
ATOM   500  C  CA  . PHE A 1 75  ? -13.875 -0.480  2.495   1.00 52.60 ? 121 PHE A CA  1 
ATOM   501  C  C   . PHE A 1 75  ? -15.360 -0.091  2.541   1.00 56.69 ? 121 PHE A C   1 
ATOM   502  O  O   . PHE A 1 75  ? -15.826 0.769   1.782   1.00 58.50 ? 121 PHE A O   1 
ATOM   503  C  CB  . PHE A 1 75  ? -13.276 -0.309  1.105   1.00 56.13 ? 121 PHE A CB  1 
ATOM   504  C  CG  . PHE A 1 75  ? -11.784 -0.443  1.110   1.00 61.03 ? 121 PHE A CG  1 
ATOM   505  C  CD1 . PHE A 1 75  ? -10.979 0.640   1.431   1.00 58.24 ? 121 PHE A CD1 1 
ATOM   506  C  CD2 . PHE A 1 75  ? -11.183 -1.672  0.890   1.00 61.27 ? 121 PHE A CD2 1 
ATOM   507  C  CE1 . PHE A 1 75  ? -9.617  0.521   1.469   1.00 58.89 ? 121 PHE A CE1 1 
ATOM   508  C  CE2 . PHE A 1 75  ? -9.785  -1.795  0.933   1.00 60.95 ? 121 PHE A CE2 1 
ATOM   509  C  CZ  . PHE A 1 75  ? -9.016  -0.699  1.230   1.00 57.22 ? 121 PHE A CZ  1 
ATOM   510  N  N   . THR A 1 76  ? -16.097 -0.698  3.461   1.00 54.65 ? 122 THR A N   1 
ATOM   511  C  CA  . THR A 1 76  ? -17.553 -0.483  3.519   1.00 56.60 ? 122 THR A CA  1 
ATOM   512  C  C   . THR A 1 76  ? -18.019 0.348   4.714   1.00 57.56 ? 122 THR A C   1 
ATOM   513  O  O   . THR A 1 76  ? -19.173 0.779   4.755   1.00 62.70 ? 122 THR A O   1 
ATOM   514  C  CB  . THR A 1 76  ? -18.326 -1.809  3.526   1.00 57.91 ? 122 THR A CB  1 
ATOM   515  O  OG1 . THR A 1 76  ? -17.964 -2.548  4.700   1.00 58.78 ? 122 THR A OG1 1 
ATOM   516  C  CG2 . THR A 1 76  ? -18.003 -2.630  2.271   1.00 53.58 ? 122 THR A CG2 1 
ATOM   517  N  N   . SER A 1 77  ? -17.143 0.571   5.691   1.00 53.61 ? 123 SER A N   1 
ATOM   518  C  CA  . SER A 1 77  ? -17.544 1.348   6.861   1.00 54.01 ? 123 SER A CA  1 
ATOM   519  C  C   . SER A 1 77  ? -17.841 2.792   6.475   1.00 59.58 ? 123 SER A C   1 
ATOM   520  O  O   . SER A 1 77  ? -17.376 3.281   5.436   1.00 58.06 ? 123 SER A O   1 
ATOM   521  C  CB  . SER A 1 77  ? -16.461 1.333   7.940   1.00 57.99 ? 123 SER A CB  1 
ATOM   522  O  OG  . SER A 1 77  ? -15.278 1.969   7.482   1.00 61.23 ? 123 SER A OG  1 
ATOM   523  N  N   . ALA A 1 78  ? -18.617 3.470   7.313   1.00 55.96 ? 124 ALA A N   1 
ATOM   524  C  CA  . ALA A 1 78  ? -18.904 4.880   7.120   1.00 55.88 ? 124 ALA A CA  1 
ATOM   525  C  C   . ALA A 1 78  ? -17.617 5.728   7.160   1.00 53.22 ? 124 ALA A C   1 
ATOM   526  O  O   . ALA A 1 78  ? -17.468 6.681   6.394   1.00 54.70 ? 124 ALA A O   1 
ATOM   527  C  CB  . ALA A 1 78  ? -19.924 5.360   8.167   1.00 58.44 ? 124 ALA A CB  1 
ATOM   528  N  N   . THR A 1 79  ? -16.677 5.387   8.033   1.00 54.60 ? 125 THR A N   1 
ATOM   529  C  CA  . THR A 1 79  ? -15.435 6.164   8.103   1.00 54.10 ? 125 THR A CA  1 
ATOM   530  C  C   . THR A 1 79  ? -14.679 6.104   6.781   1.00 50.68 ? 125 THR A C   1 
ATOM   531  O  O   . THR A 1 79  ? -14.250 7.141   6.271   1.00 49.06 ? 125 THR A O   1 
ATOM   532  C  CB  . THR A 1 79  ? -14.511 5.710   9.245   1.00 52.81 ? 125 THR A CB  1 
ATOM   533  O  OG1 . THR A 1 79  ? -14.377 4.292   9.202   1.00 52.23 ? 125 THR A OG1 1 
ATOM   534  C  CG2 . THR A 1 79  ? -15.070 6.129   10.588  1.00 55.39 ? 125 THR A CG2 1 
ATOM   535  N  N   . VAL A 1 80  ? -14.521 4.897   6.229   1.00 49.19 ? 126 VAL A N   1 
ATOM   536  C  CA  . VAL A 1 80  ? -13.789 4.712   4.971   1.00 49.16 ? 126 VAL A CA  1 
ATOM   537  C  C   . VAL A 1 80  ? -14.505 5.305   3.756   1.00 52.13 ? 126 VAL A C   1 
ATOM   538  O  O   . VAL A 1 80  ? -13.848 5.859   2.868   1.00 49.17 ? 126 VAL A O   1 
ATOM   539  C  CB  . VAL A 1 80  ? -13.464 3.222   4.686   1.00 52.82 ? 126 VAL A CB  1 
ATOM   540  C  CG1 . VAL A 1 80  ? -12.844 3.066   3.293   1.00 49.81 ? 126 VAL A CG1 1 
ATOM   541  C  CG2 . VAL A 1 80  ? -12.546 2.661   5.772   1.00 49.94 ? 126 VAL A CG2 1 
ATOM   542  N  N   . LYS A 1 81  ? -15.836 5.183   3.712   1.00 49.91 ? 127 LYS A N   1 
ATOM   543  C  CA  . LYS A 1 81  ? -16.643 5.828   2.665   1.00 51.43 ? 127 LYS A CA  1 
ATOM   544  C  C   . LYS A 1 81  ? -16.445 7.334   2.681   1.00 49.61 ? 127 LYS A C   1 
ATOM   545  O  O   . LYS A 1 81  ? -16.320 7.964   1.628   1.00 50.73 ? 127 LYS A O   1 
ATOM   546  C  CB  . LYS A 1 81  ? -18.141 5.576   2.870   1.00 53.97 ? 127 LYS A CB  1 
ATOM   547  C  CG  . LYS A 1 81  ? -18.567 4.123   2.867   1.00 57.34 ? 127 LYS A CG  1 
ATOM   548  C  CD  . LYS A 1 81  ? -18.410 3.498   1.494   1.00 63.49 ? 127 LYS A CD  1 
ATOM   549  C  CE  . LYS A 1 81  ? -19.379 2.330   1.372   1.00 71.75 ? 127 LYS A CE  1 
ATOM   550  N  NZ  . LYS A 1 81  ? -20.632 2.637   2.136   1.00 72.94 ? 127 LYS A NZ  1 
ATOM   551  N  N   . ALA A 1 82  ? -16.453 7.901   3.887   1.00 50.87 ? 128 ALA A N   1 
ATOM   552  C  CA  . ALA A 1 82  ? -16.221 9.329   4.079   1.00 49.80 ? 128 ALA A CA  1 
ATOM   553  C  C   . ALA A 1 82  ? -14.875 9.749   3.497   1.00 50.09 ? 128 ALA A C   1 
ATOM   554  O  O   . ALA A 1 82  ? -14.772 10.792  2.835   1.00 46.50 ? 128 ALA A O   1 
ATOM   555  C  CB  . ALA A 1 82  ? -16.261 9.672   5.545   1.00 47.95 ? 128 ALA A CB  1 
ATOM   556  N  N   . ALA A 1 83  ? -13.844 8.944   3.748   1.00 43.55 ? 129 ALA A N   1 
ATOM   557  C  CA  . ALA A 1 83  ? -12.488 9.276   3.283   1.00 45.09 ? 129 ALA A CA  1 
ATOM   558  C  C   . ALA A 1 83  ? -12.385 9.287   1.768   1.00 46.38 ? 129 ALA A C   1 
ATOM   559  O  O   . ALA A 1 83  ? -11.787 10.196  1.190   1.00 44.25 ? 129 ALA A O   1 
ATOM   560  C  CB  . ALA A 1 83  ? -11.459 8.309   3.862   1.00 46.69 ? 129 ALA A CB  1 
HETATM 561  N  N   . CAF A 1 84  ? -12.943 8.258   1.127   1.00 43.25 ? 130 CAF A N   1 
HETATM 562  C  CA  . CAF A 1 84  ? -12.904 8.142   -0.332  1.00 45.89 ? 130 CAF A CA  1 
HETATM 563  C  CB  . CAF A 1 84  ? -13.391 6.788   -0.821  1.00 49.07 ? 130 CAF A CB  1 
HETATM 564  C  C   . CAF A 1 84  ? -13.769 9.216   -0.941  1.00 48.30 ? 130 CAF A C   1 
HETATM 565  O  O   . CAF A 1 84  ? -13.400 9.824   -1.956  1.00 48.38 ? 130 CAF A O   1 
HETATM 566  S  SG  . CAF A 1 84  ? -12.191 5.630   -0.282  1.00 51.49 ? 130 CAF A SG  1 
HETATM 567  AS AS  . CAF A 1 84  ? -13.012 3.696   -1.073  1.00 66.77 ? 130 CAF A AS  1 
HETATM 568  C  CE1 . CAF A 1 84  ? -11.374 2.768   -0.504  1.00 65.96 ? 130 CAF A CE1 1 
HETATM 569  O  O1  . CAF A 1 84  ? -14.084 3.195   0.519   1.00 68.91 ? 130 CAF A O1  1 
ATOM   570  N  N   . TRP A 1 85  ? -14.930 9.460   -0.334  1.00 46.25 ? 131 TRP A N   1 
ATOM   571  C  CA  . TRP A 1 85  ? -15.789 10.554  -0.773  1.00 50.40 ? 131 TRP A CA  1 
ATOM   572  C  C   . TRP A 1 85  ? -15.059 11.894  -0.724  1.00 49.20 ? 131 TRP A C   1 
ATOM   573  O  O   . TRP A 1 85  ? -15.074 12.663  -1.698  1.00 48.59 ? 131 TRP A O   1 
ATOM   574  C  CB  . TRP A 1 85  ? -17.090 10.641  0.052   1.00 52.00 ? 131 TRP A CB  1 
ATOM   575  C  CG  . TRP A 1 85  ? -17.821 11.963  -0.172  1.00 54.27 ? 131 TRP A CG  1 
ATOM   576  C  CD1 . TRP A 1 85  ? -18.650 12.273  -1.212  1.00 51.74 ? 131 TRP A CD1 1 
ATOM   577  C  CD2 . TRP A 1 85  ? -17.749 13.148  0.648   1.00 51.09 ? 131 TRP A CD2 1 
ATOM   578  N  NE1 . TRP A 1 85  ? -19.103 13.567  -1.090  1.00 50.33 ? 131 TRP A NE1 1 
ATOM   579  C  CE2 . TRP A 1 85  ? -18.566 14.125  0.042   1.00 54.22 ? 131 TRP A CE2 1 
ATOM   580  C  CE3 . TRP A 1 85  ? -17.075 13.470  1.839   1.00 55.48 ? 131 TRP A CE3 1 
ATOM   581  C  CZ2 . TRP A 1 85  ? -18.731 15.407  0.584   1.00 55.13 ? 131 TRP A CZ2 1 
ATOM   582  C  CZ3 . TRP A 1 85  ? -17.235 14.749  2.377   1.00 55.36 ? 131 TRP A CZ3 1 
ATOM   583  C  CH2 . TRP A 1 85  ? -18.062 15.699  1.746   1.00 56.72 ? 131 TRP A CH2 1 
ATOM   584  N  N   . TRP A 1 86  ? -14.419 12.183  0.401   1.00 45.22 ? 132 TRP A N   1 
ATOM   585  C  CA  . TRP A 1 86  ? -13.767 13.475  0.557   1.00 45.15 ? 132 TRP A CA  1 
ATOM   586  C  C   . TRP A 1 86  ? -12.602 13.607  -0.401  1.00 45.74 ? 132 TRP A C   1 
ATOM   587  O  O   . TRP A 1 86  ? -12.419 14.665  -1.006  1.00 45.10 ? 132 TRP A O   1 
ATOM   588  C  CB  . TRP A 1 86  ? -13.313 13.718  2.002   1.00 44.50 ? 132 TRP A CB  1 
ATOM   589  C  CG  . TRP A 1 86  ? -12.853 15.134  2.224   1.00 45.10 ? 132 TRP A CG  1 
ATOM   590  C  CD1 . TRP A 1 86  ? -13.647 16.210  2.527   1.00 46.54 ? 132 TRP A CD1 1 
ATOM   591  C  CD2 . TRP A 1 86  ? -11.508 15.636  2.143   1.00 44.82 ? 132 TRP A CD2 1 
ATOM   592  N  NE1 . TRP A 1 86  ? -12.875 17.346  2.645   1.00 48.42 ? 132 TRP A NE1 1 
ATOM   593  C  CE2 . TRP A 1 86  ? -11.563 17.024  2.416   1.00 46.92 ? 132 TRP A CE2 1 
ATOM   594  C  CE3 . TRP A 1 86  ? -10.266 15.051  1.864   1.00 45.06 ? 132 TRP A CE3 1 
ATOM   595  C  CZ2 . TRP A 1 86  ? -10.418 17.835  2.429   1.00 45.35 ? 132 TRP A CZ2 1 
ATOM   596  C  CZ3 . TRP A 1 86  ? -9.126  15.856  1.890   1.00 46.41 ? 132 TRP A CZ3 1 
ATOM   597  C  CH2 . TRP A 1 86  ? -9.217  17.236  2.169   1.00 48.71 ? 132 TRP A CH2 1 
ATOM   598  N  N   . ALA A 1 87  ? -11.826 12.538  -0.570  1.00 43.69 ? 133 ALA A N   1 
ATOM   599  C  CA  . ALA A 1 87  ? -10.633 12.630  -1.409  1.00 45.36 ? 133 ALA A CA  1 
ATOM   600  C  C   . ALA A 1 87  ? -10.908 12.395  -2.890  1.00 48.36 ? 133 ALA A C   1 
ATOM   601  O  O   . ALA A 1 87  ? -10.009 12.536  -3.715  1.00 48.41 ? 133 ALA A O   1 
ATOM   602  C  CB  . ALA A 1 87  ? -9.533  11.691  -0.908  1.00 49.50 ? 133 ALA A CB  1 
ATOM   603  N  N   . GLY A 1 88  ? -12.143 12.030  -3.227  1.00 49.06 ? 134 GLY A N   1 
ATOM   604  C  CA  . GLY A 1 88  ? -12.507 11.843  -4.619  1.00 47.53 ? 134 GLY A CA  1 
ATOM   605  C  C   . GLY A 1 88  ? -12.004 10.522  -5.168  1.00 53.73 ? 134 GLY A C   1 
ATOM   606  O  O   . GLY A 1 88  ? -11.663 10.420  -6.347  1.00 52.36 ? 134 GLY A O   1 
ATOM   607  N  N   . ILE A 1 89  ? -11.965 9.503   -4.313  1.00 52.96 ? 135 ILE A N   1 
ATOM   608  C  CA  . ILE A 1 89  ? -11.446 8.194   -4.700  1.00 53.02 ? 135 ILE A CA  1 
ATOM   609  C  C   . ILE A 1 89  ? -12.587 7.234   -5.043  1.00 54.97 ? 135 ILE A C   1 
ATOM   610  O  O   . ILE A 1 89  ? -13.527 7.084   -4.269  1.00 52.81 ? 135 ILE A O   1 
ATOM   611  C  CB  . ILE A 1 89  ? -10.622 7.578   -3.546  1.00 52.65 ? 135 ILE A CB  1 
ATOM   612  C  CG1 . ILE A 1 89  ? -9.376  8.420   -3.276  1.00 49.47 ? 135 ILE A CG1 1 
ATOM   613  C  CG2 . ILE A 1 89  ? -10.229 6.145   -3.861  1.00 52.26 ? 135 ILE A CG2 1 
ATOM   614  C  CD1 . ILE A 1 89  ? -8.699  8.064   -1.955  1.00 52.56 ? 135 ILE A CD1 1 
ATOM   615  N  N   . LYS A 1 90  ? -12.498 6.581   -6.201  1.00 58.89 ? 136 LYS A N   1 
ATOM   616  C  CA  . LYS A 1 90  ? -13.436 5.512   -6.556  1.00 61.68 ? 136 LYS A CA  1 
ATOM   617  C  C   . LYS A 1 90  ? -12.846 4.147   -6.238  1.00 60.78 ? 136 LYS A C   1 
ATOM   618  O  O   . LYS A 1 90  ? -11.632 3.953   -6.307  1.00 59.46 ? 136 LYS A O   1 
ATOM   619  C  CB  . LYS A 1 90  ? -13.806 5.587   -8.033  1.00 69.37 ? 136 LYS A CB  1 
ATOM   620  C  CG  . LYS A 1 90  ? -14.409 6.925   -8.441  1.00 70.11 ? 136 LYS A CG  1 
ATOM   621  C  CD  . LYS A 1 90  ? -15.485 7.374   -7.450  1.00 70.90 ? 136 LYS A CD  1 
ATOM   622  C  CE  . LYS A 1 90  ? -16.267 8.542   -8.027  1.00 74.72 ? 136 LYS A CE  1 
ATOM   623  N  NZ  . LYS A 1 90  ? -16.254 8.512   -9.525  1.00 73.08 ? 136 LYS A NZ  1 
ATOM   624  N  N   . GLN A 1 91  ? -13.689 3.198   -5.852  1.00 69.71 ? 137 GLN A N   1 
ATOM   625  C  CA  . GLN A 1 91  ? -13.180 1.844   -5.596  1.00 71.12 ? 137 GLN A CA  1 
ATOM   626  C  C   . GLN A 1 91  ? -13.638 0.894   -6.694  1.00 72.44 ? 137 GLN A C   1 
ATOM   627  O  O   . GLN A 1 91  ? -14.829 0.810   -7.001  1.00 74.58 ? 137 GLN A O   1 
ATOM   628  C  CB  . GLN A 1 91  ? -13.582 1.334   -4.197  1.00 72.32 ? 137 GLN A CB  1 
ATOM   629  C  CG  . GLN A 1 91  ? -13.705 -0.198  -4.072  1.00 74.39 ? 137 GLN A CG  1 
ATOM   630  C  CD  . GLN A 1 91  ? -12.606 -0.849  -3.225  1.00 71.01 ? 137 GLN A CD  1 
ATOM   631  O  OE1 . GLN A 1 91  ? -12.384 -0.480  -2.061  1.00 70.41 ? 137 GLN A OE1 1 
ATOM   632  N  NE2 . GLN A 1 91  ? -11.924 -1.842  -3.810  1.00 67.48 ? 137 GLN A NE2 1 
ATOM   633  N  N   . GLU A 1 92  ? -12.690 0.206   -7.319  1.00 69.68 ? 138 GLU A N   1 
ATOM   634  C  CA  . GLU A 1 92  ? -13.065 -0.769  -8.331  1.00 73.68 ? 138 GLU A CA  1 
ATOM   635  C  C   . GLU A 1 92  ? -13.838 -1.922  -7.681  1.00 75.77 ? 138 GLU A C   1 
ATOM   636  O  O   . GLU A 1 92  ? -13.551 -2.318  -6.534  1.00 70.35 ? 138 GLU A O   1 
ATOM   637  C  CB  . GLU A 1 92  ? -11.830 -1.326  -9.039  1.00 72.34 ? 138 GLU A CB  1 
ATOM   638  C  CG  . GLU A 1 92  ? -12.136 -2.014  -10.364 1.00 75.63 ? 138 GLU A CG  1 
ATOM   639  C  CD  . GLU A 1 92  ? -12.649 -1.042  -11.424 1.00 83.76 ? 138 GLU A CD  1 
ATOM   640  O  OE1 . GLU A 1 92  ? -12.537 0.192   -11.207 1.00 79.06 ? 138 GLU A OE1 1 
ATOM   641  O  OE2 . GLU A 1 92  ? -13.167 -1.515  -12.471 1.00 86.43 ? 138 GLU A OE2 1 
ATOM   642  N  N   . PHE A 1 93  ? -14.831 -2.438  -8.402  1.00 72.33 ? 139 PHE A N   1 
ATOM   643  C  CA  . PHE A 1 93  ? -15.458 -3.690  -8.026  1.00 70.47 ? 139 PHE A CA  1 
ATOM   644  C  C   . PHE A 1 93  ? -14.501 -4.800  -8.471  1.00 71.37 ? 139 PHE A C   1 
ATOM   645  O  O   . PHE A 1 93  ? -14.131 -4.881  -9.653  1.00 72.95 ? 139 PHE A O   1 
ATOM   646  C  CB  . PHE A 1 93  ? -16.826 -3.840  -8.698  1.00 73.72 ? 139 PHE A CB  1 
ATOM   647  C  CG  . PHE A 1 93  ? -17.644 -4.987  -8.165  1.00 71.21 ? 139 PHE A CG  1 
ATOM   648  C  CD1 . PHE A 1 93  ? -18.753 -4.752  -7.368  1.00 75.29 ? 139 PHE A CD1 1 
ATOM   649  C  CD2 . PHE A 1 93  ? -17.307 -6.297  -8.463  1.00 71.53 ? 139 PHE A CD2 1 
ATOM   650  C  CE1 . PHE A 1 93  ? -19.513 -5.809  -6.881  1.00 72.36 ? 139 PHE A CE1 1 
ATOM   651  C  CE2 . PHE A 1 93  ? -18.060 -7.355  -7.977  1.00 67.58 ? 139 PHE A CE2 1 
ATOM   652  C  CZ  . PHE A 1 93  ? -19.161 -7.108  -7.189  1.00 65.63 ? 139 PHE A CZ  1 
ATOM   653  N  N   . GLY A 1 94  ? -14.081 -5.636  -7.520  1.00 67.49 ? 140 GLY A N   1 
ATOM   654  C  CA  . GLY A 1 94  ? -13.093 -6.665  -7.796  1.00 65.16 ? 140 GLY A CA  1 
ATOM   655  C  C   . GLY A 1 94  ? -11.849 -6.066  -8.434  1.00 71.47 ? 140 GLY A C   1 
ATOM   656  O  O   . GLY A 1 94  ? -11.526 -4.885  -8.217  1.00 71.11 ? 140 GLY A O   1 
ATOM   657  N  N   . ILE A 1 95  ? -11.149 -6.881  -9.219  1.00 71.32 ? 141 ILE A N   1 
ATOM   658  C  CA  . ILE A 1 95  ? -9.960  -6.435  -9.938  1.00 74.01 ? 141 ILE A CA  1 
ATOM   659  C  C   . ILE A 1 95  ? -10.034 -6.887  -11.401 1.00 77.57 ? 141 ILE A C   1 
ATOM   660  O  O   . ILE A 1 95  ? -9.956  -8.086  -11.694 1.00 79.83 ? 141 ILE A O   1 
ATOM   661  C  CB  . ILE A 1 95  ? -8.667  -6.958  -9.260  1.00 72.20 ? 141 ILE A CB  1 
ATOM   662  C  CG1 . ILE A 1 95  ? -8.602  -6.474  -7.804  1.00 66.71 ? 141 ILE A CG1 1 
ATOM   663  C  CG2 . ILE A 1 95  ? -7.424  -6.525  -10.038 1.00 69.92 ? 141 ILE A CG2 1 
ATOM   664  C  CD1 . ILE A 1 95  ? -7.752  -7.354  -6.893  1.00 66.57 ? 141 ILE A CD1 1 
ATOM   665  N  N   . PRO A 1 96  ? -10.194 -5.920  -12.326 1.00 82.00 ? 142 PRO A N   1 
ATOM   666  C  CA  . PRO A 1 96  ? -10.317 -6.200  -13.765 1.00 81.73 ? 142 PRO A CA  1 
ATOM   667  C  C   . PRO A 1 96  ? -9.028  -6.750  -14.372 1.00 81.71 ? 142 PRO A C   1 
ATOM   668  O  O   . PRO A 1 96  ? -9.062  -7.231  -15.508 1.00 87.13 ? 142 PRO A O   1 
ATOM   669  C  CB  . PRO A 1 96  ? -10.651 -4.825  -14.365 1.00 80.33 ? 142 PRO A CB  1 
ATOM   670  C  CG  . PRO A 1 96  ? -10.105 -3.834  -13.388 1.00 80.56 ? 142 PRO A CG  1 
ATOM   671  C  CD  . PRO A 1 96  ? -10.262 -4.476  -12.031 1.00 78.26 ? 142 PRO A CD  1 
ATOM   672  N  N   . ASN A 1 98  ? -6.132  -7.460  -15.627 1.00 90.77 ? 144 ASN A N   1 
ATOM   673  C  CA  . ASN A 1 98  ? -5.123  -6.717  -16.373 1.00 90.83 ? 144 ASN A CA  1 
ATOM   674  C  C   . ASN A 1 98  ? -3.866  -7.558  -16.599 1.00 92.83 ? 144 ASN A C   1 
ATOM   675  O  O   . ASN A 1 98  ? -3.372  -8.211  -15.671 1.00 93.54 ? 144 ASN A O   1 
ATOM   676  C  CB  . ASN A 1 98  ? -4.771  -5.403  -15.661 1.00 89.03 ? 144 ASN A CB  1 
ATOM   677  C  CG  . ASN A 1 98  ? -3.975  -4.450  -16.546 1.00 92.00 ? 144 ASN A CG  1 
ATOM   678  O  OD1 . ASN A 1 98  ? -2.822  -4.720  -16.891 1.00 93.16 ? 144 ASN A OD1 1 
ATOM   679  N  ND2 . ASN A 1 98  ? -4.583  -3.324  -16.904 1.00 89.96 ? 144 ASN A ND2 1 
ATOM   680  N  N   . PRO A 1 99  ? -3.352  -7.549  -17.840 1.00 92.14 ? 145 PRO A N   1 
ATOM   681  C  CA  . PRO A 1 99  ? -2.179  -8.337  -18.249 1.00 95.12 ? 145 PRO A CA  1 
ATOM   682  C  C   . PRO A 1 99  ? -0.864  -7.904  -17.582 1.00 93.14 ? 145 PRO A C   1 
ATOM   683  O  O   . PRO A 1 99  ? -0.257  -8.698  -16.853 1.00 90.64 ? 145 PRO A O   1 
ATOM   684  C  CB  . PRO A 1 99  ? -2.116  -8.111  -19.771 1.00 94.02 ? 145 PRO A CB  1 
ATOM   685  C  CG  . PRO A 1 99  ? -2.874  -6.839  -20.010 1.00 92.41 ? 145 PRO A CG  1 
ATOM   686  C  CD  . PRO A 1 99  ? -3.961  -6.824  -18.972 1.00 90.91 ? 145 PRO A CD  1 
ATOM   687  N  N   . GLN A 1 100 ? -0.443  -6.664  -17.827 1.00 93.26 ? 146 GLN A N   1 
ATOM   688  C  CA  . GLN A 1 100 ? 0.869   -6.177  -17.388 1.00 93.96 ? 146 GLN A CA  1 
ATOM   689  C  C   . GLN A 1 100 ? 1.085   -6.165  -15.866 1.00 91.35 ? 146 GLN A C   1 
ATOM   690  O  O   . GLN A 1 100 ? 2.226   -6.205  -15.402 1.00 91.59 ? 146 GLN A O   1 
ATOM   691  C  CB  . GLN A 1 100 ? 1.153   -4.784  -17.972 1.00 92.74 ? 146 GLN A CB  1 
ATOM   692  N  N   . SER A 1 101 ? 0.005   -6.113  -15.089 1.00 91.12 ? 147 SER A N   1 
ATOM   693  C  CA  . SER A 1 101 ? 0.148   -6.031  -13.632 1.00 87.90 ? 147 SER A CA  1 
ATOM   694  C  C   . SER A 1 101 ? -0.110  -7.355  -12.904 1.00 85.13 ? 147 SER A C   1 
ATOM   695  O  O   . SER A 1 101 ? -0.109  -7.402  -11.666 1.00 82.84 ? 147 SER A O   1 
ATOM   696  C  CB  . SER A 1 101 ? -0.726  -4.909  -13.051 1.00 84.61 ? 147 SER A CB  1 
ATOM   697  O  OG  . SER A 1 101 ? -2.085  -5.051  -13.422 1.00 87.62 ? 147 SER A OG  1 
ATOM   698  N  N   . GLN A 1 102 ? -0.319  -8.425  -13.665 1.00 86.69 ? 148 GLN A N   1 
ATOM   699  C  CA  . GLN A 1 102 ? -0.578  -9.733  -13.065 1.00 85.99 ? 148 GLN A CA  1 
ATOM   700  C  C   . GLN A 1 102 ? 0.510   -10.097 -12.055 1.00 84.94 ? 148 GLN A C   1 
ATOM   701  O  O   . GLN A 1 102 ? 1.702   -10.137 -12.392 1.00 84.07 ? 148 GLN A O   1 
ATOM   702  C  CB  . GLN A 1 102 ? -0.688  -10.818 -14.146 1.00 85.74 ? 148 GLN A CB  1 
ATOM   703  N  N   . GLY A 1 103 ? 0.103   -10.332 -10.811 1.00 81.39 ? 149 GLY A N   1 
ATOM   704  C  CA  . GLY A 1 103 ? 1.026   -10.817 -9.800  1.00 79.24 ? 149 GLY A CA  1 
ATOM   705  C  C   . GLY A 1 103 ? 1.994   -9.790  -9.239  1.00 73.81 ? 149 GLY A C   1 
ATOM   706  O  O   . GLY A 1 103 ? 2.754   -10.110 -8.323  1.00 71.15 ? 149 GLY A O   1 
ATOM   707  N  N   . VAL A 1 104 ? 1.980   -8.568  -9.779  1.00 74.64 ? 150 VAL A N   1 
ATOM   708  C  CA  . VAL A 1 104 ? 2.810   -7.494  -9.227  1.00 72.53 ? 150 VAL A CA  1 
ATOM   709  C  C   . VAL A 1 104 ? 2.554   -7.323  -7.725  1.00 69.73 ? 150 VAL A C   1 
ATOM   710  O  O   . VAL A 1 104 ? 3.450   -7.547  -6.919  1.00 69.85 ? 150 VAL A O   1 
ATOM   711  C  CB  . VAL A 1 104 ? 2.585   -6.144  -9.942  1.00 73.09 ? 150 VAL A CB  1 
ATOM   712  C  CG1 . VAL A 1 104 ? 3.289   -5.018  -9.182  1.00 69.79 ? 150 VAL A CG1 1 
ATOM   713  C  CG2 . VAL A 1 104 ? 3.076   -6.202  -11.377 1.00 74.55 ? 150 VAL A CG2 1 
ATOM   714  N  N   . ILE A 1 105 ? 1.328   -6.949  -7.356  1.00 68.62 ? 151 ILE A N   1 
ATOM   715  C  CA  . ILE A 1 105 ? 0.987   -6.716  -5.954  1.00 67.03 ? 151 ILE A CA  1 
ATOM   716  C  C   . ILE A 1 105 ? 1.308   -7.919  -5.074  1.00 68.27 ? 151 ILE A C   1 
ATOM   717  O  O   . ILE A 1 105 ? 1.786   -7.758  -3.942  1.00 66.47 ? 151 ILE A O   1 
ATOM   718  C  CB  . ILE A 1 105 ? -0.501  -6.359  -5.757  1.00 64.80 ? 151 ILE A CB  1 
ATOM   719  C  CG1 . ILE A 1 105 ? -0.902  -5.187  -6.647  1.00 62.01 ? 151 ILE A CG1 1 
ATOM   720  C  CG2 . ILE A 1 105 ? -0.790  -6.047  -4.284  1.00 62.34 ? 151 ILE A CG2 1 
ATOM   721  C  CD1 . ILE A 1 105 ? -1.216  -5.595  -8.073  1.00 71.23 ? 151 ILE A CD1 1 
ATOM   722  N  N   . GLU A 1 106 ? 1.037   -9.118  -5.585  1.00 69.08 ? 152 GLU A N   1 
ATOM   723  C  CA  . GLU A 1 106 ? 1.380   -10.352 -4.878  1.00 66.92 ? 152 GLU A CA  1 
ATOM   724  C  C   . GLU A 1 106 ? 2.891   -10.425 -4.656  1.00 66.28 ? 152 GLU A C   1 
ATOM   725  O  O   . GLU A 1 106 ? 3.365   -10.693 -3.542  1.00 66.77 ? 152 GLU A O   1 
ATOM   726  C  CB  . GLU A 1 106 ? 0.922   -11.564 -5.691  1.00 72.68 ? 152 GLU A CB  1 
ATOM   727  C  CG  . GLU A 1 106 ? -0.316  -11.292 -6.551  1.00 78.45 ? 152 GLU A CG  1 
ATOM   728  C  CD  . GLU A 1 106 ? -0.803  -12.525 -7.309  1.00 86.39 ? 152 GLU A CD  1 
ATOM   729  O  OE1 . GLU A 1 106 ? -1.463  -12.347 -8.361  1.00 82.56 ? 152 GLU A OE1 1 
ATOM   730  O  OE2 . GLU A 1 106 ? -0.537  -13.663 -6.848  1.00 86.76 ? 152 GLU A OE2 1 
ATOM   731  N  N   . SER A 1 107 ? 3.635   -10.190 -5.733  1.00 67.24 ? 153 SER A N   1 
ATOM   732  C  CA  . SER A 1 107 ? 5.093   -10.201 -5.697  1.00 68.14 ? 153 SER A CA  1 
ATOM   733  C  C   . SER A 1 107 ? 5.674   -9.134  -4.768  1.00 64.31 ? 153 SER A C   1 
ATOM   734  O  O   . SER A 1 107 ? 6.626   -9.398  -4.039  1.00 69.15 ? 153 SER A O   1 
ATOM   735  C  CB  . SER A 1 107 ? 5.660   -10.016 -7.099  1.00 69.76 ? 153 SER A CB  1 
ATOM   736  O  OG  . SER A 1 107 ? 7.062   -9.806  -7.029  1.00 80.12 ? 153 SER A OG  1 
ATOM   737  N  N   . MET A 1 108 ? 5.113   -7.927  -4.803  1.00 65.19 ? 154 MET A N   1 
ATOM   738  C  CA  . MET A 1 108 ? 5.600   -6.845  -3.951  1.00 62.01 ? 154 MET A CA  1 
ATOM   739  C  C   . MET A 1 108 ? 5.370   -7.179  -2.481  1.00 63.99 ? 154 MET A C   1 
ATOM   740  O  O   . MET A 1 108 ? 6.253   -6.968  -1.639  1.00 63.04 ? 154 MET A O   1 
ATOM   741  C  CB  . MET A 1 108 ? 4.939   -5.519  -4.324  1.00 62.52 ? 154 MET A CB  1 
ATOM   742  C  CG  . MET A 1 108 ? 5.185   -5.052  -5.768  1.00 61.72 ? 154 MET A CG  1 
ATOM   743  S  SD  . MET A 1 108 ? 6.938   -4.755  -6.180  1.00 66.85 ? 154 MET A SD  1 
ATOM   744  C  CE  . MET A 1 108 ? 7.440   -6.380  -6.785  1.00 68.46 ? 154 MET A CE  1 
ATOM   745  N  N   . ASN A 1 109 ? 4.192   -7.720  -2.176  1.00 60.26 ? 155 ASN A N   1 
ATOM   746  C  CA  . ASN A 1 109 ? 3.884   -8.162  -0.815  1.00 64.56 ? 155 ASN A CA  1 
ATOM   747  C  C   . ASN A 1 109 ? 4.769   -9.322  -0.371  1.00 63.08 ? 155 ASN A C   1 
ATOM   748  O  O   . ASN A 1 109 ? 5.067   -9.457  0.812   1.00 61.82 ? 155 ASN A O   1 
ATOM   749  C  CB  . ASN A 1 109 ? 2.399   -8.534  -0.668  1.00 62.65 ? 155 ASN A CB  1 
ATOM   750  C  CG  . ASN A 1 109 ? 1.533   -7.350  -0.240  1.00 60.92 ? 155 ASN A CG  1 
ATOM   751  O  OD1 . ASN A 1 109 ? 1.318   -7.124  0.953   1.00 63.75 ? 155 ASN A OD1 1 
ATOM   752  N  ND2 . ASN A 1 109 ? 1.033   -6.589  -1.214  1.00 59.41 ? 155 ASN A ND2 1 
ATOM   753  N  N   . LYS A 1 110 ? 5.196   -10.150 -1.325  1.00 66.63 ? 156 LYS A N   1 
ATOM   754  C  CA  . LYS A 1 110 ? 6.116   -11.251 -1.032  1.00 65.17 ? 156 LYS A CA  1 
ATOM   755  C  C   . LYS A 1 110 ? 7.518   -10.723 -0.710  1.00 65.02 ? 156 LYS A C   1 
ATOM   756  O  O   . LYS A 1 110 ? 8.176   -11.207 0.211   1.00 67.41 ? 156 LYS A O   1 
ATOM   757  C  CB  . LYS A 1 110 ? 6.159   -12.252 -2.199  1.00 68.35 ? 156 LYS A CB  1 
ATOM   758  C  CG  . LYS A 1 110 ? 7.093   -13.451 -1.985  1.00 76.61 ? 156 LYS A CG  1 
ATOM   759  C  CD  . LYS A 1 110 ? 6.881   -14.574 -3.026  1.00 80.00 ? 156 LYS A CD  1 
ATOM   760  C  CE  . LYS A 1 110 ? 7.085   -14.089 -4.464  1.00 81.08 ? 156 LYS A CE  1 
ATOM   761  N  NZ  . LYS A 1 110 ? 7.209   -15.222 -5.443  1.00 83.14 ? 156 LYS A NZ  1 
ATOM   762  N  N   . GLU A 1 111 ? 7.965   -9.717  -1.454  1.00 65.96 ? 157 GLU A N   1 
ATOM   763  C  CA  . GLU A 1 111 ? 9.279   -9.123  -1.213  1.00 66.46 ? 157 GLU A CA  1 
ATOM   764  C  C   . GLU A 1 111 ? 9.327   -8.344  0.102   1.00 65.93 ? 157 GLU A C   1 
ATOM   765  O  O   . GLU A 1 111 ? 10.265  -8.500  0.896   1.00 65.72 ? 157 GLU A O   1 
ATOM   766  C  CB  . GLU A 1 111 ? 9.699   -8.231  -2.383  1.00 70.39 ? 157 GLU A CB  1 
ATOM   767  C  CG  . GLU A 1 111 ? 10.912  -8.746  -3.154  1.00 80.13 ? 157 GLU A CG  1 
ATOM   768  C  CD  . GLU A 1 111 ? 10.567  -9.877  -4.113  1.00 83.76 ? 157 GLU A CD  1 
ATOM   769  O  OE1 . GLU A 1 111 ? 10.295  -9.579  -5.299  1.00 82.51 ? 157 GLU A OE1 1 
ATOM   770  O  OE2 . GLU A 1 111 ? 10.571  -11.061 -3.688  1.00 85.16 ? 157 GLU A OE2 1 
ATOM   771  N  N   . LEU A 1 112 ? 8.317   -7.513  0.340   1.00 63.14 ? 158 LEU A N   1 
ATOM   772  C  CA  . LEU A 1 112 ? 8.228   -6.772  1.599   1.00 64.32 ? 158 LEU A CA  1 
ATOM   773  C  C   . LEU A 1 112 ? 8.338   -7.698  2.814   1.00 63.70 ? 158 LEU A C   1 
ATOM   774  O  O   . LEU A 1 112 ? 9.070   -7.397  3.768   1.00 60.87 ? 158 LEU A O   1 
ATOM   775  C  CB  . LEU A 1 112 ? 6.919   -5.966  1.655   1.00 65.13 ? 158 LEU A CB  1 
ATOM   776  C  CG  . LEU A 1 112 ? 6.878   -4.556  2.270   1.00 64.66 ? 158 LEU A CG  1 
ATOM   777  C  CD1 . LEU A 1 112 ? 5.818   -4.447  3.382   1.00 61.53 ? 158 LEU A CD1 1 
ATOM   778  C  CD2 . LEU A 1 112 ? 8.230   -4.063  2.774   1.00 58.95 ? 158 LEU A CD2 1 
ATOM   779  N  N   . LYS A 1 113 ? 7.615   -8.822  2.793   1.00 64.74 ? 159 LYS A N   1 
ATOM   780  C  CA  . LYS A 1 113 ? 7.666   -9.768  3.923   1.00 64.70 ? 159 LYS A CA  1 
ATOM   781  C  C   . LYS A 1 113 ? 9.036   -10.442 4.074   1.00 64.06 ? 159 LYS A C   1 
ATOM   782  O  O   . LYS A 1 113 ? 9.515   -10.642 5.194   1.00 63.84 ? 159 LYS A O   1 
ATOM   783  C  CB  . LYS A 1 113 ? 6.567   -10.835 3.829   1.00 64.32 ? 159 LYS A CB  1 
ATOM   784  C  CG  . LYS A 1 113 ? 5.295   -10.520 4.630   1.00 73.69 ? 159 LYS A CG  1 
ATOM   785  C  CD  . LYS A 1 113 ? 4.500   -9.371  3.983   1.00 72.60 ? 159 LYS A CD  1 
ATOM   786  C  CE  . LYS A 1 113 ? 3.827   -8.505  5.044   1.00 67.67 ? 159 LYS A CE  1 
ATOM   787  N  NZ  . LYS A 1 113 ? 3.851   -7.081  4.621   1.00 67.66 ? 159 LYS A NZ  1 
ATOM   788  N  N   . LYS A 1 114 ? 9.662   -10.799 2.955   1.00 63.39 ? 160 LYS A N   1 
ATOM   789  C  CA  . LYS A 1 114 ? 11.011  -11.356 3.002   1.00 66.45 ? 160 LYS A CA  1 
ATOM   790  C  C   . LYS A 1 114 ? 11.972  -10.369 3.666   1.00 65.79 ? 160 LYS A C   1 
ATOM   791  O  O   . LYS A 1 114 ? 12.749  -10.737 4.545   1.00 67.99 ? 160 LYS A O   1 
ATOM   792  C  CB  . LYS A 1 114 ? 11.503  -11.711 1.590   1.00 68.53 ? 160 LYS A CB  1 
ATOM   793  C  CG  . LYS A 1 114 ? 12.989  -12.061 1.544   1.00 72.31 ? 160 LYS A CG  1 
ATOM   794  C  CD  . LYS A 1 114 ? 13.285  -13.216 0.580   1.00 79.22 ? 160 LYS A CD  1 
ATOM   795  C  CE  . LYS A 1 114 ? 14.152  -14.291 1.253   1.00 85.44 ? 160 LYS A CE  1 
ATOM   796  N  NZ  . LYS A 1 114 ? 13.435  -14.994 2.367   1.00 75.82 ? 160 LYS A NZ  1 
ATOM   797  N  N   . ILE A 1 115 ? 11.905  -9.105  3.249   1.00 64.78 ? 161 ILE A N   1 
ATOM   798  C  CA  . ILE A 1 115 ? 12.752  -8.056  3.826   1.00 61.26 ? 161 ILE A CA  1 
ATOM   799  C  C   . ILE A 1 115 ? 12.459  -7.812  5.311   1.00 60.50 ? 161 ILE A C   1 
ATOM   800  O  O   . ILE A 1 115 ? 13.378  -7.634  6.114   1.00 58.51 ? 161 ILE A O   1 
ATOM   801  C  CB  . ILE A 1 115 ? 12.598  -6.744  3.048   1.00 60.49 ? 161 ILE A CB  1 
ATOM   802  C  CG1 . ILE A 1 115 ? 12.885  -6.984  1.564   1.00 60.27 ? 161 ILE A CG1 1 
ATOM   803  C  CG2 . ILE A 1 115 ? 13.516  -5.675  3.615   1.00 59.47 ? 161 ILE A CG2 1 
ATOM   804  C  CD1 . ILE A 1 115 ? 12.507  -5.835  0.692   1.00 56.64 ? 161 ILE A CD1 1 
ATOM   805  N  N   . ILE A 1 116 ? 11.179  -7.788  5.681   1.00 60.34 ? 162 ILE A N   1 
ATOM   806  C  CA  . ILE A 1 116 ? 10.825  -7.614  7.087   1.00 59.86 ? 162 ILE A CA  1 
ATOM   807  C  C   . ILE A 1 116 ? 11.553  -8.682  7.902   1.00 65.11 ? 162 ILE A C   1 
ATOM   808  O  O   . ILE A 1 116 ? 12.098  -8.395  8.976   1.00 63.43 ? 162 ILE A O   1 
ATOM   809  C  CB  . ILE A 1 116 ? 9.290   -7.676  7.326   1.00 61.71 ? 162 ILE A CB  1 
ATOM   810  C  CG1 . ILE A 1 116 ? 8.636   -6.347  6.913   1.00 55.57 ? 162 ILE A CG1 1 
ATOM   811  C  CG2 . ILE A 1 116 ? 8.990   -7.959  8.795   1.00 61.02 ? 162 ILE A CG2 1 
ATOM   812  C  CD1 . ILE A 1 116 ? 7.098   -6.413  6.768   1.00 61.42 ? 162 ILE A CD1 1 
ATOM   813  N  N   . GLY A 1 117 ? 11.586  -9.906  7.369   1.00 65.16 ? 163 GLY A N   1 
ATOM   814  C  CA  . GLY A 1 117 ? 12.269  -11.013 8.022   1.00 65.31 ? 163 GLY A CA  1 
ATOM   815  C  C   . GLY A 1 117 ? 13.759  -10.791 8.215   1.00 66.16 ? 163 GLY A C   1 
ATOM   816  O  O   . GLY A 1 117 ? 14.317  -11.122 9.268   1.00 66.72 ? 163 GLY A O   1 
ATOM   817  N  N   . GLN A 1 118 ? 14.408  -10.221 7.201   1.00 69.98 ? 164 GLN A N   1 
ATOM   818  C  CA  . GLN A 1 118 ? 15.856  -9.999  7.238   1.00 66.84 ? 164 GLN A CA  1 
ATOM   819  C  C   . GLN A 1 118 ? 16.292  -8.914  8.225   1.00 68.47 ? 164 GLN A C   1 
ATOM   820  O  O   . GLN A 1 118 ? 17.420  -8.954  8.739   1.00 68.29 ? 164 GLN A O   1 
ATOM   821  C  CB  . GLN A 1 118 ? 16.368  -9.679  5.826   1.00 69.12 ? 164 GLN A CB  1 
ATOM   822  C  CG  . GLN A 1 118 ? 16.285  -10.874 4.886   1.00 72.39 ? 164 GLN A CG  1 
ATOM   823  C  CD  . GLN A 1 118 ? 16.211  -10.473 3.431   1.00 74.12 ? 164 GLN A CD  1 
ATOM   824  O  OE1 . GLN A 1 118 ? 16.157  -9.281  3.099   1.00 73.80 ? 164 GLN A OE1 1 
ATOM   825  N  NE2 . GLN A 1 118 ? 16.207  -11.469 2.544   1.00 73.23 ? 164 GLN A NE2 1 
ATOM   826  N  N   . VAL A 1 119 ? 15.405  -7.952  8.483   1.00 64.95 ? 165 VAL A N   1 
ATOM   827  C  CA  . VAL A 1 119 ? 15.746  -6.804  9.320   1.00 63.34 ? 165 VAL A CA  1 
ATOM   828  C  C   . VAL A 1 119 ? 15.066  -6.845  10.686  1.00 64.62 ? 165 VAL A C   1 
ATOM   829  O  O   . VAL A 1 119 ? 15.365  -6.017  11.547  1.00 61.35 ? 165 VAL A O   1 
ATOM   830  C  CB  . VAL A 1 119 ? 15.392  -5.460  8.634   1.00 59.91 ? 165 VAL A CB  1 
ATOM   831  C  CG1 . VAL A 1 119 ? 16.118  -5.326  7.306   1.00 59.95 ? 165 VAL A CG1 1 
ATOM   832  C  CG2 . VAL A 1 119 ? 13.861  -5.334  8.437   1.00 58.38 ? 165 VAL A CG2 1 
ATOM   833  N  N   . ARG A 1 120 ? 14.149  -7.794  10.883  1.00 64.01 ? 166 ARG A N   1 
ATOM   834  C  CA  . ARG A 1 120 ? 13.318  -7.804  12.096  1.00 64.99 ? 166 ARG A CA  1 
ATOM   835  C  C   . ARG A 1 120 ? 14.138  -7.734  13.388  1.00 64.60 ? 166 ARG A C   1 
ATOM   836  O  O   . ARG A 1 120 ? 13.717  -7.137  14.390  1.00 64.54 ? 166 ARG A O   1 
ATOM   837  C  CB  . ARG A 1 120 ? 12.389  -9.029  12.112  1.00 64.68 ? 166 ARG A CB  1 
ATOM   838  C  CG  . ARG A 1 120 ? 11.460  -9.098  13.331  1.00 61.75 ? 166 ARG A CG  1 
ATOM   839  C  CD  . ARG A 1 120 ? 10.475  -7.934  13.348  1.00 62.43 ? 166 ARG A CD  1 
ATOM   840  N  NE  . ARG A 1 120 ? 9.696   -7.841  14.587  1.00 58.17 ? 166 ARG A NE  1 
ATOM   841  C  CZ  . ARG A 1 120 ? 10.104  -7.199  15.680  1.00 61.87 ? 166 ARG A CZ  1 
ATOM   842  N  NH1 . ARG A 1 120 ? 11.294  -6.602  15.694  1.00 58.90 ? 166 ARG A NH1 1 
ATOM   843  N  NH2 . ARG A 1 120 ? 9.328   -7.154  16.760  1.00 57.24 ? 166 ARG A NH2 1 
ATOM   844  N  N   . ASP A 1 121 ? 15.322  -8.327  13.346  1.00 66.32 ? 167 ASP A N   1 
ATOM   845  C  CA  . ASP A 1 121 ? 16.161  -8.471  14.527  1.00 70.34 ? 167 ASP A CA  1 
ATOM   846  C  C   . ASP A 1 121 ? 16.839  -7.163  14.921  1.00 70.14 ? 167 ASP A C   1 
ATOM   847  O  O   . ASP A 1 121 ? 17.346  -7.023  16.038  1.00 70.85 ? 167 ASP A O   1 
ATOM   848  C  CB  . ASP A 1 121 ? 17.208  -9.554  14.257  1.00 74.56 ? 167 ASP A CB  1 
ATOM   849  C  CG  . ASP A 1 121 ? 17.496  -9.717  12.767  1.00 79.03 ? 167 ASP A CG  1 
ATOM   850  O  OD1 . ASP A 1 121 ? 16.562  -10.109 12.010  1.00 75.67 ? 167 ASP A OD1 1 
ATOM   851  O  OD2 . ASP A 1 121 ? 18.650  -9.449  12.355  1.00 82.57 ? 167 ASP A OD2 1 
ATOM   852  N  N   . GLN A 1 122 ? 16.835  -6.201  14.005  1.00 68.27 ? 168 GLN A N   1 
ATOM   853  C  CA  . GLN A 1 122 ? 17.522  -4.928  14.213  1.00 66.26 ? 168 GLN A CA  1 
ATOM   854  C  C   . GLN A 1 122 ? 16.670  -3.873  14.911  1.00 64.21 ? 168 GLN A C   1 
ATOM   855  O  O   . GLN A 1 122 ? 17.114  -2.739  15.081  1.00 63.61 ? 168 GLN A O   1 
ATOM   856  C  CB  . GLN A 1 122 ? 18.018  -4.367  12.873  1.00 68.07 ? 168 GLN A CB  1 
ATOM   857  C  CG  . GLN A 1 122 ? 19.329  -4.978  12.397  1.00 73.62 ? 168 GLN A CG  1 
ATOM   858  C  CD  . GLN A 1 122 ? 19.202  -5.651  11.045  1.00 72.93 ? 168 GLN A CD  1 
ATOM   859  O  OE1 . GLN A 1 122 ? 19.217  -4.984  10.009  1.00 75.13 ? 168 GLN A OE1 1 
ATOM   860  N  NE2 . GLN A 1 122 ? 19.082  -6.981  11.046  1.00 73.63 ? 168 GLN A NE2 1 
ATOM   861  N  N   . ALA A 1 123 ? 15.451  -4.230  15.299  1.00 62.82 ? 169 ALA A N   1 
ATOM   862  C  CA  . ALA A 1 123 ? 14.587  -3.294  16.018  1.00 63.03 ? 169 ALA A CA  1 
ATOM   863  C  C   . ALA A 1 123 ? 13.731  -4.026  17.037  1.00 59.89 ? 169 ALA A C   1 
ATOM   864  O  O   . ALA A 1 123 ? 13.380  -5.188  16.831  1.00 63.51 ? 169 ALA A O   1 
ATOM   865  C  CB  . ALA A 1 123 ? 13.704  -2.506  15.037  1.00 62.37 ? 169 ALA A CB  1 
ATOM   866  N  N   . GLU A 1 124 ? 13.398  -3.343  18.125  1.00 58.52 ? 170 GLU A N   1 
ATOM   867  C  CA  . GLU A 1 124 ? 12.459  -3.872  19.104  1.00 61.21 ? 170 GLU A CA  1 
ATOM   868  C  C   . GLU A 1 124 ? 11.071  -4.018  18.483  1.00 63.38 ? 170 GLU A C   1 
ATOM   869  O  O   . GLU A 1 124 ? 10.451  -5.089  18.524  1.00 62.35 ? 170 GLU A O   1 
ATOM   870  C  CB  . GLU A 1 124 ? 12.383  -2.960  20.337  1.00 61.49 ? 170 GLU A CB  1 
ATOM   871  C  CG  . GLU A 1 124 ? 11.226  -3.333  21.299  1.00 68.74 ? 170 GLU A CG  1 
ATOM   872  C  CD  . GLU A 1 124 ? 11.205  -2.510  22.588  1.00 71.07 ? 170 GLU A CD  1 
ATOM   873  O  OE1 . GLU A 1 124 ? 12.041  -1.586  22.728  1.00 69.67 ? 170 GLU A OE1 1 
ATOM   874  O  OE2 . GLU A 1 124 ? 10.346  -2.791  23.466  1.00 74.95 ? 170 GLU A OE2 1 
ATOM   875  N  N   . HIS A 1 125 ? 10.600  -2.932  17.878  1.00 58.62 ? 171 HIS A N   1 
ATOM   876  C  CA  . HIS A 1 125 ? 9.216   -2.846  17.421  1.00 59.23 ? 171 HIS A CA  1 
ATOM   877  C  C   . HIS A 1 125 ? 9.004   -3.327  16.001  1.00 56.67 ? 171 HIS A C   1 
ATOM   878  O  O   . HIS A 1 125 ? 9.756   -2.965  15.093  1.00 54.65 ? 171 HIS A O   1 
ATOM   879  C  CB  . HIS A 1 125 ? 8.748   -1.404  17.533  1.00 56.33 ? 171 HIS A CB  1 
ATOM   880  C  CG  . HIS A 1 125 ? 8.802   -0.875  18.921  1.00 59.93 ? 171 HIS A CG  1 
ATOM   881  N  ND1 . HIS A 1 125 ? 8.179   -1.510  19.981  1.00 62.85 ? 171 HIS A ND1 1 
ATOM   882  C  CD2 . HIS A 1 125 ? 9.376   0.236   19.438  1.00 57.79 ? 171 HIS A CD2 1 
ATOM   883  C  CE1 . HIS A 1 125 ? 8.375   -0.818  21.082  1.00 61.80 ? 171 HIS A CE1 1 
ATOM   884  N  NE2 . HIS A 1 125 ? 9.104   0.246   20.783  1.00 64.02 ? 171 HIS A NE2 1 
ATOM   885  N  N   . LEU A 1 126 ? 7.962   -4.124  15.795  1.00 54.04 ? 172 LEU A N   1 
ATOM   886  C  CA  . LEU A 1 126 ? 7.618   -4.545  14.441  1.00 54.18 ? 172 LEU A CA  1 
ATOM   887  C  C   . LEU A 1 126 ? 7.480   -3.347  13.491  1.00 52.64 ? 172 LEU A C   1 
ATOM   888  O  O   . LEU A 1 126 ? 7.931   -3.402  12.358  1.00 51.88 ? 172 LEU A O   1 
ATOM   889  C  CB  . LEU A 1 126 ? 6.311   -5.338  14.439  1.00 53.00 ? 172 LEU A CB  1 
ATOM   890  C  CG  . LEU A 1 126 ? 5.759   -5.741  13.071  1.00 50.81 ? 172 LEU A CG  1 
ATOM   891  C  CD1 . LEU A 1 126 ? 6.746   -6.610  12.312  1.00 53.79 ? 172 LEU A CD1 1 
ATOM   892  C  CD2 . LEU A 1 126 ? 4.412   -6.445  13.212  1.00 57.10 ? 172 LEU A CD2 1 
ATOM   893  N  N   . LYS A 1 127 ? 6.858   -2.265  13.952  1.00 50.93 ? 173 LYS A N   1 
ATOM   894  C  CA  . LYS A 1 127 ? 6.573   -1.131  13.072  1.00 50.51 ? 173 LYS A CA  1 
ATOM   895  C  C   . LYS A 1 127 ? 7.857   -0.479  12.559  1.00 48.76 ? 173 LYS A C   1 
ATOM   896  O  O   . LYS A 1 127 ? 7.917   -0.022  11.421  1.00 47.39 ? 173 LYS A O   1 
ATOM   897  C  CB  . LYS A 1 127 ? 5.674   -0.102  13.769  1.00 48.16 ? 173 LYS A CB  1 
ATOM   898  C  CG  . LYS A 1 127 ? 6.226   0.378   15.093  1.00 54.57 ? 173 LYS A CG  1 
ATOM   899  C  CD  . LYS A 1 127 ? 5.502   1.623   15.592  1.00 58.07 ? 173 LYS A CD  1 
ATOM   900  C  CE  . LYS A 1 127 ? 6.065   2.050   16.944  1.00 58.71 ? 173 LYS A CE  1 
ATOM   901  N  NZ  . LYS A 1 127 ? 5.548   3.395   17.330  1.00 68.73 ? 173 LYS A NZ  1 
ATOM   902  N  N   . THR A 1 128 ? 8.885   -0.452  13.397  1.00 49.04 ? 174 THR A N   1 
ATOM   903  C  CA  . THR A 1 128 ? 10.196  0.023   12.980  1.00 49.63 ? 174 THR A CA  1 
ATOM   904  C  C   . THR A 1 128 ? 10.731  -0.865  11.861  1.00 48.09 ? 174 THR A C   1 
ATOM   905  O  O   . THR A 1 128 ? 11.210  -0.378  10.828  1.00 48.19 ? 174 THR A O   1 
ATOM   906  C  CB  . THR A 1 128 ? 11.179  0.013   14.158  1.00 45.89 ? 174 THR A CB  1 
ATOM   907  O  OG1 . THR A 1 128 ? 10.643  0.805   15.227  1.00 47.67 ? 174 THR A OG1 1 
ATOM   908  C  CG2 . THR A 1 128 ? 12.533  0.600   13.732  1.00 49.98 ? 174 THR A CG2 1 
ATOM   909  N  N   . ALA A 1 129 ? 10.652  -2.177  12.075  1.00 52.64 ? 175 ALA A N   1 
ATOM   910  C  CA  . ALA A 1 129 ? 11.102  -3.145  11.077  1.00 52.39 ? 175 ALA A CA  1 
ATOM   911  C  C   . ALA A 1 129 ? 10.320  -2.951  9.762   1.00 49.67 ? 175 ALA A C   1 
ATOM   912  O  O   . ALA A 1 129 ? 10.877  -2.990  8.663   1.00 46.49 ? 175 ALA A O   1 
ATOM   913  C  CB  . ALA A 1 129 ? 10.925  -4.553  11.617  1.00 53.08 ? 175 ALA A CB  1 
ATOM   914  N  N   . VAL A 1 130 ? 9.020   -2.705  9.877   1.00 48.10 ? 176 VAL A N   1 
ATOM   915  C  CA  . VAL A 1 130 ? 8.211   -2.458  8.687   1.00 45.15 ? 176 VAL A CA  1 
ATOM   916  C  C   . VAL A 1 130 ? 8.715   -1.230  7.926   1.00 44.64 ? 176 VAL A C   1 
ATOM   917  O  O   . VAL A 1 130 ? 8.865   -1.264  6.707   1.00 39.67 ? 176 VAL A O   1 
ATOM   918  C  CB  . VAL A 1 130 ? 6.708   -2.325  9.044   1.00 49.32 ? 176 VAL A CB  1 
ATOM   919  C  CG1 . VAL A 1 130 ? 5.876   -1.895  7.832   1.00 45.58 ? 176 VAL A CG1 1 
ATOM   920  C  CG2 . VAL A 1 130 ? 6.195   -3.648  9.646   1.00 47.78 ? 176 VAL A CG2 1 
ATOM   921  N  N   . GLN A 1 131 ? 8.988   -0.137  8.635   1.00 46.16 ? 177 GLN A N   1 
ATOM   922  C  CA  . GLN A 1 131 ? 9.423   1.061   7.941   1.00 43.03 ? 177 GLN A CA  1 
ATOM   923  C  C   . GLN A 1 131 ? 10.823  0.878   7.345   1.00 45.78 ? 177 GLN A C   1 
ATOM   924  O  O   . GLN A 1 131 ? 11.102  1.395   6.265   1.00 45.17 ? 177 GLN A O   1 
ATOM   925  C  CB  . GLN A 1 131 ? 9.329   2.301   8.836   1.00 45.72 ? 177 GLN A CB  1 
ATOM   926  C  CG  . GLN A 1 131 ? 7.893   2.611   9.307   1.00 47.09 ? 177 GLN A CG  1 
ATOM   927  C  CD  . GLN A 1 131 ? 6.874   2.576   8.161   1.00 46.16 ? 177 GLN A CD  1 
ATOM   928  O  OE1 . GLN A 1 131 ? 7.161   2.978   7.030   1.00 51.06 ? 177 GLN A OE1 1 
ATOM   929  N  NE2 . GLN A 1 131 ? 5.681   2.097   8.458   1.00 49.98 ? 177 GLN A NE2 1 
ATOM   930  N  N   . MET A 1 132 ? 11.692  0.133   8.021   1.00 46.74 ? 178 MET A N   1 
ATOM   931  C  CA  . MET A 1 132 ? 12.995  -0.191  7.422   1.00 48.20 ? 178 MET A CA  1 
ATOM   932  C  C   . MET A 1 132 ? 12.793  -0.949  6.119   1.00 47.96 ? 178 MET A C   1 
ATOM   933  O  O   . MET A 1 132 ? 13.411  -0.637  5.100   1.00 49.77 ? 178 MET A O   1 
ATOM   934  C  CB  . MET A 1 132 ? 13.864  -1.000  8.386   1.00 49.17 ? 178 MET A CB  1 
ATOM   935  C  CG  . MET A 1 132 ? 14.196  -0.262  9.683   1.00 49.07 ? 178 MET A CG  1 
ATOM   936  S  SD  . MET A 1 132 ? 14.926  -1.301  10.958  1.00 53.75 ? 178 MET A SD  1 
ATOM   937  C  CE  . MET A 1 132 ? 16.425  -1.862  10.127  1.00 52.54 ? 178 MET A CE  1 
ATOM   938  N  N   . ALA A 1 133 ? 11.888  -1.926  6.139   1.00 48.18 ? 179 ALA A N   1 
ATOM   939  C  CA  . ALA A 1 133 ? 11.639  -2.751  4.951   1.00 47.36 ? 179 ALA A CA  1 
ATOM   940  C  C   . ALA A 1 133 ? 11.033  -1.928  3.820   1.00 48.37 ? 179 ALA A C   1 
ATOM   941  O  O   . ALA A 1 133 ? 11.351  -2.133  2.650   1.00 49.69 ? 179 ALA A O   1 
ATOM   942  C  CB  . ALA A 1 133 ? 10.750  -3.921  5.296   1.00 50.14 ? 179 ALA A CB  1 
ATOM   943  N  N   . VAL A 1 134 ? 10.171  -0.976  4.157   1.00 45.21 ? 180 VAL A N   1 
ATOM   944  C  CA  . VAL A 1 134 ? 9.597   -0.102  3.137   1.00 43.87 ? 180 VAL A CA  1 
ATOM   945  C  C   . VAL A 1 134 ? 10.677  0.739   2.429   1.00 44.62 ? 180 VAL A C   1 
ATOM   946  O  O   . VAL A 1 134 ? 10.681  0.859   1.205   1.00 44.93 ? 180 VAL A O   1 
ATOM   947  C  CB  . VAL A 1 134 ? 8.529   0.849   3.734   1.00 43.44 ? 180 VAL A CB  1 
ATOM   948  C  CG1 . VAL A 1 134 ? 8.127   1.912   2.700   1.00 43.51 ? 180 VAL A CG1 1 
ATOM   949  C  CG2 . VAL A 1 134 ? 7.303   0.060   4.222   1.00 46.39 ? 180 VAL A CG2 1 
ATOM   950  N  N   . PHE A 1 135 ? 11.548  1.351   3.220   1.00 44.09 ? 181 PHE A N   1 
ATOM   951  C  CA  . PHE A 1 135 ? 12.719  2.101   2.731   1.00 47.70 ? 181 PHE A CA  1 
ATOM   952  C  C   . PHE A 1 135 ? 13.569  1.230   1.794   1.00 44.80 ? 181 PHE A C   1 
ATOM   953  O  O   . PHE A 1 135 ? 13.815  1.579   0.635   1.00 43.63 ? 181 PHE A O   1 
ATOM   954  C  CB  . PHE A 1 135 ? 13.521  2.541   3.970   1.00 45.72 ? 181 PHE A CB  1 
ATOM   955  C  CG  . PHE A 1 135 ? 14.781  3.308   3.681   1.00 49.52 ? 181 PHE A CG  1 
ATOM   956  C  CD1 . PHE A 1 135 ? 15.914  2.676   3.167   1.00 45.51 ? 181 PHE A CD1 1 
ATOM   957  C  CD2 . PHE A 1 135 ? 14.864  4.658   4.020   1.00 49.87 ? 181 PHE A CD2 1 
ATOM   958  C  CE1 . PHE A 1 135 ? 17.091  3.386   2.949   1.00 50.05 ? 181 PHE A CE1 1 
ATOM   959  C  CE2 . PHE A 1 135 ? 16.032  5.376   3.810   1.00 48.58 ? 181 PHE A CE2 1 
ATOM   960  C  CZ  . PHE A 1 135 ? 17.160  4.738   3.276   1.00 50.28 ? 181 PHE A CZ  1 
ATOM   961  N  N   . ILE A 1 136 ? 13.988  0.073   2.288   1.00 47.14 ? 182 ILE A N   1 
ATOM   962  C  CA  . ILE A 1 136 ? 14.781  -0.856  1.476   1.00 50.66 ? 182 ILE A CA  1 
ATOM   963  C  C   . ILE A 1 136 ? 14.087  -1.170  0.145   1.00 49.85 ? 182 ILE A C   1 
ATOM   964  O  O   . ILE A 1 136 ? 14.692  -1.056  -0.915  1.00 49.66 ? 182 ILE A O   1 
ATOM   965  C  CB  . ILE A 1 136 ? 15.078  -2.158  2.268   1.00 51.92 ? 182 ILE A CB  1 
ATOM   966  C  CG1 . ILE A 1 136 ? 16.009  -1.846  3.451   1.00 52.38 ? 182 ILE A CG1 1 
ATOM   967  C  CG2 . ILE A 1 136 ? 15.707  -3.217  1.361   1.00 54.93 ? 182 ILE A CG2 1 
ATOM   968  C  CD1 . ILE A 1 136 ? 16.103  -2.968  4.483   1.00 50.96 ? 182 ILE A CD1 1 
ATOM   969  N  N   . HIS A 1 137 ? 12.811  -1.552  0.208   1.00 48.65 ? 183 HIS A N   1 
ATOM   970  C  CA  . HIS A 1 137 ? 12.054  -1.911  -0.991  1.00 49.96 ? 183 HIS A CA  1 
ATOM   971  C  C   . HIS A 1 137 ? 11.926  -0.773  -1.995  1.00 49.62 ? 183 HIS A C   1 
ATOM   972  O  O   . HIS A 1 137 ? 12.108  -0.979  -3.202  1.00 50.87 ? 183 HIS A O   1 
ATOM   973  C  CB  . HIS A 1 137 ? 10.639  -2.420  -0.636  1.00 51.10 ? 183 HIS A CB  1 
ATOM   974  C  CG  . HIS A 1 137 ? 9.777   -2.656  -1.842  1.00 52.55 ? 183 HIS A CG  1 
ATOM   975  N  ND1 . HIS A 1 137 ? 9.803   -3.837  -2.556  1.00 53.08 ? 183 HIS A ND1 1 
ATOM   976  C  CD2 . HIS A 1 137 ? 8.905   -1.846  -2.490  1.00 51.41 ? 183 HIS A CD2 1 
ATOM   977  C  CE1 . HIS A 1 137 ? 8.964   -3.754  -3.573  1.00 55.60 ? 183 HIS A CE1 1 
ATOM   978  N  NE2 . HIS A 1 137 ? 8.399   -2.557  -3.551  1.00 53.17 ? 183 HIS A NE2 1 
ATOM   979  N  N   . ASN A 1 138 ? 11.592  0.423   -1.515  1.00 44.80 ? 184 ASN A N   1 
ATOM   980  C  CA  . ASN A 1 138 ? 11.403  1.549   -2.419  1.00 44.49 ? 184 ASN A CA  1 
ATOM   981  C  C   . ASN A 1 138 ? 12.698  2.005   -3.138  1.00 48.23 ? 184 ASN A C   1 
ATOM   982  O  O   . ASN A 1 138 ? 12.652  2.455   -4.287  1.00 50.57 ? 184 ASN A O   1 
ATOM   983  C  CB  . ASN A 1 138 ? 10.729  2.711   -1.686  1.00 44.01 ? 184 ASN A CB  1 
ATOM   984  C  CG  . ASN A 1 138 ? 9.249   2.457   -1.415  1.00 50.08 ? 184 ASN A CG  1 
ATOM   985  O  OD1 . ASN A 1 138 ? 8.628   1.572   -2.033  1.00 47.81 ? 184 ASN A OD1 1 
ATOM   986  N  ND2 . ASN A 1 138 ? 8.665   3.251   -0.508  1.00 41.69 ? 184 ASN A ND2 1 
ATOM   987  N  N   . LYS A 1 139 ? 13.846  1.870   -2.480  1.00 51.31 ? 185 LYS A N   1 
ATOM   988  C  CA  . LYS A 1 139 ? 15.128  2.289   -3.094  1.00 57.95 ? 185 LYS A CA  1 
ATOM   989  C  C   . LYS A 1 139 ? 15.890  1.172   -3.825  1.00 58.77 ? 185 LYS A C   1 
ATOM   990  O  O   . LYS A 1 139 ? 16.894  1.439   -4.484  1.00 66.81 ? 185 LYS A O   1 
ATOM   991  C  CB  . LYS A 1 139 ? 16.042  2.964   -2.055  1.00 54.33 ? 185 LYS A CB  1 
ATOM   992  C  CG  . LYS A 1 139 ? 15.492  4.311   -1.557  1.00 58.10 ? 185 LYS A CG  1 
ATOM   993  C  CD  . LYS A 1 139 ? 16.329  4.944   -0.441  1.00 58.08 ? 185 LYS A CD  1 
ATOM   994  C  CE  . LYS A 1 139 ? 15.971  6.429   -0.234  1.00 53.86 ? 185 LYS A CE  1 
ATOM   995  N  NZ  . LYS A 1 139 ? 14.669  6.786   -0.936  1.00 66.11 ? 185 LYS A NZ  1 
ATOM   996  N  N   . LYS A 1 140 ? 15.411  -0.069  -3.717  1.00 59.54 ? 186 LYS A N   1 
ATOM   997  C  CA  . LYS A 1 140 ? 16.088  -1.224  -4.338  1.00 62.53 ? 186 LYS A CA  1 
ATOM   998  C  C   . LYS A 1 140 ? 16.198  -1.091  -5.851  1.00 70.58 ? 186 LYS A C   1 
ATOM   999  O  O   . LYS A 1 140 ? 15.182  -0.974  -6.554  1.00 68.32 ? 186 LYS A O   1 
ATOM   1000 C  CB  . LYS A 1 140 ? 15.386  -2.544  -3.998  1.00 64.86 ? 186 LYS A CB  1 
ATOM   1001 C  CG  . LYS A 1 140 ? 16.007  -3.771  -4.657  1.00 71.71 ? 186 LYS A CG  1 
ATOM   1002 C  CD  . LYS A 1 140 ? 16.463  -4.806  -3.621  1.00 73.77 ? 186 LYS A CD  1 
ATOM   1003 C  CE  . LYS A 1 140 ? 15.287  -5.371  -2.827  1.00 72.04 ? 186 LYS A CE  1 
ATOM   1004 N  NZ  . LYS A 1 140 ? 15.686  -6.526  -1.950  1.00 72.15 ? 186 LYS A NZ  1 
ATOM   1005 N  N   . ARG A 1 141 ? 17.433  -1.091  -6.346  1.00 69.86 ? 187 ARG A N   1 
ATOM   1006 C  CA  . ARG A 1 141 ? 17.667  -1.063  -7.782  1.00 75.34 ? 187 ARG A CA  1 
ATOM   1007 C  C   . ARG A 1 141 ? 17.655  -2.482  -8.359  1.00 80.05 ? 187 ARG A C   1 
ATOM   1008 O  O   . ARG A 1 141 ? 18.531  -3.301  -8.057  1.00 78.09 ? 187 ARG A O   1 
ATOM   1009 C  CB  . ARG A 1 141 ? 18.990  -0.355  -8.105  1.00 76.81 ? 187 ARG A CB  1 
ATOM   1010 C  CG  . ARG A 1 141 ? 18.935  1.169   -8.002  1.00 75.01 ? 187 ARG A CG  1 
ATOM   1011 C  CD  . ARG A 1 141 ? 19.207  1.794   -9.358  1.00 80.10 ? 187 ARG A CD  1 
ATOM   1012 N  NE  . ARG A 1 141 ? 19.019  3.243   -9.383  1.00 79.19 ? 187 ARG A NE  1 
ATOM   1013 C  CZ  . ARG A 1 141 ? 19.612  4.054   -10.256 1.00 81.13 ? 187 ARG A CZ  1 
ATOM   1014 N  NH1 . ARG A 1 141 ? 20.444  3.557   -11.165 1.00 80.25 ? 187 ARG A NH1 1 
ATOM   1015 N  NH2 . ARG A 1 141 ? 19.383  5.361   -10.213 1.00 81.39 ? 187 ARG A NH2 1 
ATOM   1016 N  N   . LYS A 1 142 ? 16.638  -2.768  -9.167  1.00 82.47 ? 188 LYS A N   1 
ATOM   1017 C  CA  . LYS A 1 142 ? 16.559  -4.022  -9.914  1.00 85.17 ? 188 LYS A CA  1 
ATOM   1018 C  C   . LYS A 1 142 ? 17.777  -4.201  -10.826 1.00 85.84 ? 188 LYS A C   1 
ATOM   1019 O  O   . LYS A 1 142 ? 17.675  -4.735  -11.932 1.00 87.33 ? 188 LYS A O   1 
ATOM   1020 C  CB  . LYS A 1 142 ? 15.271  -4.060  -10.738 1.00 83.13 ? 188 LYS A CB  1 
ATOM   1021 C  CG  . LYS A 1 142 ? 15.030  -2.787  -11.553 1.00 84.86 ? 188 LYS A CG  1 
ATOM   1022 C  CD  . LYS A 1 142 ? 15.233  -3.018  -13.043 1.00 84.60 ? 188 LYS A CD  1 
ATOM   1023 C  CE  . LYS A 1 142 ? 14.994  -1.734  -13.838 1.00 86.07 ? 188 LYS A CE  1 
ATOM   1024 N  NZ  . LYS A 1 142 ? 14.818  -2.014  -15.299 1.00 93.00 ? 188 LYS A NZ  1 
ATOM   1025 N  N   . TYR A 1 148 ? 16.323  0.499   -12.143 1.00 82.13 ? 194 TYR A N   1 
ATOM   1026 C  CA  . TYR A 1 148 ? 15.575  1.591   -11.517 1.00 78.49 ? 194 TYR A CA  1 
ATOM   1027 C  C   . TYR A 1 148 ? 14.758  1.134   -10.310 1.00 70.05 ? 194 TYR A C   1 
ATOM   1028 O  O   . TYR A 1 148 ? 14.289  -0.002  -10.258 1.00 71.48 ? 194 TYR A O   1 
ATOM   1029 C  CB  . TYR A 1 148 ? 14.678  2.281   -12.547 1.00 77.34 ? 194 TYR A CB  1 
ATOM   1030 C  CG  . TYR A 1 148 ? 15.230  3.615   -12.983 1.00 83.30 ? 194 TYR A CG  1 
ATOM   1031 C  CD1 . TYR A 1 148 ? 14.447  4.763   -12.934 1.00 80.37 ? 194 TYR A CD1 1 
ATOM   1032 C  CD2 . TYR A 1 148 ? 16.549  3.735   -13.413 1.00 84.53 ? 194 TYR A CD2 1 
ATOM   1033 C  CE1 . TYR A 1 148 ? 14.954  5.990   -13.318 1.00 81.34 ? 194 TYR A CE1 1 
ATOM   1034 C  CE2 . TYR A 1 148 ? 17.067  4.961   -13.801 1.00 86.10 ? 194 TYR A CE2 1 
ATOM   1035 C  CZ  . TYR A 1 148 ? 16.266  6.084   -13.751 1.00 86.60 ? 194 TYR A CZ  1 
ATOM   1036 O  OH  . TYR A 1 148 ? 16.777  7.304   -14.134 1.00 94.37 ? 194 TYR A OH  1 
ATOM   1037 N  N   . SER A 1 149 ? 14.599  2.021   -9.335  1.00 67.68 ? 195 SER A N   1 
ATOM   1038 C  CA  . SER A 1 149 ? 13.844  1.689   -8.127  1.00 65.09 ? 195 SER A CA  1 
ATOM   1039 C  C   . SER A 1 149 ? 12.346  2.010   -8.277  1.00 56.73 ? 195 SER A C   1 
ATOM   1040 O  O   . SER A 1 149 ? 11.951  2.847   -9.104  1.00 54.24 ? 195 SER A O   1 
ATOM   1041 C  CB  . SER A 1 149 ? 14.429  2.419   -6.909  1.00 57.71 ? 195 SER A CB  1 
ATOM   1042 O  OG  . SER A 1 149 ? 14.173  3.811   -6.981  1.00 59.30 ? 195 SER A OG  1 
ATOM   1043 N  N   . ALA A 1 150 ? 11.521  1.333   -7.477  1.00 59.76 ? 196 ALA A N   1 
ATOM   1044 C  CA  . ALA A 1 150 ? 10.108  1.693   -7.350  1.00 55.71 ? 196 ALA A CA  1 
ATOM   1045 C  C   . ALA A 1 150 ? 9.994   3.186   -7.057  1.00 50.08 ? 196 ALA A C   1 
ATOM   1046 O  O   . ALA A 1 150 ? 9.205   3.892   -7.686  1.00 53.03 ? 196 ALA A O   1 
ATOM   1047 C  CB  . ALA A 1 150 ? 9.448   0.883   -6.235  1.00 55.62 ? 196 ALA A CB  1 
ATOM   1048 N  N   . GLY A 1 151 ? 10.797  3.666   -6.109  1.00 50.54 ? 197 GLY A N   1 
ATOM   1049 C  CA  . GLY A 1 151 ? 10.793  5.076   -5.765  1.00 52.67 ? 197 GLY A CA  1 
ATOM   1050 C  C   . GLY A 1 151 ? 11.027  5.984   -6.961  1.00 55.53 ? 197 GLY A C   1 
ATOM   1051 O  O   . GLY A 1 151 ? 10.384  7.031   -7.097  1.00 53.43 ? 197 GLY A O   1 
ATOM   1052 N  N   . GLU A 1 152 ? 11.968  5.597   -7.821  1.00 57.39 ? 198 GLU A N   1 
ATOM   1053 C  CA  . GLU A 1 152 ? 12.257  6.366   -9.041  1.00 61.77 ? 198 GLU A CA  1 
ATOM   1054 C  C   . GLU A 1 152 ? 11.170  6.202   -10.087 1.00 54.85 ? 198 GLU A C   1 
ATOM   1055 O  O   . GLU A 1 152 ? 10.841  7.152   -10.792 1.00 55.99 ? 198 GLU A O   1 
ATOM   1056 C  CB  . GLU A 1 152 ? 13.609  5.960   -9.644  1.00 63.16 ? 198 GLU A CB  1 
ATOM   1057 C  CG  . GLU A 1 152 ? 14.816  6.498   -8.892  1.00 63.90 ? 198 GLU A CG  1 
ATOM   1058 C  CD  . GLU A 1 152 ? 16.062  5.641   -9.105  1.00 72.99 ? 198 GLU A CD  1 
ATOM   1059 O  OE1 . GLU A 1 152 ? 15.926  4.459   -9.507  1.00 71.51 ? 198 GLU A OE1 1 
ATOM   1060 O  OE2 . GLU A 1 152 ? 17.180  6.148   -8.867  1.00 72.85 ? 198 GLU A OE2 1 
ATOM   1061 N  N   . ARG A 1 153 ? 10.624  4.992   -10.193 1.00 55.80 ? 199 ARG A N   1 
ATOM   1062 C  CA  . ARG A 1 153 ? 9.577   4.717   -11.173 1.00 55.40 ? 199 ARG A CA  1 
ATOM   1063 C  C   . ARG A 1 153 ? 8.313   5.518   -10.903 1.00 56.25 ? 199 ARG A C   1 
ATOM   1064 O  O   . ARG A 1 153 ? 7.683   5.994   -11.832 1.00 54.42 ? 199 ARG A O   1 
ATOM   1065 C  CB  . ARG A 1 153 ? 9.236   3.223   -11.209 1.00 59.19 ? 199 ARG A CB  1 
ATOM   1066 C  CG  . ARG A 1 153 ? 10.380  2.328   -11.660 1.00 65.95 ? 199 ARG A CG  1 
ATOM   1067 C  CD  . ARG A 1 153 ? 9.864   0.954   -12.114 1.00 70.21 ? 199 ARG A CD  1 
ATOM   1068 N  NE  . ARG A 1 153 ? 9.427   0.120   -10.995 1.00 65.95 ? 199 ARG A NE  1 
ATOM   1069 C  CZ  . ARG A 1 153 ? 10.145  -0.874  -10.472 1.00 72.28 ? 199 ARG A CZ  1 
ATOM   1070 N  NH1 . ARG A 1 153 ? 11.340  -1.164  -10.975 1.00 72.64 ? 199 ARG A NH1 1 
ATOM   1071 N  NH2 . ARG A 1 153 ? 9.670   -1.579  -9.440  1.00 72.31 ? 199 ARG A NH2 1 
ATOM   1072 N  N   . ILE A 1 154 ? 7.928   5.662   -9.633  1.00 56.92 ? 200 ILE A N   1 
ATOM   1073 C  CA  . ILE A 1 154 ? 6.672   6.343   -9.338  1.00 53.24 ? 200 ILE A CA  1 
ATOM   1074 C  C   . ILE A 1 154 ? 6.755   7.837   -9.667  1.00 54.85 ? 200 ILE A C   1 
ATOM   1075 O  O   . ILE A 1 154 ? 5.837   8.406   -10.264 1.00 54.92 ? 200 ILE A O   1 
ATOM   1076 C  CB  . ILE A 1 154 ? 6.182   6.089   -7.873  1.00 56.13 ? 200 ILE A CB  1 
ATOM   1077 C  CG1 . ILE A 1 154 ? 4.756   6.630   -7.693  1.00 55.12 ? 200 ILE A CG1 1 
ATOM   1078 C  CG2 . ILE A 1 154 ? 7.152   6.674   -6.848  1.00 51.03 ? 200 ILE A CG2 1 
ATOM   1079 C  CD1 . ILE A 1 154 ? 4.094   6.202   -6.406  1.00 52.17 ? 200 ILE A CD1 1 
ATOM   1080 N  N   . VAL A 1 155 ? 7.862   8.471   -9.289  1.00 56.96 ? 201 VAL A N   1 
ATOM   1081 C  CA  . VAL A 1 155 ? 8.110   9.867   -9.663  1.00 56.88 ? 201 VAL A CA  1 
ATOM   1082 C  C   . VAL A 1 155 ? 8.074   10.065  -11.197 1.00 57.38 ? 201 VAL A C   1 
ATOM   1083 O  O   . VAL A 1 155 ? 7.438   10.997  -11.695 1.00 60.67 ? 201 VAL A O   1 
ATOM   1084 C  CB  . VAL A 1 155 ? 9.446   10.377  -9.068  1.00 60.85 ? 201 VAL A CB  1 
ATOM   1085 C  CG1 . VAL A 1 155 ? 9.833   11.720  -9.667  1.00 62.00 ? 201 VAL A CG1 1 
ATOM   1086 C  CG2 . VAL A 1 155 ? 9.347   10.481  -7.534  1.00 59.91 ? 201 VAL A CG2 1 
ATOM   1087 N  N   . ASP A 1 156 ? 8.727   9.177   -11.938 1.00 56.32 ? 202 ASP A N   1 
ATOM   1088 C  CA  . ASP A 1 156 ? 8.723   9.249   -13.408 1.00 59.62 ? 202 ASP A CA  1 
ATOM   1089 C  C   . ASP A 1 156 ? 7.297   9.220   -13.976 1.00 62.56 ? 202 ASP A C   1 
ATOM   1090 O  O   . ASP A 1 156 ? 6.890   10.109  -14.727 1.00 61.83 ? 202 ASP A O   1 
ATOM   1091 C  CB  . ASP A 1 156 ? 9.548   8.107   -14.003 1.00 61.40 ? 202 ASP A CB  1 
ATOM   1092 C  CG  . ASP A 1 156 ? 9.667   8.200   -15.529 1.00 68.39 ? 202 ASP A CG  1 
ATOM   1093 O  OD1 . ASP A 1 156 ? 9.892   9.319   -16.041 1.00 66.89 ? 202 ASP A OD1 1 
ATOM   1094 O  OD2 . ASP A 1 156 ? 9.528   7.153   -16.207 1.00 65.11 ? 202 ASP A OD2 1 
ATOM   1095 N  N   . ILE A 1 157 ? 6.537   8.200   -13.591 1.00 63.45 ? 203 ILE A N   1 
ATOM   1096 C  CA  . ILE A 1 157 ? 5.140   8.069   -13.998 1.00 59.48 ? 203 ILE A CA  1 
ATOM   1097 C  C   . ILE A 1 157 ? 4.328   9.324   -13.661 1.00 63.84 ? 203 ILE A C   1 
ATOM   1098 O  O   . ILE A 1 157 ? 3.663   9.881   -14.532 1.00 64.95 ? 203 ILE A O   1 
ATOM   1099 C  CB  . ILE A 1 157 ? 4.506   6.811   -13.357 1.00 60.53 ? 203 ILE A CB  1 
ATOM   1100 C  CG1 . ILE A 1 157 ? 5.112   5.549   -13.979 1.00 59.89 ? 203 ILE A CG1 1 
ATOM   1101 C  CG2 . ILE A 1 157 ? 2.986   6.825   -13.482 1.00 58.36 ? 203 ILE A CG2 1 
ATOM   1102 C  CD1 . ILE A 1 157 ? 4.828   4.283   -13.186 1.00 58.91 ? 203 ILE A CD1 1 
ATOM   1103 N  N   . ILE A 1 158 ? 4.380   9.783   -12.412 1.00 56.08 ? 204 ILE A N   1 
ATOM   1104 C  CA  . ILE A 1 158 ? 3.571   10.942  -12.026 1.00 60.85 ? 204 ILE A CA  1 
ATOM   1105 C  C   . ILE A 1 158 ? 4.011   12.210  -12.766 1.00 65.01 ? 204 ILE A C   1 
ATOM   1106 O  O   . ILE A 1 158 ? 3.180   13.069  -13.090 1.00 69.62 ? 204 ILE A O   1 
ATOM   1107 C  CB  . ILE A 1 158 ? 3.596   11.209  -10.488 1.00 58.10 ? 204 ILE A CB  1 
ATOM   1108 C  CG1 . ILE A 1 158 ? 3.164   9.965   -9.691  1.00 55.70 ? 204 ILE A CG1 1 
ATOM   1109 C  CG2 . ILE A 1 158 ? 2.760   12.443  -10.136 1.00 53.85 ? 204 ILE A CG2 1 
ATOM   1110 C  CD1 . ILE A 1 158 ? 1.761   9.450   -10.007 1.00 59.30 ? 204 ILE A CD1 1 
ATOM   1111 N  N   . ALA A 1 159 ? 5.314   12.327  -13.014 1.00 64.17 ? 205 ALA A N   1 
ATOM   1112 C  CA  . ALA A 1 159 ? 5.893   13.504  -13.663 1.00 67.38 ? 205 ALA A CA  1 
ATOM   1113 C  C   . ALA A 1 159 ? 5.509   13.576  -15.143 1.00 70.99 ? 205 ALA A C   1 
ATOM   1114 O  O   . ALA A 1 159 ? 5.186   14.649  -15.665 1.00 71.42 ? 205 ALA A O   1 
ATOM   1115 C  CB  . ALA A 1 159 ? 7.404   13.495  -13.504 1.00 63.46 ? 205 ALA A CB  1 
ATOM   1116 N  N   . THR A 1 160 ? 5.558   12.425  -15.813 1.00 69.86 ? 206 THR A N   1 
ATOM   1117 C  CA  . THR A 1 160 ? 5.136   12.313  -17.211 1.00 71.69 ? 206 THR A CA  1 
ATOM   1118 C  C   . THR A 1 160 ? 3.719   12.877  -17.400 1.00 75.06 ? 206 THR A C   1 
ATOM   1119 O  O   . THR A 1 160 ? 3.351   13.263  -18.507 1.00 78.02 ? 206 THR A O   1 
ATOM   1120 C  CB  . THR A 1 160 ? 5.275   10.861  -17.734 1.00 73.83 ? 206 THR A CB  1 
ATOM   1121 O  OG1 . THR A 1 160 ? 6.631   10.422  -17.536 1.00 71.92 ? 206 THR A OG1 1 
ATOM   1122 C  CG2 . THR A 1 160 ? 4.924   10.780  -19.211 1.00 74.59 ? 206 THR A CG2 1 
ATOM   1123 N  N   . ASP A 1 161 ? 2.937   12.916  -16.315 1.00 78.22 ? 207 ASP A N   1 
ATOM   1124 C  CA  . ASP A 1 161 ? 1.839   13.888  -16.160 1.00 77.87 ? 207 ASP A CA  1 
ATOM   1125 C  C   . ASP A 1 161 ? 0.474   13.374  -16.600 1.00 78.92 ? 207 ASP A C   1 
ATOM   1126 O  O   . ASP A 1 161 ? -0.015  12.359  -16.098 1.00 87.24 ? 207 ASP A O   1 
ATOM   1127 C  CB  . ASP A 1 161 ? 2.167   15.187  -16.915 1.00 81.13 ? 207 ASP A CB  1 
ATOM   1128 C  CG  . ASP A 1 161 ? 1.663   16.417  -16.200 1.00 82.84 ? 207 ASP A CG  1 
ATOM   1129 O  OD1 . ASP A 1 161 ? 1.903   16.538  -14.966 1.00 84.34 ? 207 ASP A OD1 1 
ATOM   1130 O  OD2 . ASP A 1 161 ? 1.013   17.254  -16.866 1.00 80.52 ? 207 ASP A OD2 1 
HETATM 1131 C  C01 . TQX B 2 .   ? 16.893  3.301   21.687  1.00 54.89 ? 301 TQX A C01 1 
HETATM 1132 C  C02 . TQX B 2 .   ? 15.980  2.917   20.691  1.00 58.74 ? 301 TQX A C02 1 
HETATM 1133 C  C03 . TQX B 2 .   ? 16.326  3.062   19.329  1.00 56.00 ? 301 TQX A C03 1 
HETATM 1134 C  C04 . TQX B 2 .   ? 17.599  3.609   19.015  1.00 53.34 ? 301 TQX A C04 1 
HETATM 1135 C  C05 . TQX B 2 .   ? 18.505  3.987   20.018  1.00 58.49 ? 301 TQX A C05 1 
HETATM 1136 C  C06 . TQX B 2 .   ? 18.146  3.829   21.360  1.00 55.97 ? 301 TQX A C06 1 
HETATM 1137 N  N07 . TQX B 2 .   ? 14.795  2.416   21.079  1.00 56.52 ? 301 TQX A N07 1 
HETATM 1138 C  C08 . TQX B 2 .   ? 13.877  2.026   20.158  1.00 59.40 ? 301 TQX A C08 1 
HETATM 1139 C  C09 . TQX B 2 .   ? 14.109  2.137   18.771  1.00 53.84 ? 301 TQX A C09 1 
HETATM 1140 C  C10 . TQX B 2 .   ? 15.360  2.655   18.357  1.00 55.55 ? 301 TQX A C10 1 
HETATM 1141 C  C11 . TQX B 2 .   ? 12.606  1.483   20.768  1.00 57.00 ? 301 TQX A C11 1 
HETATM 1142 C  C12 . TQX B 2 .   ? 15.629  2.777   16.897  1.00 54.97 ? 301 TQX A C12 1 
HETATM 1143 C  C13 . TQX B 2 .   ? 13.100  1.701   17.714  1.00 52.04 ? 301 TQX A C13 1 
HETATM 1144 O  O14 . TQX B 2 .   ? 11.783  2.196   17.949  1.00 48.99 ? 301 TQX A O14 1 
HETATM 1145 C  C15 . TQX B 2 .   ? 15.264  3.963   16.229  1.00 52.48 ? 301 TQX A C15 1 
HETATM 1146 C  C16 . TQX B 2 .   ? 15.492  4.098   14.869  1.00 50.51 ? 301 TQX A C16 1 
HETATM 1147 C  C17 . TQX B 2 .   ? 16.068  3.071   14.129  1.00 48.53 ? 301 TQX A C17 1 
HETATM 1148 C  C18 . TQX B 2 .   ? 16.440  1.877   14.754  1.00 50.17 ? 301 TQX A C18 1 
HETATM 1149 C  C19 . TQX B 2 .   ? 16.219  1.719   16.152  1.00 53.96 ? 301 TQX A C19 1 
HETATM 1150 O  O20 . TQX B 2 .   ? 16.234  3.337   12.792  1.00 47.95 ? 301 TQX A O20 1 
HETATM 1151 C  C21 . TQX B 2 .   ? 16.807  2.340   11.927  1.00 49.11 ? 301 TQX A C21 1 
HETATM 1152 C  C22 . TQX B 2 .   ? 16.838  0.912   12.432  1.00 54.41 ? 301 TQX A C22 1 
HETATM 1153 C  C23 . TQX B 2 .   ? 17.076  0.780   13.935  1.00 51.79 ? 301 TQX A C23 1 
HETATM 1154 C  C24 . TQX B 2 .   ? 16.615  0.431   16.843  1.00 52.62 ? 301 TQX A C24 1 
HETATM 1155 C  C25 . TQX B 2 .   ? 11.377  3.500   17.510  1.00 55.56 ? 301 TQX A C25 1 
HETATM 1156 C  C26 . TQX B 2 .   ? 9.845   3.509   17.708  1.00 55.38 ? 301 TQX A C26 1 
HETATM 1157 C  C27 . TQX B 2 .   ? 11.999  4.599   18.367  1.00 52.09 ? 301 TQX A C27 1 
HETATM 1158 C  C28 . TQX B 2 .   ? 11.665  3.739   16.015  1.00 49.24 ? 301 TQX A C28 1 
HETATM 1159 F  F29 . TQX B 2 .   ? 15.136  5.246   14.266  1.00 49.60 ? 301 TQX A F29 1 
HETATM 1160 C  C30 . TQX B 2 .   ? 13.015  0.177   17.774  1.00 56.06 ? 301 TQX A C30 1 
HETATM 1161 O  O31 . TQX B 2 .   ? 13.899  -0.578  18.171  1.00 58.66 ? 301 TQX A O31 1 
HETATM 1162 O  O32 . TQX B 2 .   ? 11.815  -0.286  17.347  1.00 50.14 ? 301 TQX A O32 1 
HETATM 1163 O  O   . HOH C 3 .   ? -3.314  14.224  3.523   1.00 45.70 ? 401 HOH A O   1 
HETATM 1164 O  O   . HOH C 3 .   ? -5.117  12.309  -4.282  1.00 47.53 ? 402 HOH A O   1 
HETATM 1165 O  O   . HOH C 3 .   ? -7.398  11.447  -4.141  1.00 48.17 ? 403 HOH A O   1 
HETATM 1166 O  O   . HOH C 3 .   ? -1.250  -4.769  -1.027  1.00 56.65 ? 404 HOH A O   1 
HETATM 1167 O  O   . HOH C 3 .   ? -11.157 -1.315  7.111   1.00 57.46 ? 405 HOH A O   1 
HETATM 1168 O  O   . HOH C 3 .   ? -6.821  -7.242  2.641   1.00 59.00 ? 406 HOH A O   1 
HETATM 1169 O  O   . HOH C 3 .   ? -8.725  -5.129  2.766   1.00 53.56 ? 407 HOH A O   1 
HETATM 1170 O  O   . HOH C 3 .   ? 17.596  -1.089  -1.095  1.00 56.09 ? 408 HOH A O   1 
HETATM 1171 O  O   . HOH C 3 .   ? -14.247 -0.229  6.503   1.00 58.59 ? 409 HOH A O   1 
HETATM 1172 O  O   . HOH C 3 .   ? 12.426  -0.789  -5.851  1.00 56.49 ? 410 HOH A O   1 
HETATM 1173 O  O   . HOH C 3 .   ? -4.413  4.638   10.382  1.00 55.48 ? 411 HOH A O   1 
HETATM 1174 O  O   . HOH C 3 .   ? -11.807 -3.256  8.741   1.00 62.63 ? 412 HOH A O   1 
HETATM 1175 O  O   . HOH C 3 .   ? -10.737 -3.889  -5.536  1.00 56.93 ? 413 HOH A O   1 
HETATM 1176 O  O   . HOH C 3 .   ? -8.152  -8.555  4.991   1.00 61.27 ? 414 HOH A O   1 
HETATM 1177 O  O   . HOH C 3 .   ? -0.804  -6.826  2.997   1.00 57.49 ? 415 HOH A O   1 
HETATM 1178 O  O   . HOH C 3 .   ? 6.286   -4.515  18.120  1.00 59.19 ? 416 HOH A O   1 
HETATM 1179 O  O   . HOH C 3 .   ? 18.893  0.311   0.869   1.00 59.00 ? 417 HOH A O   1 
HETATM 1180 O  O   . HOH C 3 .   ? 12.185  6.055   -2.166  1.00 59.93 ? 418 HOH A O   1 
HETATM 1181 O  O   . HOH C 3 .   ? -9.868  -12.231 -1.898  1.00 64.20 ? 419 HOH A O   1 
HETATM 1182 O  O   . HOH C 3 .   ? 8.564   -4.642  23.316  1.00 76.71 ? 420 HOH A O   1 
HETATM 1183 O  O   . HOH C 3 .   ? 4.981   -2.737  16.536  1.00 53.28 ? 421 HOH A O   1 
HETATM 1184 O  O   . HOH C 3 .   ? 15.746  -0.829  20.309  1.00 60.34 ? 422 HOH A O   1 
HETATM 1185 O  O   . HOH C 3 .   ? -9.258  -0.057  -12.060 1.00 71.91 ? 423 HOH A O   1 
HETATM 1186 O  O   . HOH C 3 .   ? 2.803   11.705  7.103   1.00 62.89 ? 424 HOH A O   1 
HETATM 1187 O  O   . HOH C 3 .   ? 12.598  -10.685 16.591  1.00 71.32 ? 425 HOH A O   1 
HETATM 1188 O  O   . HOH C 3 .   ? 12.950  -12.216 14.528  1.00 73.62 ? 426 HOH A O   1 
HETATM 1189 O  O   . HOH C 3 .   ? -11.266 8.993   -8.681  1.00 59.80 ? 427 HOH A O   1 
HETATM 1190 O  O   . HOH C 3 .   ? 14.616  -1.078  22.836  1.00 65.08 ? 428 HOH A O   1 
HETATM 1191 O  O   . HOH C 3 .   ? 18.931  -0.438  20.161  1.00 67.37 ? 429 HOH A O   1 
HETATM 1192 O  O   . HOH C 3 .   ? -3.990  -10.014 2.105   1.00 67.41 ? 430 HOH A O   1 
HETATM 1193 O  O   . HOH C 3 .   ? -2.150  -5.891  18.317  1.00 73.62 ? 431 HOH A O   1 
HETATM 1194 O  O   . HOH C 3 .   ? -4.212  -4.513  -8.784  1.00 64.66 ? 432 HOH A O   1 
HETATM 1195 O  O   . HOH C 3 .   ? -17.269 6.876   -0.897  1.00 58.43 ? 433 HOH A O   1 
HETATM 1196 O  O   . HOH C 3 .   ? -16.283 3.586   -7.225  1.00 77.05 ? 434 HOH A O   1 
HETATM 1197 O  O   . HOH C 3 .   ? 5.137   5.897   16.898  1.00 70.16 ? 435 HOH A O   1 
HETATM 1198 O  O   . HOH C 3 .   ? 6.509   5.116   19.061  1.00 68.02 ? 436 HOH A O   1 
HETATM 1199 O  O   . HOH C 3 .   ? 13.743  8.409   -4.754  1.00 63.84 ? 437 HOH A O   1 
HETATM 1200 O  O   . HOH C 3 .   ? 10.258  9.125   -4.549  1.00 67.62 ? 438 HOH A O   1 
HETATM 1201 O  O   . HOH C 3 .   ? 10.886  -3.064  -6.782  1.00 71.29 ? 439 HOH A O   1 
HETATM 1202 O  O   . HOH C 3 .   ? -7.769  -10.869 3.819   1.00 68.62 ? 440 HOH A O   1 
# 
